data_3QBJ
#
_entry.id   3QBJ
#
_cell.length_a   65.751
_cell.length_b   69.082
_cell.length_c   424.160
_cell.angle_alpha   90.00
_cell.angle_beta   90.00
_cell.angle_gamma   90.00
#
_symmetry.space_group_name_H-M   'P 21 21 21'
#
loop_
_entity.id
_entity.type
_entity.pdbx_description
1 polymer 'Dipeptidyl peptidase 4'
2 branched 2-acetamido-2-deoxy-beta-D-glucopyranose-(1-4)-2-acetamido-2-deoxy-beta-D-glucopyranose
3 branched alpha-D-mannopyranose-(1-3)-beta-D-mannopyranose-(1-4)-2-acetamido-2-deoxy-beta-D-glucopyranose-(1-4)-2-acetamido-2-deoxy-beta-D-glucopyranose
4 non-polymer 2-acetamido-2-deoxy-beta-D-glucopyranose
5 non-polymer 1-[(3S,4S)-4-amino-1-(6-phenylpyrimidin-4-yl)pyrrolidin-3-yl]piperidin-2-one
6 water water
#
_entity_poly.entity_id   1
_entity_poly.type   'polypeptide(L)'
_entity_poly.pdbx_seq_one_letter_code
;GTDDATADSRKTYTLTDYLKNTYRLKLYSLRWISDHEYLYKQENNILVFNAEYGNSSVFLENSTFDEFGHSINDYSISPD
GQFILLEYNYVKQWRHSYTASYDIYDLNKRQLITEERIPANTQWVTWSPVGHKLAYVWNNDIYVKIEPNLPSYRITWTGK
EDIIYNGITDWVYEEEVFSAYSALWWSPNGTFLAYAQFNDTEVPLIEYSFYSDESLQYPKTVRVPYPKAGAVNPTVKFFV
VNTDSLSSVTNATSIQITAPASMLIGDHYLCDVTWATQERISLQWLRRIQNYSVMDICDYDESSGRWNCLVARQHIEMST
TGWVGRFRPSEPHFTLDGNSFYKIISNEEGYRHICYFQIDKKDCTFITKGTWEVIGIEALTSDYLYYISNEYKGMPGGRN
LYKIQLSDYTKVTCLSCELNPERCQYYSVSFSKEAKYYQLRCSGPGLPLYTLHSSVNDKGLRVLEDNSALDKMLQNVQMP
SKKLDFIILAETKFWYQMILPPHFDKSKKYPLLLDVYAGPCSQKADTVFRLNWATYLASTENIIVASFDGRGSGYQGDKI
MHAINRRLGTFEVEDQIEAARQFSKMGFVDNKRIAIWGWSYGGYVTSMVLGSGSGVFKCGIAVAPVSRWEYYDSVYTERY
MGLPTPEDNLDHYRNSTVMSRAENFKQVEYLLIHGTADDNVHFQQSAQISKALVDVGVDFQAMWYTDEDHGIASSTAHQH
IYTHMSHFIKQCFSLPLVPRGSHHHHHH
;
_entity_poly.pdbx_strand_id   A,B
#
# COMPACT_ATOMS: atom_id res chain seq x y z
N SER A 9 16.47 -14.56 42.64
CA SER A 9 15.54 -15.43 41.90
C SER A 9 16.08 -15.88 40.51
N ARG A 10 15.26 -16.65 39.72
CA ARG A 10 15.72 -17.14 38.41
C ARG A 10 14.97 -16.61 37.16
N LYS A 11 14.79 -17.43 36.08
CA LYS A 11 14.23 -16.94 34.79
C LYS A 11 12.91 -16.15 34.80
N THR A 12 12.81 -15.18 33.90
CA THR A 12 11.63 -14.33 33.70
C THR A 12 10.86 -14.82 32.46
N TYR A 13 9.61 -14.33 32.25
CA TYR A 13 8.80 -14.65 31.08
C TYR A 13 9.29 -13.73 29.93
N THR A 14 10.11 -14.29 29.02
CA THR A 14 10.74 -13.54 27.92
C THR A 14 9.81 -13.33 26.71
N LEU A 15 10.23 -12.46 25.76
CA LEU A 15 9.50 -12.19 24.52
C LEU A 15 9.44 -13.48 23.68
N THR A 16 10.55 -14.22 23.65
CA THR A 16 10.73 -15.51 22.97
C THR A 16 9.72 -16.54 23.54
N ASP A 17 9.50 -16.56 24.88
CA ASP A 17 8.54 -17.47 25.53
C ASP A 17 7.15 -17.22 24.99
N TYR A 18 6.76 -15.93 24.87
CA TYR A 18 5.48 -15.50 24.31
C TYR A 18 5.39 -15.89 22.82
N LEU A 19 6.37 -15.49 22.02
CA LEU A 19 6.37 -15.74 20.57
C LEU A 19 6.46 -17.22 20.20
N LYS A 20 7.17 -18.03 21.01
CA LYS A 20 7.38 -19.45 20.73
C LYS A 20 6.47 -20.39 21.51
N ASN A 21 5.51 -19.86 22.28
CA ASN A 21 4.54 -20.63 23.03
C ASN A 21 5.19 -21.70 23.92
N THR A 22 6.22 -21.26 24.64
CA THR A 22 7.00 -22.09 25.55
C THR A 22 6.12 -22.69 26.68
N TYR A 23 5.22 -21.86 27.25
CA TYR A 23 4.32 -22.22 28.35
C TYR A 23 2.88 -22.33 27.82
N ARG A 24 2.53 -23.55 27.37
CA ARG A 24 1.24 -23.92 26.77
C ARG A 24 0.10 -24.10 27.79
N LEU A 25 -1.02 -23.35 27.61
CA LEU A 25 -2.21 -23.55 28.43
C LEU A 25 -2.89 -24.78 27.85
N LYS A 26 -3.19 -25.77 28.70
CA LYS A 26 -3.88 -26.96 28.22
C LYS A 26 -5.39 -26.73 28.25
N LEU A 27 -6.08 -27.24 27.24
CA LEU A 27 -7.53 -27.10 27.10
C LEU A 27 -8.15 -28.49 27.22
N TYR A 28 -9.47 -28.52 27.30
CA TYR A 28 -10.25 -29.74 27.28
C TYR A 28 -11.43 -29.44 26.38
N SER A 29 -11.20 -29.57 25.07
CA SER A 29 -12.21 -29.32 24.07
C SER A 29 -12.94 -30.61 23.79
N LEU A 30 -14.21 -30.63 24.22
CA LEU A 30 -15.09 -31.78 24.11
C LEU A 30 -16.27 -31.46 23.17
N ARG A 31 -16.85 -32.50 22.55
CA ARG A 31 -18.01 -32.37 21.66
C ARG A 31 -19.08 -33.32 22.13
N TRP A 32 -20.18 -32.79 22.69
CA TRP A 32 -21.35 -33.55 23.13
C TRP A 32 -22.01 -34.19 21.90
N ILE A 33 -22.35 -35.48 21.97
CA ILE A 33 -22.97 -36.26 20.87
C ILE A 33 -24.33 -36.81 21.26
N SER A 34 -24.70 -36.62 22.53
CA SER A 34 -25.95 -37.01 23.16
C SER A 34 -26.06 -36.27 24.51
N ASP A 35 -27.02 -36.67 25.36
CA ASP A 35 -27.24 -36.08 26.69
C ASP A 35 -26.30 -36.69 27.76
N HIS A 36 -25.47 -37.67 27.37
CA HIS A 36 -24.60 -38.38 28.30
C HIS A 36 -23.23 -38.81 27.72
N GLU A 37 -22.98 -38.56 26.42
CA GLU A 37 -21.69 -38.91 25.79
C GLU A 37 -21.07 -37.73 25.06
N TYR A 38 -19.74 -37.65 25.12
CA TYR A 38 -18.98 -36.63 24.40
C TYR A 38 -17.75 -37.22 23.73
N LEU A 39 -17.29 -36.61 22.64
CA LEU A 39 -16.07 -37.04 21.95
C LEU A 39 -14.90 -36.14 22.36
N TYR A 40 -13.70 -36.72 22.39
CA TYR A 40 -12.49 -36.04 22.80
C TYR A 40 -11.27 -36.55 22.02
N LYS A 41 -10.44 -35.62 21.47
CA LYS A 41 -9.23 -35.96 20.70
C LYS A 41 -7.98 -36.03 21.58
N GLN A 42 -7.70 -37.23 22.12
CA GLN A 42 -6.56 -37.49 23.00
C GLN A 42 -5.37 -38.17 22.27
N GLU A 43 -4.73 -37.40 21.34
CA GLU A 43 -3.52 -37.72 20.54
C GLU A 43 -3.50 -39.09 19.81
N ASN A 44 -3.64 -39.05 18.45
CA ASN A 44 -3.67 -40.22 17.53
C ASN A 44 -4.94 -41.10 17.59
N ASN A 45 -5.98 -40.65 18.35
CA ASN A 45 -7.27 -41.34 18.54
C ASN A 45 -8.40 -40.35 18.88
N ILE A 46 -9.63 -40.73 18.50
CA ILE A 46 -10.84 -40.01 18.90
C ILE A 46 -11.50 -40.97 19.91
N LEU A 47 -11.75 -40.47 21.14
CA LEU A 47 -12.37 -41.24 22.21
C LEU A 47 -13.78 -40.73 22.53
N VAL A 48 -14.69 -41.67 22.84
CA VAL A 48 -16.07 -41.39 23.28
C VAL A 48 -16.09 -41.56 24.82
N PHE A 49 -16.56 -40.54 25.53
CA PHE A 49 -16.60 -40.57 26.99
C PHE A 49 -18.00 -40.64 27.49
N ASN A 50 -18.22 -41.46 28.52
CA ASN A 50 -19.50 -41.56 29.17
C ASN A 50 -19.48 -40.56 30.33
N ALA A 51 -20.37 -39.55 30.28
CA ALA A 51 -20.43 -38.46 31.28
C ALA A 51 -20.76 -38.91 32.70
N GLU A 52 -21.70 -39.86 32.87
CA GLU A 52 -22.11 -40.33 34.19
C GLU A 52 -21.00 -41.10 34.93
N TYR A 53 -20.29 -41.97 34.21
CA TYR A 53 -19.29 -42.88 34.75
C TYR A 53 -17.83 -42.51 34.48
N GLY A 54 -17.57 -41.87 33.35
CA GLY A 54 -16.23 -41.43 32.98
C GLY A 54 -15.42 -42.45 32.22
N ASN A 55 -16.00 -43.66 31.98
CA ASN A 55 -15.28 -44.64 31.17
C ASN A 55 -15.24 -44.20 29.69
N SER A 56 -14.19 -44.59 28.98
CA SER A 56 -14.02 -44.24 27.57
C SER A 56 -13.58 -45.42 26.72
N SER A 57 -13.56 -45.21 25.39
CA SER A 57 -13.16 -46.21 24.39
C SER A 57 -12.81 -45.50 23.11
N VAL A 58 -12.05 -46.16 22.21
CA VAL A 58 -11.68 -45.53 20.93
C VAL A 58 -12.86 -45.51 19.95
N PHE A 59 -13.29 -44.30 19.60
CA PHE A 59 -14.40 -44.09 18.66
C PHE A 59 -13.82 -44.32 17.28
N LEU A 60 -12.69 -43.66 17.01
CA LEU A 60 -11.95 -43.70 15.75
C LEU A 60 -10.47 -43.51 16.00
N GLU A 61 -9.66 -44.40 15.43
CA GLU A 61 -8.19 -44.31 15.48
C GLU A 61 -7.76 -43.43 14.31
N ASN A 62 -6.80 -42.51 14.51
CA ASN A 62 -6.32 -41.63 13.45
C ASN A 62 -5.52 -42.36 12.34
N SER A 63 -5.12 -43.62 12.63
CA SER A 63 -4.44 -44.54 11.72
C SER A 63 -5.32 -44.93 10.51
N THR A 64 -6.67 -44.77 10.64
CA THR A 64 -7.69 -45.03 9.61
C THR A 64 -7.40 -44.22 8.32
N PHE A 65 -6.89 -42.97 8.48
CA PHE A 65 -6.63 -42.05 7.37
C PHE A 65 -5.15 -41.83 7.02
N ASP A 66 -4.27 -42.80 7.34
CA ASP A 66 -2.83 -42.75 7.03
C ASP A 66 -2.59 -42.74 5.51
N GLU A 67 -3.46 -43.45 4.77
CA GLU A 67 -3.42 -43.57 3.31
C GLU A 67 -4.43 -42.63 2.59
N PHE A 68 -4.90 -41.57 3.30
CA PHE A 68 -5.85 -40.59 2.77
C PHE A 68 -5.24 -39.68 1.67
N GLY A 69 -3.96 -39.35 1.82
CA GLY A 69 -3.23 -38.57 0.84
C GLY A 69 -3.33 -37.06 0.92
N HIS A 70 -3.96 -36.55 2.00
CA HIS A 70 -4.13 -35.13 2.29
C HIS A 70 -4.14 -34.95 3.80
N SER A 71 -3.73 -33.75 4.26
CA SER A 71 -3.72 -33.38 5.67
C SER A 71 -5.15 -32.95 6.09
N ILE A 72 -5.81 -33.73 6.96
CA ILE A 72 -7.15 -33.42 7.44
C ILE A 72 -7.09 -32.28 8.45
N ASN A 73 -7.72 -31.15 8.10
CA ASN A 73 -7.79 -29.93 8.92
C ASN A 73 -8.82 -30.09 10.06
N ASP A 74 -9.99 -30.69 9.78
CA ASP A 74 -11.06 -30.86 10.76
C ASP A 74 -12.00 -31.98 10.29
N TYR A 75 -12.94 -32.37 11.17
CA TYR A 75 -13.92 -33.42 10.91
C TYR A 75 -15.25 -33.04 11.53
N SER A 76 -16.32 -33.74 11.12
CA SER A 76 -17.64 -33.58 11.68
C SER A 76 -18.38 -34.91 11.62
N ILE A 77 -18.72 -35.49 12.77
CA ILE A 77 -19.49 -36.74 12.78
C ILE A 77 -20.95 -36.38 12.63
N SER A 78 -21.68 -37.16 11.79
CA SER A 78 -23.10 -36.95 11.57
C SER A 78 -23.87 -37.23 12.88
N PRO A 79 -25.03 -36.59 13.13
CA PRO A 79 -25.75 -36.83 14.41
C PRO A 79 -26.02 -38.28 14.76
N ASP A 80 -26.30 -39.12 13.74
CA ASP A 80 -26.58 -40.54 13.95
C ASP A 80 -25.32 -41.42 14.17
N GLY A 81 -24.14 -40.82 14.04
CA GLY A 81 -22.85 -41.47 14.21
C GLY A 81 -22.41 -42.36 13.06
N GLN A 82 -23.24 -42.48 12.00
CA GLN A 82 -23.00 -43.32 10.82
C GLN A 82 -21.87 -42.85 9.90
N PHE A 83 -21.64 -41.51 9.80
CA PHE A 83 -20.64 -40.92 8.91
C PHE A 83 -19.79 -39.84 9.58
N ILE A 84 -18.60 -39.64 9.01
CA ILE A 84 -17.67 -38.59 9.36
C ILE A 84 -17.37 -37.77 8.09
N LEU A 85 -17.48 -36.44 8.21
CA LEU A 85 -17.18 -35.51 7.14
C LEU A 85 -15.75 -35.05 7.39
N LEU A 86 -14.85 -35.22 6.42
CA LEU A 86 -13.44 -34.86 6.51
C LEU A 86 -13.12 -33.58 5.75
N GLU A 87 -12.52 -32.62 6.44
CA GLU A 87 -12.19 -31.34 5.84
C GLU A 87 -10.71 -31.24 5.61
N TYR A 88 -10.32 -30.96 4.37
CA TYR A 88 -8.93 -30.81 3.93
C TYR A 88 -8.86 -29.67 2.91
N ASN A 89 -7.63 -29.31 2.46
CA ASN A 89 -7.39 -28.21 1.51
C ASN A 89 -8.02 -26.88 1.97
N TYR A 90 -8.03 -26.64 3.29
CA TYR A 90 -8.57 -25.44 3.95
C TYR A 90 -7.87 -24.18 3.41
N VAL A 91 -8.66 -23.19 2.95
CA VAL A 91 -8.18 -21.89 2.42
C VAL A 91 -8.98 -20.81 3.17
N LYS A 92 -8.32 -20.08 4.08
CA LYS A 92 -8.97 -19.01 4.86
C LYS A 92 -9.40 -17.81 3.98
N GLN A 93 -10.61 -17.27 4.29
CA GLN A 93 -11.14 -16.09 3.62
C GLN A 93 -11.20 -14.95 4.67
N TRP A 94 -12.37 -14.66 5.26
CA TRP A 94 -12.43 -13.56 6.21
C TRP A 94 -12.28 -14.07 7.64
N ARG A 95 -12.85 -13.40 8.65
CA ARG A 95 -12.74 -13.80 10.03
C ARG A 95 -13.32 -15.22 10.25
N HIS A 96 -14.50 -15.52 9.63
CA HIS A 96 -15.13 -16.85 9.85
C HIS A 96 -15.16 -17.73 8.60
N SER A 97 -15.26 -17.13 7.42
CA SER A 97 -15.33 -17.84 6.16
C SER A 97 -14.01 -18.47 5.71
N TYR A 98 -14.13 -19.54 4.92
CA TYR A 98 -13.04 -20.30 4.31
C TYR A 98 -13.62 -21.22 3.23
N THR A 99 -12.75 -21.85 2.44
CA THR A 99 -13.14 -22.84 1.44
C THR A 99 -12.37 -24.11 1.74
N ALA A 100 -12.92 -25.27 1.40
CA ALA A 100 -12.23 -26.54 1.61
C ALA A 100 -12.73 -27.63 0.70
N SER A 101 -12.00 -28.75 0.69
CA SER A 101 -12.38 -29.98 -0.01
C SER A 101 -12.94 -30.88 1.07
N TYR A 102 -13.97 -31.65 0.75
CA TYR A 102 -14.64 -32.53 1.70
C TYR A 102 -14.85 -33.92 1.19
N ASP A 103 -14.61 -34.90 2.05
CA ASP A 103 -14.83 -36.33 1.79
C ASP A 103 -15.63 -36.92 2.92
N ILE A 104 -16.46 -37.93 2.62
CA ILE A 104 -17.30 -38.61 3.61
C ILE A 104 -16.85 -40.08 3.72
N TYR A 105 -16.66 -40.53 4.97
CA TYR A 105 -16.24 -41.90 5.29
C TYR A 105 -17.39 -42.61 6.01
N ASP A 106 -17.80 -43.80 5.50
CA ASP A 106 -18.85 -44.60 6.13
C ASP A 106 -18.23 -45.35 7.32
N LEU A 107 -18.68 -45.04 8.55
CA LEU A 107 -18.11 -45.65 9.76
C LEU A 107 -18.51 -47.10 9.99
N ASN A 108 -19.67 -47.52 9.44
CA ASN A 108 -20.18 -48.89 9.55
C ASN A 108 -19.63 -49.78 8.43
N LYS A 109 -19.56 -49.25 7.19
CA LYS A 109 -18.98 -49.97 6.04
C LYS A 109 -17.45 -49.90 6.05
N ARG A 110 -16.88 -48.96 6.84
CA ARG A 110 -15.44 -48.71 7.00
C ARG A 110 -14.72 -48.42 5.67
N GLN A 111 -15.28 -47.47 4.88
CA GLN A 111 -14.74 -47.06 3.58
C GLN A 111 -15.17 -45.65 3.15
N LEU A 112 -14.35 -45.02 2.30
CA LEU A 112 -14.62 -43.69 1.74
C LEU A 112 -15.70 -43.77 0.66
N ILE A 113 -16.45 -42.68 0.47
CA ILE A 113 -17.47 -42.60 -0.57
C ILE A 113 -16.79 -42.06 -1.85
N THR A 114 -16.86 -42.84 -2.96
CA THR A 114 -16.24 -42.51 -4.25
C THR A 114 -17.19 -41.81 -5.23
N GLU A 115 -18.48 -42.25 -5.26
CA GLU A 115 -19.52 -41.69 -6.14
C GLU A 115 -20.28 -40.52 -5.48
N GLU A 116 -20.63 -39.48 -6.28
CA GLU A 116 -21.37 -38.26 -5.89
C GLU A 116 -20.72 -37.45 -4.73
N ARG A 117 -19.40 -37.29 -4.78
CA ARG A 117 -18.64 -36.57 -3.75
C ARG A 117 -19.00 -35.06 -3.69
N ILE A 118 -18.74 -34.43 -2.53
CA ILE A 118 -18.92 -32.99 -2.34
C ILE A 118 -17.89 -32.33 -3.26
N PRO A 119 -18.27 -31.37 -4.15
CA PRO A 119 -17.27 -30.82 -5.08
C PRO A 119 -16.17 -30.02 -4.39
N ALA A 120 -15.04 -29.88 -5.09
CA ALA A 120 -13.91 -29.07 -4.64
C ALA A 120 -14.38 -27.61 -4.63
N ASN A 121 -13.78 -26.79 -3.75
CA ASN A 121 -14.11 -25.36 -3.60
C ASN A 121 -15.51 -25.16 -2.96
N THR A 122 -15.87 -26.03 -2.01
CA THR A 122 -17.15 -25.93 -1.29
C THR A 122 -17.03 -24.84 -0.22
N GLN A 123 -18.01 -23.94 -0.19
CA GLN A 123 -18.01 -22.78 0.71
C GLN A 123 -18.44 -23.09 2.14
N TRP A 124 -19.39 -24.01 2.31
CA TRP A 124 -19.90 -24.40 3.63
C TRP A 124 -20.65 -25.73 3.53
N VAL A 125 -20.42 -26.65 4.50
CA VAL A 125 -21.11 -27.94 4.60
C VAL A 125 -21.76 -28.03 5.99
N THR A 126 -22.98 -28.58 6.07
CA THR A 126 -23.69 -28.76 7.34
C THR A 126 -24.50 -30.07 7.37
N TRP A 127 -24.33 -30.89 8.45
CA TRP A 127 -25.18 -32.06 8.67
C TRP A 127 -26.52 -31.50 9.18
N SER A 128 -27.61 -32.23 8.93
CA SER A 128 -28.93 -31.89 9.48
C SER A 128 -28.82 -32.11 11.02
N PRO A 129 -29.70 -31.59 11.92
CA PRO A 129 -29.49 -31.77 13.37
C PRO A 129 -29.66 -33.20 13.86
N VAL A 130 -30.40 -34.03 13.09
CA VAL A 130 -30.65 -35.45 13.33
C VAL A 130 -30.48 -36.21 12.01
N GLY A 131 -30.01 -37.45 12.09
CA GLY A 131 -29.81 -38.31 10.94
C GLY A 131 -28.53 -38.05 10.17
N HIS A 132 -28.62 -38.05 8.83
CA HIS A 132 -27.43 -37.87 7.98
C HIS A 132 -27.63 -37.06 6.69
N LYS A 133 -28.58 -36.09 6.68
CA LYS A 133 -28.76 -35.22 5.49
C LYS A 133 -27.65 -34.16 5.49
N LEU A 134 -27.27 -33.68 4.29
CA LEU A 134 -26.24 -32.66 4.11
C LEU A 134 -26.74 -31.48 3.33
N ALA A 135 -26.32 -30.29 3.73
CA ALA A 135 -26.62 -29.09 3.01
C ALA A 135 -25.27 -28.44 2.77
N TYR A 136 -24.95 -28.19 1.50
CA TYR A 136 -23.70 -27.52 1.19
C TYR A 136 -23.89 -26.41 0.20
N VAL A 137 -22.98 -25.43 0.22
CA VAL A 137 -22.97 -24.27 -0.66
C VAL A 137 -21.75 -24.40 -1.58
N TRP A 138 -21.98 -24.35 -2.90
CA TRP A 138 -20.94 -24.42 -3.94
C TRP A 138 -21.32 -23.41 -5.04
N ASN A 139 -20.42 -22.45 -5.31
CA ASN A 139 -20.61 -21.36 -6.28
C ASN A 139 -21.81 -20.47 -5.95
N ASN A 140 -21.99 -20.17 -4.64
CA ASN A 140 -23.06 -19.33 -4.07
C ASN A 140 -24.49 -19.93 -4.14
N ASP A 141 -24.60 -21.24 -4.47
CA ASP A 141 -25.85 -21.99 -4.58
C ASP A 141 -25.94 -23.10 -3.54
N ILE A 142 -27.18 -23.41 -3.09
CA ILE A 142 -27.45 -24.45 -2.11
C ILE A 142 -27.74 -25.79 -2.76
N TYR A 143 -27.18 -26.86 -2.18
CA TYR A 143 -27.35 -28.24 -2.61
C TYR A 143 -27.68 -29.10 -1.40
N VAL A 144 -28.58 -30.08 -1.58
CA VAL A 144 -29.01 -30.99 -0.51
C VAL A 144 -28.77 -32.45 -0.89
N LYS A 145 -28.12 -33.23 0.00
CA LYS A 145 -27.92 -34.68 -0.14
C LYS A 145 -28.74 -35.36 0.94
N ILE A 146 -29.67 -36.22 0.54
CA ILE A 146 -30.50 -36.95 1.49
C ILE A 146 -29.65 -38.06 2.11
N GLU A 147 -28.77 -38.68 1.29
CA GLU A 147 -27.83 -39.70 1.71
C GLU A 147 -26.43 -39.41 1.12
N PRO A 148 -25.33 -39.67 1.88
CA PRO A 148 -23.98 -39.31 1.37
C PRO A 148 -23.53 -39.89 0.02
N ASN A 149 -24.06 -41.06 -0.39
CA ASN A 149 -23.70 -41.71 -1.67
C ASN A 149 -24.65 -41.34 -2.83
N LEU A 150 -25.72 -40.59 -2.52
CA LEU A 150 -26.75 -40.21 -3.51
C LEU A 150 -26.48 -38.84 -4.14
N PRO A 151 -27.01 -38.55 -5.37
CA PRO A 151 -26.75 -37.22 -5.97
C PRO A 151 -27.41 -36.08 -5.21
N SER A 152 -26.86 -34.89 -5.34
CA SER A 152 -27.38 -33.70 -4.69
C SER A 152 -28.59 -33.18 -5.44
N TYR A 153 -29.45 -32.46 -4.72
CA TYR A 153 -30.59 -31.75 -5.28
C TYR A 153 -30.17 -30.28 -5.27
N ARG A 154 -30.36 -29.56 -6.36
CA ARG A 154 -30.02 -28.16 -6.40
C ARG A 154 -31.22 -27.37 -5.86
N ILE A 155 -30.97 -26.48 -4.90
CA ILE A 155 -32.01 -25.67 -4.27
C ILE A 155 -32.16 -24.29 -4.93
N THR A 156 -31.03 -23.63 -5.21
CA THR A 156 -30.98 -22.28 -5.79
C THR A 156 -30.22 -22.27 -7.12
N TRP A 157 -30.62 -21.36 -8.03
CA TRP A 157 -30.04 -21.22 -9.37
C TRP A 157 -29.53 -19.80 -9.61
N THR A 158 -29.72 -18.91 -8.62
CA THR A 158 -29.40 -17.47 -8.66
C THR A 158 -27.96 -17.06 -8.24
N GLY A 159 -27.20 -17.99 -7.68
CA GLY A 159 -25.84 -17.77 -7.19
C GLY A 159 -24.96 -17.08 -8.19
N LYS A 160 -24.30 -15.99 -7.76
CA LYS A 160 -23.42 -15.17 -8.61
C LYS A 160 -22.30 -14.53 -7.78
N GLU A 161 -21.03 -14.86 -8.13
CA GLU A 161 -19.82 -14.37 -7.44
C GLU A 161 -19.87 -12.87 -7.17
N ASP A 162 -19.78 -12.49 -5.87
CA ASP A 162 -19.81 -11.10 -5.34
C ASP A 162 -21.13 -10.36 -5.51
N ILE A 163 -22.19 -11.06 -6.00
CA ILE A 163 -23.49 -10.43 -6.27
C ILE A 163 -24.64 -11.06 -5.50
N ILE A 164 -24.93 -12.35 -5.74
CA ILE A 164 -25.98 -13.09 -5.07
C ILE A 164 -25.34 -14.18 -4.22
N TYR A 165 -25.70 -14.22 -2.93
CA TYR A 165 -25.21 -15.23 -2.00
C TYR A 165 -26.40 -16.04 -1.47
N ASN A 166 -26.43 -17.36 -1.69
CA ASN A 166 -27.51 -18.20 -1.14
C ASN A 166 -26.92 -19.14 -0.11
N GLY A 167 -27.39 -19.05 1.13
CA GLY A 167 -26.95 -19.94 2.22
C GLY A 167 -25.65 -19.59 2.89
N ILE A 168 -24.97 -18.53 2.39
CA ILE A 168 -23.73 -17.98 2.92
C ILE A 168 -23.89 -16.47 2.96
N THR A 169 -23.14 -15.81 3.82
CA THR A 169 -23.20 -14.35 3.98
C THR A 169 -22.20 -13.62 3.08
N ASP A 170 -22.42 -12.30 2.92
CA ASP A 170 -21.49 -11.38 2.23
C ASP A 170 -20.55 -10.87 3.33
N TRP A 171 -19.60 -9.99 3.01
CA TRP A 171 -18.62 -9.51 3.96
C TRP A 171 -19.27 -8.95 5.25
N VAL A 172 -20.16 -7.96 5.10
CA VAL A 172 -20.77 -7.25 6.20
C VAL A 172 -21.66 -8.10 7.12
N TYR A 173 -22.42 -9.07 6.56
CA TYR A 173 -23.26 -9.97 7.37
C TYR A 173 -22.41 -10.94 8.19
N GLU A 174 -21.31 -11.43 7.59
CA GLU A 174 -20.38 -12.31 8.29
C GLU A 174 -19.73 -11.60 9.46
N GLU A 175 -19.20 -10.39 9.22
CA GLU A 175 -18.46 -9.63 10.24
C GLU A 175 -19.35 -9.02 11.34
N GLU A 176 -20.45 -8.40 10.96
CA GLU A 176 -21.25 -7.59 11.86
C GLU A 176 -22.57 -8.14 12.36
N VAL A 177 -23.24 -8.96 11.56
CA VAL A 177 -24.61 -9.42 11.87
C VAL A 177 -24.63 -10.83 12.40
N PHE A 178 -24.16 -11.80 11.61
CA PHE A 178 -24.18 -13.20 12.02
C PHE A 178 -22.94 -13.65 12.77
N SER A 179 -21.78 -12.97 12.62
CA SER A 179 -20.52 -13.41 13.23
C SER A 179 -20.27 -14.88 12.84
N ALA A 180 -20.57 -15.19 11.55
CA ALA A 180 -20.51 -16.53 10.96
C ALA A 180 -20.72 -16.39 9.48
N TYR A 181 -20.17 -17.35 8.71
CA TYR A 181 -20.30 -17.45 7.26
C TYR A 181 -21.66 -18.01 6.82
N SER A 182 -22.12 -19.05 7.51
CA SER A 182 -23.37 -19.76 7.22
C SER A 182 -24.61 -18.90 7.34
N ALA A 183 -25.54 -19.07 6.40
CA ALA A 183 -26.84 -18.42 6.37
C ALA A 183 -27.84 -19.49 5.97
N LEU A 184 -27.70 -20.68 6.60
CA LEU A 184 -28.46 -21.93 6.46
C LEU A 184 -28.89 -22.42 7.85
N TRP A 185 -30.19 -22.66 8.07
CA TRP A 185 -30.70 -23.18 9.37
C TRP A 185 -31.70 -24.32 9.16
N TRP A 186 -31.26 -25.55 9.46
CA TRP A 186 -32.08 -26.79 9.40
C TRP A 186 -33.11 -26.74 10.52
N SER A 187 -34.32 -27.27 10.28
CA SER A 187 -35.32 -27.35 11.35
C SER A 187 -34.88 -28.49 12.33
N PRO A 188 -35.36 -28.56 13.60
CA PRO A 188 -34.87 -29.61 14.52
C PRO A 188 -34.92 -31.05 13.97
N ASN A 189 -36.01 -31.41 13.25
CA ASN A 189 -36.30 -32.68 12.56
C ASN A 189 -35.36 -32.91 11.37
N GLY A 190 -34.94 -31.81 10.75
CA GLY A 190 -34.17 -31.83 9.52
C GLY A 190 -35.08 -31.86 8.31
N THR A 191 -36.40 -31.66 8.52
CA THR A 191 -37.45 -31.65 7.50
C THR A 191 -37.27 -30.42 6.62
N PHE A 192 -37.15 -29.24 7.25
CA PHE A 192 -37.00 -27.98 6.54
C PHE A 192 -35.59 -27.47 6.60
N LEU A 193 -35.25 -26.70 5.57
CA LEU A 193 -33.98 -26.00 5.49
C LEU A 193 -34.33 -24.55 5.22
N ALA A 194 -34.03 -23.68 6.17
CA ALA A 194 -34.27 -22.25 5.99
C ALA A 194 -32.97 -21.58 5.59
N TYR A 195 -33.06 -20.61 4.69
CA TYR A 195 -31.88 -19.88 4.25
C TYR A 195 -32.15 -18.45 3.89
N ALA A 196 -31.10 -17.66 3.98
CA ALA A 196 -31.08 -16.26 3.64
C ALA A 196 -30.38 -16.09 2.29
N GLN A 197 -30.84 -15.07 1.56
CA GLN A 197 -30.26 -14.70 0.28
C GLN A 197 -29.82 -13.27 0.36
N PHE A 198 -28.55 -13.02 0.06
CA PHE A 198 -27.98 -11.68 0.06
C PHE A 198 -27.74 -11.18 -1.35
N ASN A 199 -28.16 -9.94 -1.60
CA ASN A 199 -27.98 -9.26 -2.88
C ASN A 199 -27.10 -8.02 -2.70
N ASP A 200 -25.88 -8.07 -3.27
CA ASP A 200 -24.87 -7.02 -3.19
C ASP A 200 -24.69 -6.25 -4.51
N THR A 201 -25.68 -6.31 -5.43
CA THR A 201 -25.62 -5.65 -6.74
C THR A 201 -25.04 -4.22 -6.74
N GLU A 202 -25.62 -3.32 -5.92
CA GLU A 202 -25.17 -1.92 -5.91
C GLU A 202 -24.29 -1.55 -4.70
N VAL A 203 -23.72 -2.56 -4.03
CA VAL A 203 -22.83 -2.31 -2.89
C VAL A 203 -21.44 -1.95 -3.46
N PRO A 204 -20.85 -0.77 -3.10
CA PRO A 204 -19.53 -0.39 -3.66
C PRO A 204 -18.44 -1.34 -3.22
N LEU A 205 -17.43 -1.50 -4.07
CA LEU A 205 -16.31 -2.40 -3.82
C LEU A 205 -15.14 -1.72 -3.19
N ILE A 206 -14.55 -2.33 -2.16
CA ILE A 206 -13.26 -1.89 -1.64
C ILE A 206 -12.26 -2.65 -2.52
N GLU A 207 -11.23 -1.96 -2.98
CA GLU A 207 -10.22 -2.52 -3.87
C GLU A 207 -8.85 -2.29 -3.26
N TYR A 208 -7.99 -3.32 -3.28
CA TYR A 208 -6.62 -3.23 -2.77
C TYR A 208 -5.70 -4.23 -3.43
N SER A 209 -4.40 -3.92 -3.41
CA SER A 209 -3.38 -4.76 -4.02
C SER A 209 -3.05 -5.92 -3.11
N PHE A 210 -2.82 -7.09 -3.72
CA PHE A 210 -2.35 -8.30 -3.07
C PHE A 210 -1.10 -8.64 -3.86
N TYR A 211 0.05 -8.59 -3.17
CA TYR A 211 1.35 -8.80 -3.77
C TYR A 211 1.70 -10.26 -4.00
N SER A 212 1.20 -11.18 -3.12
CA SER A 212 1.42 -12.63 -3.21
C SER A 212 2.91 -12.98 -3.09
N ASP A 213 3.32 -14.13 -3.65
CA ASP A 213 4.70 -14.58 -3.66
C ASP A 213 5.51 -13.79 -4.66
N GLU A 214 6.83 -13.77 -4.45
CA GLU A 214 7.85 -13.10 -5.25
C GLU A 214 7.73 -13.41 -6.74
N SER A 215 7.27 -14.65 -7.06
CA SER A 215 7.09 -15.19 -8.42
C SER A 215 5.98 -14.50 -9.21
N LEU A 216 5.03 -13.84 -8.53
CA LEU A 216 3.94 -13.13 -9.22
C LEU A 216 4.49 -11.79 -9.75
N GLN A 217 4.62 -11.67 -11.11
CA GLN A 217 5.11 -10.49 -11.79
C GLN A 217 4.26 -9.24 -11.57
N TYR A 218 2.91 -9.39 -11.60
CA TYR A 218 1.97 -8.28 -11.47
C TYR A 218 1.11 -8.47 -10.23
N PRO A 219 1.02 -7.45 -9.34
CA PRO A 219 0.16 -7.60 -8.16
C PRO A 219 -1.29 -7.80 -8.57
N LYS A 220 -2.04 -8.49 -7.72
CA LYS A 220 -3.46 -8.75 -7.98
C LYS A 220 -4.29 -7.65 -7.29
N THR A 221 -5.40 -7.21 -7.92
CA THR A 221 -6.32 -6.31 -7.23
C THR A 221 -7.46 -7.14 -6.66
N VAL A 222 -7.68 -7.06 -5.34
CA VAL A 222 -8.75 -7.75 -4.58
C VAL A 222 -9.94 -6.78 -4.57
N ARG A 223 -11.14 -7.24 -4.93
CA ARG A 223 -12.35 -6.43 -4.99
C ARG A 223 -13.44 -7.10 -4.17
N VAL A 224 -13.87 -6.43 -3.10
CA VAL A 224 -14.82 -6.96 -2.12
C VAL A 224 -16.03 -6.02 -1.96
N PRO A 225 -17.28 -6.50 -2.17
CA PRO A 225 -18.44 -5.64 -1.83
C PRO A 225 -18.39 -5.38 -0.33
N TYR A 226 -18.30 -4.10 0.03
CA TYR A 226 -18.15 -3.64 1.39
C TYR A 226 -18.86 -2.29 1.51
N PRO A 227 -19.99 -2.17 2.22
CA PRO A 227 -20.62 -0.85 2.35
C PRO A 227 -19.97 -0.05 3.49
N LYS A 228 -19.37 1.07 3.15
CA LYS A 228 -18.78 2.00 4.13
C LYS A 228 -19.93 2.87 4.68
N ALA A 229 -19.73 3.56 5.82
CA ALA A 229 -20.79 4.35 6.48
C ALA A 229 -21.58 5.20 5.50
N GLY A 230 -22.88 4.94 5.44
CA GLY A 230 -23.80 5.67 4.56
C GLY A 230 -23.97 5.11 3.16
N ALA A 231 -23.17 4.11 2.75
CA ALA A 231 -23.24 3.54 1.39
C ALA A 231 -24.42 2.59 1.21
N VAL A 232 -24.68 2.17 -0.05
CA VAL A 232 -25.75 1.22 -0.40
C VAL A 232 -25.43 -0.11 0.34
N ASN A 233 -26.40 -0.62 1.11
CA ASN A 233 -26.26 -1.87 1.88
C ASN A 233 -26.77 -3.04 1.09
N PRO A 234 -26.29 -4.28 1.34
CA PRO A 234 -26.88 -5.45 0.64
C PRO A 234 -28.34 -5.63 1.06
N THR A 235 -29.15 -6.26 0.21
CA THR A 235 -30.53 -6.53 0.59
C THR A 235 -30.60 -8.01 0.99
N VAL A 236 -31.69 -8.38 1.69
CA VAL A 236 -31.89 -9.74 2.19
C VAL A 236 -33.29 -10.30 1.90
N LYS A 237 -33.34 -11.60 1.58
CA LYS A 237 -34.57 -12.36 1.40
C LYS A 237 -34.41 -13.64 2.22
N PHE A 238 -35.51 -14.12 2.78
CA PHE A 238 -35.54 -15.31 3.60
C PHE A 238 -36.44 -16.39 2.98
N PHE A 239 -35.94 -17.65 2.88
CA PHE A 239 -36.68 -18.76 2.29
C PHE A 239 -36.61 -20.02 3.11
N VAL A 240 -37.61 -20.90 2.91
CA VAL A 240 -37.72 -22.21 3.56
C VAL A 240 -38.07 -23.27 2.52
N VAL A 241 -37.32 -24.38 2.50
CA VAL A 241 -37.53 -25.53 1.60
C VAL A 241 -37.88 -26.72 2.45
N ASN A 242 -38.77 -27.56 1.95
CA ASN A 242 -39.12 -28.84 2.56
C ASN A 242 -38.19 -29.88 1.91
N THR A 243 -37.20 -30.38 2.66
CA THR A 243 -36.22 -31.34 2.15
C THR A 243 -36.77 -32.77 2.02
N ASP A 244 -37.99 -33.03 2.52
CA ASP A 244 -38.64 -34.33 2.45
C ASP A 244 -39.47 -34.53 1.16
N SER A 245 -39.77 -33.43 0.47
CA SER A 245 -40.53 -33.49 -0.78
C SER A 245 -39.70 -33.03 -2.01
N LEU A 246 -38.37 -33.37 -2.03
CA LEU A 246 -37.48 -33.01 -3.14
C LEU A 246 -37.60 -33.96 -4.33
N SER A 247 -37.76 -33.41 -5.55
CA SER A 247 -37.91 -34.15 -6.80
C SER A 247 -36.64 -34.13 -7.65
N SER A 248 -36.34 -35.30 -8.26
CA SER A 248 -35.21 -35.52 -9.17
C SER A 248 -35.57 -35.02 -10.59
N VAL A 249 -36.90 -34.92 -10.89
CA VAL A 249 -37.46 -34.48 -12.17
C VAL A 249 -37.84 -32.97 -12.18
N THR A 250 -38.37 -32.47 -11.04
CA THR A 250 -38.82 -31.08 -10.86
C THR A 250 -37.87 -30.26 -9.96
N ASN A 251 -37.78 -28.93 -10.21
CA ASN A 251 -36.95 -28.00 -9.44
C ASN A 251 -37.53 -27.81 -8.02
N ALA A 252 -36.65 -27.62 -7.02
CA ALA A 252 -37.04 -27.41 -5.62
C ALA A 252 -37.83 -26.13 -5.41
N THR A 253 -38.92 -26.20 -4.64
CA THR A 253 -39.78 -25.06 -4.34
C THR A 253 -39.39 -24.42 -3.01
N SER A 254 -38.95 -23.16 -3.05
CA SER A 254 -38.58 -22.42 -1.84
C SER A 254 -39.68 -21.42 -1.52
N ILE A 255 -40.17 -21.46 -0.29
CA ILE A 255 -41.22 -20.54 0.17
C ILE A 255 -40.54 -19.36 0.84
N GLN A 256 -40.85 -18.18 0.38
CA GLN A 256 -40.29 -16.96 0.94
C GLN A 256 -41.10 -16.45 2.13
N ILE A 257 -40.39 -16.01 3.16
CA ILE A 257 -40.98 -15.35 4.32
C ILE A 257 -40.55 -13.88 4.21
N THR A 258 -41.50 -12.98 3.96
CA THR A 258 -41.19 -11.56 3.83
C THR A 258 -41.07 -10.93 5.22
N ALA A 259 -40.33 -9.84 5.29
CA ALA A 259 -40.05 -9.03 6.47
C ALA A 259 -41.33 -8.30 6.85
N PRO A 260 -41.57 -7.90 8.14
CA PRO A 260 -42.81 -7.13 8.44
C PRO A 260 -42.90 -5.79 7.72
N ALA A 261 -44.10 -5.22 7.63
CA ALA A 261 -44.33 -3.94 6.96
C ALA A 261 -43.52 -2.79 7.58
N SER A 262 -43.36 -2.80 8.93
CA SER A 262 -42.57 -1.81 9.69
C SER A 262 -41.07 -1.88 9.36
N MET A 263 -40.65 -2.92 8.61
CA MET A 263 -39.28 -3.16 8.18
C MET A 263 -39.08 -2.85 6.68
N LEU A 264 -40.07 -3.23 5.86
CA LEU A 264 -40.07 -3.04 4.40
C LEU A 264 -40.10 -1.59 3.91
N ILE A 265 -40.52 -0.65 4.77
CA ILE A 265 -40.60 0.79 4.48
C ILE A 265 -39.23 1.45 4.11
N GLY A 266 -38.12 0.82 4.52
CA GLY A 266 -36.77 1.30 4.22
C GLY A 266 -35.71 0.22 4.35
N ASP A 267 -34.45 0.61 4.61
CA ASP A 267 -33.35 -0.33 4.78
C ASP A 267 -33.44 -1.05 6.12
N HIS A 268 -33.19 -2.35 6.08
CA HIS A 268 -33.29 -3.23 7.25
C HIS A 268 -32.33 -4.40 7.13
N TYR A 269 -32.09 -5.09 8.25
CA TYR A 269 -31.24 -6.27 8.33
C TYR A 269 -32.04 -7.42 8.90
N LEU A 270 -31.65 -8.65 8.55
CA LEU A 270 -32.19 -9.87 9.15
C LEU A 270 -31.13 -10.14 10.18
N CYS A 271 -31.49 -10.06 11.45
CA CYS A 271 -30.45 -10.22 12.48
C CYS A 271 -30.44 -11.50 13.31
N ASP A 272 -31.51 -12.32 13.26
CA ASP A 272 -31.61 -13.59 14.00
C ASP A 272 -32.62 -14.59 13.41
N VAL A 273 -32.23 -15.88 13.33
CA VAL A 273 -33.06 -17.00 12.86
C VAL A 273 -33.04 -18.08 13.96
N THR A 274 -34.20 -18.38 14.54
CA THR A 274 -34.31 -19.43 15.58
C THR A 274 -35.51 -20.31 15.36
N TRP A 275 -35.29 -21.63 15.19
CA TRP A 275 -36.38 -22.61 15.08
C TRP A 275 -36.97 -22.80 16.48
N ALA A 276 -38.28 -22.57 16.65
CA ALA A 276 -38.95 -22.72 17.95
C ALA A 276 -39.45 -24.16 18.15
N THR A 277 -40.02 -24.75 17.08
CA THR A 277 -40.52 -26.13 17.00
C THR A 277 -40.20 -26.66 15.58
N GLN A 278 -40.83 -27.78 15.17
CA GLN A 278 -40.66 -28.40 13.85
C GLN A 278 -41.32 -27.56 12.77
N GLU A 279 -42.38 -26.81 13.15
CA GLU A 279 -43.16 -25.99 12.22
C GLU A 279 -43.27 -24.52 12.60
N ARG A 280 -42.33 -24.02 13.42
CA ARG A 280 -42.32 -22.62 13.84
C ARG A 280 -40.91 -22.02 13.87
N ILE A 281 -40.70 -20.91 13.11
CA ILE A 281 -39.42 -20.18 13.07
C ILE A 281 -39.64 -18.81 13.65
N SER A 282 -38.67 -18.35 14.44
CA SER A 282 -38.59 -17.02 15.00
C SER A 282 -37.56 -16.25 14.11
N LEU A 283 -37.94 -15.03 13.67
CA LEU A 283 -37.08 -14.16 12.86
C LEU A 283 -37.02 -12.78 13.49
N GLN A 284 -35.81 -12.25 13.67
CA GLN A 284 -35.63 -10.90 14.18
C GLN A 284 -35.08 -10.02 13.07
N TRP A 285 -35.74 -8.87 12.86
CA TRP A 285 -35.38 -7.89 11.85
C TRP A 285 -35.01 -6.62 12.56
N LEU A 286 -34.07 -5.86 11.99
CA LEU A 286 -33.57 -4.62 12.56
C LEU A 286 -33.55 -3.54 11.47
N ARG A 287 -34.01 -2.33 11.79
CA ARG A 287 -33.98 -1.22 10.85
C ARG A 287 -32.56 -0.74 10.67
N ARG A 288 -32.25 -0.04 9.54
CA ARG A 288 -30.89 0.48 9.33
C ARG A 288 -30.54 1.44 10.48
N ILE A 289 -31.55 2.19 11.00
CA ILE A 289 -31.43 3.00 12.21
C ILE A 289 -31.71 1.96 13.33
N GLN A 290 -30.61 1.48 13.93
CA GLN A 290 -30.49 0.36 14.85
C GLN A 290 -31.04 0.47 16.28
N ASN A 291 -32.09 1.27 16.47
CA ASN A 291 -32.74 1.44 17.77
C ASN A 291 -34.18 0.83 17.78
N TYR A 292 -34.57 0.10 16.69
CA TYR A 292 -35.89 -0.54 16.50
C TYR A 292 -35.74 -1.93 15.86
N SER A 293 -36.19 -2.98 16.57
CA SER A 293 -36.17 -4.36 16.08
C SER A 293 -37.53 -5.02 16.27
N VAL A 294 -37.88 -5.92 15.34
CA VAL A 294 -39.14 -6.63 15.36
C VAL A 294 -38.84 -8.11 15.28
N MET A 295 -39.47 -8.90 16.16
CA MET A 295 -39.38 -10.35 16.13
C MET A 295 -40.68 -10.90 15.55
N ASP A 296 -40.57 -11.71 14.50
CA ASP A 296 -41.72 -12.35 13.86
C ASP A 296 -41.73 -13.84 14.24
N ILE A 297 -42.94 -14.37 14.52
CA ILE A 297 -43.17 -15.79 14.80
C ILE A 297 -43.90 -16.34 13.58
N CYS A 298 -43.28 -17.29 12.89
CA CYS A 298 -43.82 -17.82 11.65
C CYS A 298 -44.11 -19.29 11.69
N ASP A 299 -45.39 -19.63 11.43
CA ASP A 299 -45.90 -20.99 11.47
C ASP A 299 -46.18 -21.56 10.10
N TYR A 300 -45.88 -22.86 9.92
CA TYR A 300 -46.12 -23.57 8.67
C TYR A 300 -47.61 -23.91 8.51
N ASP A 301 -48.17 -23.56 7.34
CA ASP A 301 -49.57 -23.86 7.01
C ASP A 301 -49.60 -25.15 6.18
N GLU A 302 -49.96 -26.27 6.83
CA GLU A 302 -49.98 -27.61 6.25
C GLU A 302 -50.96 -27.76 5.08
N SER A 303 -52.07 -26.97 5.06
CA SER A 303 -53.09 -27.01 4.02
C SER A 303 -52.89 -25.94 2.93
N SER A 304 -51.63 -25.55 2.66
CA SER A 304 -51.29 -24.55 1.64
C SER A 304 -49.81 -24.65 1.22
N GLY A 305 -48.97 -25.09 2.14
CA GLY A 305 -47.54 -25.21 1.91
C GLY A 305 -46.80 -23.92 2.18
N ARG A 306 -47.52 -22.85 2.58
CA ARG A 306 -46.94 -21.55 2.88
C ARG A 306 -46.63 -21.36 4.38
N TRP A 307 -45.94 -20.25 4.73
CA TRP A 307 -45.57 -19.88 6.10
C TRP A 307 -46.24 -18.54 6.42
N ASN A 308 -47.01 -18.47 7.52
CA ASN A 308 -47.72 -17.25 7.90
C ASN A 308 -47.23 -16.67 9.21
N CYS A 309 -47.06 -15.33 9.25
CA CYS A 309 -46.58 -14.60 10.42
C CYS A 309 -47.65 -13.58 10.84
N LEU A 310 -48.40 -13.86 11.92
CA LEU A 310 -49.47 -12.97 12.42
C LEU A 310 -48.86 -11.68 12.98
N VAL A 311 -49.47 -10.52 12.68
CA VAL A 311 -48.96 -9.22 13.17
C VAL A 311 -49.10 -9.09 14.70
N ALA A 312 -50.08 -9.80 15.28
CA ALA A 312 -50.33 -9.82 16.72
C ALA A 312 -49.23 -10.53 17.52
N ARG A 313 -48.53 -11.49 16.87
CA ARG A 313 -47.43 -12.25 17.51
C ARG A 313 -46.11 -11.48 17.55
N GLN A 314 -45.97 -10.43 16.73
CA GLN A 314 -44.78 -9.59 16.62
C GLN A 314 -44.44 -8.88 17.92
N HIS A 315 -43.18 -9.03 18.35
CA HIS A 315 -42.67 -8.42 19.55
C HIS A 315 -41.66 -7.37 19.15
N ILE A 316 -41.87 -6.13 19.59
CA ILE A 316 -40.98 -5.02 19.28
C ILE A 316 -40.01 -4.79 20.43
N GLU A 317 -38.72 -4.57 20.07
CA GLU A 317 -37.67 -4.21 21.00
C GLU A 317 -37.04 -2.93 20.46
N MET A 318 -37.11 -1.88 21.26
CA MET A 318 -36.57 -0.59 20.91
C MET A 318 -35.74 0.02 22.02
N SER A 319 -34.89 0.98 21.65
CA SER A 319 -34.04 1.68 22.60
C SER A 319 -34.31 3.17 22.46
N THR A 320 -34.32 3.85 23.60
CA THR A 320 -34.52 5.29 23.69
C THR A 320 -33.18 6.04 23.94
N THR A 321 -32.20 5.36 24.57
CA THR A 321 -30.88 5.92 24.90
C THR A 321 -29.74 5.51 23.96
N GLY A 322 -29.96 4.46 23.16
CA GLY A 322 -28.94 3.96 22.25
C GLY A 322 -29.44 3.02 21.18
N TRP A 323 -28.70 1.93 20.99
CA TRP A 323 -28.96 0.88 20.00
C TRP A 323 -29.61 -0.36 20.67
N VAL A 324 -30.13 -1.33 19.88
CA VAL A 324 -30.75 -2.56 20.41
C VAL A 324 -29.70 -3.67 20.68
N GLY A 325 -29.66 -4.16 21.90
CA GLY A 325 -28.75 -5.22 22.31
C GLY A 325 -27.33 -4.74 22.54
N ARG A 326 -26.43 -5.66 22.87
CA ARG A 326 -25.02 -5.35 23.11
C ARG A 326 -24.29 -5.01 21.80
N PHE A 327 -24.36 -5.93 20.84
CA PHE A 327 -23.84 -5.78 19.49
C PHE A 327 -24.96 -6.01 18.51
N ARG A 328 -25.95 -6.81 18.90
CA ARG A 328 -27.12 -7.11 18.07
C ARG A 328 -28.25 -7.51 19.00
N PRO A 329 -29.54 -7.52 18.57
CA PRO A 329 -30.60 -8.03 19.47
C PRO A 329 -30.28 -9.47 19.92
N SER A 330 -30.47 -9.74 21.23
CA SER A 330 -30.21 -11.06 21.84
C SER A 330 -31.15 -12.16 21.30
N GLU A 331 -30.67 -13.40 21.30
CA GLU A 331 -31.41 -14.55 20.77
C GLU A 331 -32.51 -15.07 21.74
N PRO A 332 -33.67 -15.52 21.20
CA PRO A 332 -34.70 -16.11 22.09
C PRO A 332 -34.35 -17.56 22.41
N HIS A 333 -34.79 -18.02 23.59
CA HIS A 333 -34.60 -19.39 24.05
C HIS A 333 -35.99 -19.92 24.34
N PHE A 334 -36.50 -20.69 23.39
CA PHE A 334 -37.83 -21.25 23.46
C PHE A 334 -37.91 -22.44 24.37
N THR A 335 -39.06 -22.58 25.04
CA THR A 335 -39.44 -23.72 25.85
C THR A 335 -39.82 -24.81 24.83
N LEU A 336 -39.73 -26.09 25.21
CA LEU A 336 -40.00 -27.25 24.33
C LEU A 336 -41.27 -27.17 23.48
N ASP A 337 -42.38 -26.68 24.04
CA ASP A 337 -43.63 -26.52 23.28
C ASP A 337 -43.62 -25.34 22.27
N GLY A 338 -42.62 -24.45 22.38
CA GLY A 338 -42.42 -23.29 21.51
C GLY A 338 -43.46 -22.19 21.59
N ASN A 339 -44.27 -22.18 22.66
CA ASN A 339 -45.32 -21.17 22.89
C ASN A 339 -44.84 -20.00 23.76
N SER A 340 -43.61 -20.11 24.31
CA SER A 340 -43.00 -19.10 25.18
C SER A 340 -41.51 -19.10 25.03
N PHE A 341 -40.87 -18.02 25.50
CA PHE A 341 -39.42 -17.91 25.39
C PHE A 341 -38.83 -16.95 26.41
N TYR A 342 -37.51 -17.06 26.59
CA TYR A 342 -36.72 -16.21 27.46
C TYR A 342 -35.75 -15.50 26.60
N LYS A 343 -35.40 -14.26 26.99
CA LYS A 343 -34.52 -13.40 26.19
C LYS A 343 -33.89 -12.35 27.10
N ILE A 344 -32.64 -11.99 26.87
CA ILE A 344 -32.00 -10.93 27.68
C ILE A 344 -32.41 -9.57 27.13
N ILE A 345 -33.04 -8.76 27.99
CA ILE A 345 -33.58 -7.44 27.66
C ILE A 345 -33.01 -6.43 28.66
N SER A 346 -32.80 -5.20 28.19
CA SER A 346 -32.39 -4.08 29.05
C SER A 346 -33.65 -3.64 29.84
N ASN A 347 -33.58 -3.61 31.18
CA ASN A 347 -34.76 -3.24 32.00
C ASN A 347 -34.96 -1.72 32.12
N GLU A 348 -35.88 -1.27 33.01
CA GLU A 348 -36.17 0.16 33.22
C GLU A 348 -35.02 0.95 33.87
N GLU A 349 -34.07 0.24 34.52
CA GLU A 349 -32.89 0.86 35.15
C GLU A 349 -31.66 0.83 34.24
N GLY A 350 -31.78 0.18 33.08
CA GLY A 350 -30.70 0.04 32.10
C GLY A 350 -29.86 -1.22 32.20
N TYR A 351 -30.22 -2.15 33.07
CA TYR A 351 -29.49 -3.41 33.27
C TYR A 351 -30.08 -4.54 32.47
N ARG A 352 -29.20 -5.36 31.87
CA ARG A 352 -29.59 -6.49 31.02
C ARG A 352 -29.96 -7.69 31.84
N HIS A 353 -31.25 -8.07 31.79
CA HIS A 353 -31.83 -9.14 32.58
C HIS A 353 -32.71 -10.09 31.78
N ILE A 354 -32.96 -11.32 32.28
CA ILE A 354 -33.78 -12.31 31.59
C ILE A 354 -35.27 -11.92 31.64
N CYS A 355 -35.92 -11.83 30.47
CA CYS A 355 -37.35 -11.56 30.34
C CYS A 355 -38.04 -12.81 29.83
N TYR A 356 -39.24 -13.10 30.36
CA TYR A 356 -40.08 -14.24 30.00
C TYR A 356 -41.25 -13.74 29.16
N PHE A 357 -41.40 -14.31 27.96
CA PHE A 357 -42.41 -13.91 26.99
C PHE A 357 -43.29 -15.09 26.64
N GLN A 358 -44.59 -14.84 26.53
CA GLN A 358 -45.58 -15.83 26.11
C GLN A 358 -46.12 -15.29 24.80
N ILE A 359 -46.07 -16.12 23.74
CA ILE A 359 -46.34 -15.78 22.34
C ILE A 359 -47.60 -14.92 21.99
N ASP A 360 -48.81 -15.37 22.34
CA ASP A 360 -50.01 -14.59 22.03
C ASP A 360 -50.39 -13.63 23.18
N LYS A 361 -49.42 -13.31 24.06
CA LYS A 361 -49.60 -12.41 25.21
C LYS A 361 -48.81 -11.10 25.03
N LYS A 362 -49.37 -9.99 25.56
CA LYS A 362 -48.87 -8.62 25.42
C LYS A 362 -47.37 -8.31 25.64
N ASP A 363 -46.89 -8.34 26.89
CA ASP A 363 -45.52 -7.93 27.22
C ASP A 363 -44.65 -9.06 27.77
N CYS A 364 -43.76 -8.73 28.74
CA CYS A 364 -42.91 -9.71 29.40
C CYS A 364 -42.76 -9.54 30.90
N THR A 365 -42.21 -10.57 31.55
CA THR A 365 -41.99 -10.63 32.98
C THR A 365 -40.50 -10.77 33.14
N PHE A 366 -39.88 -9.89 33.95
CA PHE A 366 -38.46 -10.03 34.25
C PHE A 366 -38.32 -11.09 35.33
N ILE A 367 -37.39 -12.03 35.16
CA ILE A 367 -37.19 -13.12 36.13
C ILE A 367 -35.94 -12.88 37.00
N THR A 368 -35.10 -11.92 36.56
CA THR A 368 -33.88 -11.47 37.27
C THR A 368 -33.92 -9.93 37.35
N LYS A 369 -33.25 -9.35 38.36
CA LYS A 369 -33.11 -7.90 38.55
C LYS A 369 -31.84 -7.60 39.37
N GLY A 370 -31.38 -6.35 39.33
CA GLY A 370 -30.22 -5.91 40.08
C GLY A 370 -29.23 -5.07 39.32
N THR A 371 -28.23 -4.58 40.05
CA THR A 371 -27.12 -3.74 39.60
C THR A 371 -25.96 -4.62 39.06
N TRP A 372 -26.30 -5.50 38.12
CA TRP A 372 -25.43 -6.45 37.44
C TRP A 372 -26.20 -6.89 36.23
N GLU A 373 -25.54 -7.65 35.35
CA GLU A 373 -26.18 -8.05 34.11
C GLU A 373 -26.03 -9.52 33.88
N VAL A 374 -26.99 -10.09 33.14
CA VAL A 374 -26.97 -11.46 32.66
C VAL A 374 -26.13 -11.41 31.36
N ILE A 375 -25.10 -12.27 31.29
CA ILE A 375 -24.22 -12.33 30.14
C ILE A 375 -24.85 -13.15 29.01
N GLY A 376 -25.38 -14.32 29.36
CA GLY A 376 -26.06 -15.17 28.40
C GLY A 376 -26.88 -16.25 29.07
N ILE A 377 -27.84 -16.80 28.33
CA ILE A 377 -28.69 -17.92 28.75
C ILE A 377 -27.97 -19.14 28.15
N GLU A 378 -27.69 -20.12 29.00
CA GLU A 378 -26.94 -21.29 28.58
C GLU A 378 -27.73 -22.56 28.34
N ALA A 379 -28.80 -22.74 29.12
CA ALA A 379 -29.64 -23.92 29.03
C ALA A 379 -30.98 -23.62 29.62
N LEU A 380 -31.96 -24.37 29.12
CA LEU A 380 -33.32 -24.29 29.57
C LEU A 380 -33.89 -25.69 29.61
N THR A 381 -34.37 -26.10 30.78
CA THR A 381 -35.02 -27.39 31.00
C THR A 381 -36.43 -27.08 31.46
N SER A 382 -37.24 -28.12 31.77
CA SER A 382 -38.62 -27.92 32.24
C SER A 382 -38.67 -27.19 33.60
N ASP A 383 -37.69 -27.44 34.47
CA ASP A 383 -37.63 -26.88 35.82
C ASP A 383 -36.70 -25.71 36.03
N TYR A 384 -35.61 -25.61 35.24
CA TYR A 384 -34.62 -24.57 35.48
C TYR A 384 -34.15 -23.83 34.25
N LEU A 385 -33.72 -22.59 34.45
CA LEU A 385 -33.06 -21.81 33.43
C LEU A 385 -31.63 -21.57 33.97
N TYR A 386 -30.62 -21.94 33.15
CA TYR A 386 -29.20 -21.80 33.47
C TYR A 386 -28.65 -20.58 32.73
N TYR A 387 -27.92 -19.73 33.45
CA TYR A 387 -27.38 -18.51 32.87
C TYR A 387 -26.06 -18.10 33.49
N ILE A 388 -25.27 -17.35 32.73
CA ILE A 388 -24.02 -16.76 33.19
C ILE A 388 -24.29 -15.28 33.49
N SER A 389 -23.72 -14.76 34.58
CA SER A 389 -23.84 -13.35 34.98
C SER A 389 -22.59 -12.90 35.73
N ASN A 390 -22.48 -11.57 35.98
CA ASN A 390 -21.39 -10.95 36.73
C ASN A 390 -21.87 -10.45 38.11
N GLU A 391 -22.93 -11.06 38.66
CA GLU A 391 -23.45 -10.66 39.97
C GLU A 391 -22.48 -10.83 41.15
N TYR A 392 -21.74 -11.96 41.20
CA TYR A 392 -20.87 -12.29 42.34
C TYR A 392 -19.90 -11.21 42.73
N LYS A 393 -19.96 -10.81 44.03
CA LYS A 393 -19.13 -9.78 44.67
C LYS A 393 -19.14 -8.42 43.94
N GLY A 394 -20.20 -8.17 43.18
CA GLY A 394 -20.41 -6.96 42.37
C GLY A 394 -19.25 -6.64 41.44
N MET A 395 -18.61 -7.70 40.88
CA MET A 395 -17.47 -7.58 39.96
C MET A 395 -17.93 -7.74 38.49
N PRO A 396 -17.97 -6.63 37.72
CA PRO A 396 -18.44 -6.72 36.32
C PRO A 396 -17.57 -7.59 35.42
N GLY A 397 -16.34 -7.85 35.86
CA GLY A 397 -15.34 -8.64 35.14
C GLY A 397 -15.22 -10.07 35.59
N GLY A 398 -16.18 -10.52 36.39
CA GLY A 398 -16.27 -11.89 36.88
C GLY A 398 -17.41 -12.54 36.14
N ARG A 399 -17.41 -13.88 36.06
CA ARG A 399 -18.47 -14.64 35.37
C ARG A 399 -18.77 -15.91 36.14
N ASN A 400 -20.05 -16.15 36.46
CA ASN A 400 -20.46 -17.36 37.17
C ASN A 400 -21.74 -17.92 36.61
N LEU A 401 -21.94 -19.24 36.78
CA LEU A 401 -23.13 -19.96 36.37
C LEU A 401 -24.13 -19.97 37.53
N TYR A 402 -25.39 -19.71 37.20
CA TYR A 402 -26.53 -19.69 38.11
C TYR A 402 -27.66 -20.46 37.48
N LYS A 403 -28.57 -20.94 38.32
CA LYS A 403 -29.81 -21.55 37.86
C LYS A 403 -30.96 -20.93 38.61
N ILE A 404 -32.03 -20.59 37.87
CA ILE A 404 -33.24 -20.04 38.47
C ILE A 404 -34.37 -21.07 38.36
N GLN A 405 -35.09 -21.27 39.47
CA GLN A 405 -36.18 -22.23 39.53
C GLN A 405 -37.36 -21.61 38.84
N LEU A 406 -37.82 -22.24 37.75
CA LEU A 406 -38.95 -21.71 36.96
C LEU A 406 -40.30 -21.60 37.69
N SER A 407 -40.49 -22.32 38.81
CA SER A 407 -41.71 -22.28 39.63
C SER A 407 -41.64 -21.24 40.79
N ASP A 408 -40.45 -20.67 41.04
CA ASP A 408 -40.18 -19.64 42.05
C ASP A 408 -38.88 -18.89 41.69
N TYR A 409 -39.02 -17.68 41.09
CA TYR A 409 -37.92 -16.81 40.65
C TYR A 409 -37.00 -16.33 41.76
N THR A 410 -37.46 -16.34 43.01
CA THR A 410 -36.60 -15.93 44.13
C THR A 410 -35.59 -17.05 44.47
N LYS A 411 -35.82 -18.26 43.94
CA LYS A 411 -34.94 -19.40 44.18
C LYS A 411 -33.88 -19.54 43.09
N VAL A 412 -32.79 -18.78 43.26
CA VAL A 412 -31.62 -18.68 42.38
C VAL A 412 -30.42 -19.33 43.12
N THR A 413 -29.72 -20.24 42.45
CA THR A 413 -28.58 -20.99 43.03
C THR A 413 -27.30 -20.73 42.25
N CYS A 414 -26.23 -20.23 42.90
CA CYS A 414 -24.96 -20.09 42.18
C CYS A 414 -24.29 -21.44 42.14
N LEU A 415 -24.01 -21.91 40.94
CA LEU A 415 -23.45 -23.23 40.72
C LEU A 415 -21.97 -23.30 40.70
N SER A 416 -21.27 -22.17 40.40
CA SER A 416 -19.83 -22.12 40.24
C SER A 416 -19.09 -21.24 41.25
N CYS A 417 -19.77 -20.25 41.85
CA CYS A 417 -19.26 -19.25 42.82
C CYS A 417 -18.23 -19.73 43.83
N GLU A 418 -18.54 -20.86 44.49
CA GLU A 418 -17.76 -21.42 45.60
C GLU A 418 -17.00 -22.71 45.29
N LEU A 419 -16.83 -23.07 44.01
CA LEU A 419 -16.08 -24.28 43.66
C LEU A 419 -14.60 -24.16 44.03
N ASN A 420 -13.99 -22.99 43.76
CA ASN A 420 -12.63 -22.61 44.10
C ASN A 420 -12.57 -21.06 44.01
N PRO A 421 -13.01 -20.33 45.09
CA PRO A 421 -13.11 -18.86 44.98
C PRO A 421 -11.85 -18.04 44.73
N GLU A 422 -10.68 -18.53 45.18
CA GLU A 422 -9.42 -17.79 45.00
C GLU A 422 -8.86 -17.98 43.59
N ARG A 423 -9.02 -19.19 43.03
CA ARG A 423 -8.54 -19.56 41.71
C ARG A 423 -9.52 -19.28 40.57
N CYS A 424 -10.83 -19.42 40.84
CA CYS A 424 -11.89 -19.38 39.84
C CYS A 424 -12.99 -18.36 39.99
N GLN A 425 -12.96 -17.33 39.13
CA GLN A 425 -13.92 -16.23 39.12
C GLN A 425 -14.48 -15.92 37.73
N TYR A 426 -14.05 -16.65 36.69
CA TYR A 426 -14.49 -16.41 35.31
C TYR A 426 -14.85 -17.74 34.62
N TYR A 427 -16.13 -18.04 34.59
CA TYR A 427 -16.63 -19.28 34.02
C TYR A 427 -17.40 -19.09 32.73
N SER A 428 -17.32 -20.14 31.90
CA SER A 428 -18.12 -20.39 30.69
C SER A 428 -18.56 -21.87 30.86
N VAL A 429 -19.56 -22.30 30.11
CA VAL A 429 -20.12 -23.65 30.30
C VAL A 429 -20.48 -24.31 28.94
N SER A 430 -20.47 -25.65 28.91
CA SER A 430 -20.93 -26.43 27.76
C SER A 430 -21.87 -27.53 28.27
N PHE A 431 -23.17 -27.38 27.99
CA PHE A 431 -24.21 -28.32 28.36
C PHE A 431 -24.36 -29.46 27.37
N SER A 432 -24.65 -30.70 27.85
CA SER A 432 -24.94 -31.86 26.98
C SER A 432 -26.32 -31.65 26.33
N LYS A 433 -26.70 -32.42 25.29
CA LYS A 433 -28.03 -32.29 24.64
C LYS A 433 -29.07 -32.60 25.71
N GLU A 434 -30.06 -31.72 25.90
CA GLU A 434 -31.09 -31.86 26.95
C GLU A 434 -30.59 -31.47 28.37
N ALA A 435 -29.38 -30.85 28.45
CA ALA A 435 -28.73 -30.32 29.66
C ALA A 435 -28.56 -31.29 30.83
N LYS A 436 -28.43 -32.61 30.56
CA LYS A 436 -28.25 -33.60 31.64
C LYS A 436 -26.88 -33.46 32.38
N TYR A 437 -25.83 -33.04 31.64
CA TYR A 437 -24.48 -32.82 32.18
C TYR A 437 -23.91 -31.54 31.61
N TYR A 438 -23.00 -30.93 32.35
CA TYR A 438 -22.31 -29.73 31.89
C TYR A 438 -20.83 -29.74 32.24
N GLN A 439 -20.04 -29.12 31.36
CA GLN A 439 -18.62 -28.94 31.56
C GLN A 439 -18.43 -27.48 32.00
N LEU A 440 -17.77 -27.25 33.14
CA LEU A 440 -17.45 -25.88 33.54
C LEU A 440 -16.03 -25.57 33.11
N ARG A 441 -15.80 -24.36 32.62
CA ARG A 441 -14.51 -23.90 32.14
C ARG A 441 -14.16 -22.60 32.86
N CYS A 442 -13.24 -22.67 33.82
CA CYS A 442 -12.82 -21.48 34.53
C CYS A 442 -11.54 -20.96 33.87
N SER A 443 -11.52 -19.68 33.49
CA SER A 443 -10.36 -19.13 32.79
C SER A 443 -9.50 -18.16 33.63
N GLY A 444 -9.78 -18.04 34.92
CA GLY A 444 -9.00 -17.19 35.81
C GLY A 444 -9.69 -16.82 37.11
N PRO A 445 -9.03 -16.09 38.05
CA PRO A 445 -7.66 -15.52 37.96
C PRO A 445 -6.49 -16.51 37.96
N GLY A 446 -6.68 -17.72 38.51
CA GLY A 446 -5.66 -18.76 38.52
C GLY A 446 -5.58 -19.45 37.17
N LEU A 447 -4.90 -20.59 37.11
CA LEU A 447 -4.80 -21.31 35.83
C LEU A 447 -6.12 -21.99 35.46
N PRO A 448 -6.47 -22.03 34.16
CA PRO A 448 -7.73 -22.68 33.76
C PRO A 448 -7.94 -24.09 34.29
N LEU A 449 -9.16 -24.33 34.77
CA LEU A 449 -9.63 -25.58 35.36
C LEU A 449 -10.87 -26.01 34.57
N TYR A 450 -10.89 -27.28 34.09
CA TYR A 450 -12.00 -27.86 33.35
C TYR A 450 -12.60 -28.98 34.20
N THR A 451 -13.92 -28.89 34.47
CA THR A 451 -14.64 -29.86 35.32
C THR A 451 -15.92 -30.36 34.64
N LEU A 452 -16.37 -31.61 34.96
CA LEU A 452 -17.63 -32.25 34.49
C LEU A 452 -18.60 -32.33 35.66
N HIS A 453 -19.87 -31.92 35.43
CA HIS A 453 -20.90 -31.93 36.48
C HIS A 453 -22.19 -32.57 35.97
N SER A 454 -23.03 -33.05 36.90
CA SER A 454 -24.36 -33.64 36.64
C SER A 454 -25.43 -32.63 37.07
N SER A 455 -26.34 -32.24 36.16
CA SER A 455 -27.41 -31.28 36.46
C SER A 455 -28.40 -31.77 37.54
N VAL A 456 -28.55 -33.11 37.73
CA VAL A 456 -29.47 -33.77 38.70
C VAL A 456 -29.36 -33.27 40.18
N ASN A 457 -28.16 -33.28 40.77
CA ASN A 457 -27.97 -32.82 42.14
C ASN A 457 -26.88 -31.75 42.24
N ASP A 458 -26.34 -31.36 41.09
CA ASP A 458 -25.23 -30.43 40.94
C ASP A 458 -23.97 -30.94 41.60
N LYS A 459 -23.78 -32.27 41.52
CA LYS A 459 -22.59 -32.92 42.05
C LYS A 459 -21.46 -32.95 41.02
N GLY A 460 -20.25 -32.73 41.52
CA GLY A 460 -19.03 -32.75 40.71
C GLY A 460 -18.70 -34.18 40.41
N LEU A 461 -18.54 -34.52 39.13
CA LEU A 461 -18.24 -35.88 38.72
C LEU A 461 -16.74 -36.15 38.60
N ARG A 462 -15.99 -35.23 37.92
CA ARG A 462 -14.59 -35.39 37.53
C ARG A 462 -13.92 -34.04 37.20
N VAL A 463 -12.62 -33.95 37.49
CA VAL A 463 -11.77 -32.84 37.06
C VAL A 463 -11.29 -33.37 35.69
N LEU A 464 -11.38 -32.55 34.64
CA LEU A 464 -10.98 -32.97 33.31
C LEU A 464 -9.57 -32.47 33.01
N GLU A 465 -9.28 -31.20 33.35
CA GLU A 465 -7.98 -30.58 33.10
C GLU A 465 -7.70 -29.54 34.17
N ASP A 466 -6.65 -29.77 34.98
CA ASP A 466 -6.27 -28.87 36.07
C ASP A 466 -5.07 -27.95 35.78
N ASN A 467 -4.36 -28.16 34.64
CA ASN A 467 -3.17 -27.41 34.23
C ASN A 467 -2.01 -27.51 35.23
N SER A 468 -1.89 -28.69 35.88
CA SER A 468 -0.85 -28.97 36.86
C SER A 468 0.56 -28.92 36.26
N ALA A 469 0.70 -29.30 34.96
CA ALA A 469 1.97 -29.29 34.24
C ALA A 469 2.47 -27.85 34.04
N LEU A 470 1.55 -26.89 33.77
CA LEU A 470 1.87 -25.47 33.59
C LEU A 470 2.15 -24.84 34.94
N ASP A 471 1.36 -25.20 35.97
CA ASP A 471 1.50 -24.72 37.35
C ASP A 471 2.92 -24.88 37.84
N LYS A 472 3.48 -26.09 37.68
CA LYS A 472 4.85 -26.43 38.09
C LYS A 472 5.89 -25.67 37.28
N MET A 473 5.72 -25.56 35.95
CA MET A 473 6.62 -24.77 35.09
C MET A 473 6.63 -23.29 35.51
N LEU A 474 5.45 -22.69 35.77
CA LEU A 474 5.33 -21.27 36.17
C LEU A 474 5.87 -20.94 37.57
N GLN A 475 5.97 -21.97 38.43
CA GLN A 475 6.58 -21.82 39.75
C GLN A 475 8.06 -21.51 39.56
N ASN A 476 8.63 -21.94 38.42
CA ASN A 476 10.04 -21.76 38.02
C ASN A 476 10.32 -20.44 37.24
N VAL A 477 9.31 -19.59 37.11
CA VAL A 477 9.43 -18.33 36.37
C VAL A 477 9.01 -17.15 37.30
N GLN A 478 9.71 -16.00 37.18
CA GLN A 478 9.39 -14.74 37.89
C GLN A 478 8.12 -14.18 37.23
N MET A 479 6.95 -14.69 37.62
CA MET A 479 5.68 -14.28 37.05
C MET A 479 5.14 -12.97 37.59
N PRO A 480 4.51 -12.14 36.73
CA PRO A 480 3.93 -10.89 37.24
C PRO A 480 2.60 -11.19 37.95
N SER A 481 2.06 -10.21 38.67
CA SER A 481 0.77 -10.32 39.35
C SER A 481 -0.24 -9.41 38.72
N LYS A 482 -1.52 -9.67 38.98
CA LYS A 482 -2.60 -8.85 38.46
C LYS A 482 -3.39 -8.26 39.63
N LYS A 483 -3.59 -6.94 39.60
CA LYS A 483 -4.45 -6.23 40.54
C LYS A 483 -5.69 -5.80 39.74
N LEU A 484 -6.88 -6.15 40.25
CA LEU A 484 -8.16 -5.78 39.66
C LEU A 484 -8.89 -4.95 40.71
N ASP A 485 -9.17 -3.70 40.38
CA ASP A 485 -9.78 -2.75 41.30
C ASP A 485 -10.55 -1.69 40.51
N PHE A 486 -11.04 -0.65 41.19
CA PHE A 486 -11.78 0.44 40.57
C PHE A 486 -11.35 1.80 41.12
N ILE A 487 -11.65 2.87 40.36
CA ILE A 487 -11.44 4.27 40.70
C ILE A 487 -12.78 4.98 40.48
N ILE A 488 -13.00 6.12 41.16
CA ILE A 488 -14.22 6.91 41.00
C ILE A 488 -14.01 8.06 40.02
N LEU A 489 -14.90 8.17 39.03
CA LEU A 489 -14.92 9.24 38.05
C LEU A 489 -16.36 9.74 37.93
N ALA A 490 -16.59 10.98 38.44
CA ALA A 490 -17.87 11.70 38.50
C ALA A 490 -18.97 10.88 39.20
N GLU A 491 -18.70 10.48 40.46
CA GLU A 491 -19.60 9.69 41.34
C GLU A 491 -19.96 8.25 40.85
N THR A 492 -19.17 7.68 39.92
CA THR A 492 -19.37 6.32 39.36
C THR A 492 -18.07 5.48 39.49
N LYS A 493 -18.21 4.17 39.74
CA LYS A 493 -17.11 3.21 39.85
C LYS A 493 -16.71 2.77 38.47
N PHE A 494 -15.41 2.86 38.16
CA PHE A 494 -14.86 2.43 36.87
C PHE A 494 -13.68 1.51 37.13
N TRP A 495 -13.76 0.29 36.62
CA TRP A 495 -12.80 -0.78 36.83
C TRP A 495 -11.55 -0.69 35.98
N TYR A 496 -10.44 -1.09 36.59
CA TYR A 496 -9.16 -1.14 35.90
C TYR A 496 -8.41 -2.38 36.32
N GLN A 497 -7.46 -2.81 35.51
CA GLN A 497 -6.58 -3.91 35.86
C GLN A 497 -5.14 -3.49 35.66
N MET A 498 -4.22 -4.04 36.46
CA MET A 498 -2.82 -3.72 36.34
C MET A 498 -2.00 -4.98 36.36
N ILE A 499 -1.10 -5.13 35.39
CA ILE A 499 -0.16 -6.25 35.38
C ILE A 499 1.10 -5.67 36.02
N LEU A 500 1.38 -6.06 37.27
CA LEU A 500 2.51 -5.53 38.04
C LEU A 500 3.73 -6.44 37.93
N PRO A 501 4.96 -5.87 37.80
CA PRO A 501 6.18 -6.70 37.74
C PRO A 501 6.42 -7.61 38.96
N PRO A 502 7.15 -8.76 38.82
CA PRO A 502 7.45 -9.60 40.00
C PRO A 502 8.32 -8.86 41.03
N HIS A 503 8.15 -9.16 42.32
CA HIS A 503 8.85 -8.48 43.43
C HIS A 503 8.48 -6.99 43.42
N PHE A 504 7.18 -6.70 43.18
CA PHE A 504 6.64 -5.35 43.10
C PHE A 504 6.93 -4.50 44.36
N ASP A 505 7.61 -3.36 44.14
CA ASP A 505 8.00 -2.41 45.17
C ASP A 505 7.20 -1.11 45.00
N LYS A 506 6.23 -0.88 45.90
CA LYS A 506 5.37 0.30 45.89
C LYS A 506 6.07 1.66 46.15
N SER A 507 7.32 1.65 46.68
CA SER A 507 8.13 2.85 46.97
C SER A 507 9.08 3.20 45.81
N LYS A 508 9.04 2.40 44.74
CA LYS A 508 9.84 2.60 43.53
C LYS A 508 8.90 3.04 42.42
N LYS A 509 9.42 3.84 41.48
CA LYS A 509 8.64 4.35 40.36
C LYS A 509 8.86 3.55 39.08
N TYR A 510 7.79 2.94 38.57
CA TYR A 510 7.81 2.10 37.37
C TYR A 510 7.24 2.79 36.14
N PRO A 511 7.78 2.51 34.94
CA PRO A 511 7.14 3.05 33.73
C PRO A 511 5.78 2.36 33.53
N LEU A 512 4.77 3.09 32.98
CA LEU A 512 3.45 2.53 32.76
C LEU A 512 3.03 2.51 31.29
N LEU A 513 2.57 1.35 30.81
CA LEU A 513 2.03 1.21 29.48
C LEU A 513 0.51 0.99 29.59
N LEU A 514 -0.27 1.87 28.98
CA LEU A 514 -1.72 1.73 28.99
C LEU A 514 -2.15 0.89 27.76
N ASP A 515 -2.76 -0.29 28.02
CA ASP A 515 -3.25 -1.19 26.98
C ASP A 515 -4.74 -0.85 26.78
N VAL A 516 -5.09 -0.37 25.58
CA VAL A 516 -6.43 0.14 25.28
C VAL A 516 -7.16 -0.59 24.12
N TYR A 517 -8.48 -0.66 24.29
CA TYR A 517 -9.44 -1.08 23.29
C TYR A 517 -10.53 0.00 23.32
N ALA A 518 -11.36 0.03 24.40
CA ALA A 518 -12.37 1.04 24.69
C ALA A 518 -13.54 1.18 23.71
N GLY A 519 -13.72 0.21 22.82
CA GLY A 519 -14.83 0.14 21.89
C GLY A 519 -16.17 0.02 22.60
N PRO A 520 -17.31 0.27 21.92
CA PRO A 520 -18.62 0.13 22.61
C PRO A 520 -18.88 -1.30 23.08
N CYS A 521 -19.27 -1.48 24.35
CA CYS A 521 -19.52 -2.77 24.99
C CYS A 521 -18.24 -3.61 25.18
N SER A 522 -17.11 -2.95 25.35
CA SER A 522 -15.88 -3.67 25.59
C SER A 522 -15.60 -3.82 27.09
N GLN A 523 -14.69 -4.72 27.42
CA GLN A 523 -14.26 -4.95 28.79
C GLN A 523 -12.83 -5.39 28.73
N LYS A 524 -11.95 -4.58 29.31
CA LYS A 524 -10.50 -4.84 29.37
C LYS A 524 -10.05 -5.19 30.79
N ALA A 525 -10.89 -4.88 31.80
CA ALA A 525 -10.62 -5.21 33.21
C ALA A 525 -11.48 -6.41 33.59
N ASP A 526 -10.84 -7.56 33.77
CA ASP A 526 -11.55 -8.80 34.07
C ASP A 526 -10.70 -9.74 34.94
N THR A 527 -11.26 -10.90 35.31
CA THR A 527 -10.51 -11.86 36.14
C THR A 527 -9.86 -12.96 35.28
N VAL A 528 -9.76 -12.82 33.94
CA VAL A 528 -9.13 -13.84 33.07
C VAL A 528 -7.56 -13.98 33.27
N PHE A 529 -7.04 -15.23 33.25
CA PHE A 529 -5.59 -15.48 33.31
C PHE A 529 -5.03 -15.49 31.88
N ARG A 530 -4.00 -14.66 31.59
CA ARG A 530 -3.41 -14.62 30.24
C ARG A 530 -1.90 -14.66 30.22
N LEU A 531 -1.35 -15.34 29.18
CA LEU A 531 0.09 -15.37 28.88
C LEU A 531 0.25 -14.64 27.55
N ASN A 532 0.61 -13.37 27.65
CA ASN A 532 0.68 -12.52 26.48
C ASN A 532 1.87 -11.55 26.47
N TRP A 533 1.84 -10.51 25.62
CA TRP A 533 2.89 -9.50 25.51
C TRP A 533 3.08 -8.74 26.83
N ALA A 534 1.97 -8.37 27.50
CA ALA A 534 1.92 -7.70 28.80
C ALA A 534 2.63 -8.53 29.88
N THR A 535 2.49 -9.89 29.82
CA THR A 535 3.16 -10.82 30.75
C THR A 535 4.68 -10.60 30.63
N TYR A 536 5.20 -10.50 29.39
CA TYR A 536 6.63 -10.25 29.11
C TYR A 536 7.04 -8.83 29.56
N LEU A 537 6.24 -7.81 29.23
CA LEU A 537 6.59 -6.43 29.59
C LEU A 537 6.74 -6.19 31.09
N ALA A 538 5.95 -6.88 31.92
CA ALA A 538 6.01 -6.78 33.37
C ALA A 538 7.08 -7.71 33.95
N SER A 539 7.16 -8.98 33.46
CA SER A 539 8.12 -9.98 33.96
C SER A 539 9.59 -9.68 33.60
N THR A 540 9.88 -9.38 32.31
CA THR A 540 11.25 -9.12 31.85
C THR A 540 11.62 -7.64 31.86
N GLU A 541 10.73 -6.76 31.35
CA GLU A 541 11.00 -5.33 31.22
C GLU A 541 10.64 -4.43 32.41
N ASN A 542 9.94 -4.99 33.41
CA ASN A 542 9.50 -4.33 34.66
C ASN A 542 8.64 -3.09 34.42
N ILE A 543 7.70 -3.23 33.48
CA ILE A 543 6.74 -2.19 33.07
C ILE A 543 5.37 -2.58 33.63
N ILE A 544 4.64 -1.61 34.22
CA ILE A 544 3.26 -1.86 34.65
C ILE A 544 2.40 -1.71 33.38
N VAL A 545 1.65 -2.75 33.05
CA VAL A 545 0.72 -2.73 31.92
C VAL A 545 -0.70 -2.57 32.52
N ALA A 546 -1.32 -1.40 32.32
CA ALA A 546 -2.64 -1.10 32.82
C ALA A 546 -3.73 -1.06 31.73
N SER A 547 -4.95 -1.48 32.09
CA SER A 547 -6.13 -1.43 31.22
C SER A 547 -7.25 -0.81 32.04
N PHE A 548 -8.09 -0.01 31.40
CA PHE A 548 -9.18 0.71 32.06
C PHE A 548 -10.49 0.62 31.26
N ASP A 549 -11.62 0.43 31.98
CA ASP A 549 -12.97 0.36 31.42
C ASP A 549 -13.78 1.60 31.82
N GLY A 550 -13.83 2.58 30.92
CA GLY A 550 -14.55 3.82 31.14
C GLY A 550 -15.92 3.88 30.48
N ARG A 551 -16.39 5.09 30.18
CA ARG A 551 -17.68 5.27 29.51
C ARG A 551 -17.68 4.59 28.12
N GLY A 552 -18.76 3.88 27.83
CA GLY A 552 -18.91 3.06 26.62
C GLY A 552 -18.62 1.57 26.89
N SER A 553 -17.92 1.26 28.00
CA SER A 553 -17.60 -0.12 28.35
C SER A 553 -18.90 -0.89 28.71
N GLY A 554 -18.88 -2.21 28.56
CA GLY A 554 -20.06 -3.01 28.78
C GLY A 554 -20.16 -3.74 30.10
N TYR A 555 -21.27 -4.52 30.22
CA TYR A 555 -21.61 -5.40 31.33
C TYR A 555 -21.83 -4.68 32.68
N GLN A 556 -22.10 -3.35 32.61
CA GLN A 556 -22.33 -2.47 33.78
C GLN A 556 -23.60 -1.61 33.63
N GLY A 557 -24.47 -1.96 32.68
CA GLY A 557 -25.69 -1.19 32.45
C GLY A 557 -25.56 -0.19 31.32
N ASP A 558 -26.69 0.27 30.79
CA ASP A 558 -26.77 1.20 29.68
C ASP A 558 -26.34 2.63 29.99
N LYS A 559 -26.41 3.07 31.28
CA LYS A 559 -25.95 4.41 31.65
C LYS A 559 -24.48 4.58 31.27
N ILE A 560 -23.67 3.52 31.50
CA ILE A 560 -22.25 3.49 31.14
C ILE A 560 -22.08 3.20 29.65
N MET A 561 -22.74 2.14 29.13
CA MET A 561 -22.59 1.71 27.73
C MET A 561 -23.05 2.73 26.69
N HIS A 562 -24.24 3.30 26.88
CA HIS A 562 -24.82 4.27 25.93
C HIS A 562 -24.28 5.70 26.04
N ALA A 563 -23.38 5.97 27.01
CA ALA A 563 -22.79 7.30 27.24
C ALA A 563 -22.08 7.82 26.00
N ILE A 564 -21.70 6.87 25.15
CA ILE A 564 -20.97 7.01 23.91
C ILE A 564 -21.84 7.12 22.66
N ASN A 565 -23.15 7.02 22.81
CA ASN A 565 -24.09 7.03 21.69
C ASN A 565 -23.99 8.29 20.83
N ARG A 566 -23.88 8.09 19.48
CA ARG A 566 -23.74 9.16 18.45
C ARG A 566 -22.48 10.04 18.69
N ARG A 567 -21.55 9.57 19.57
CA ARG A 567 -20.39 10.31 20.01
C ARG A 567 -19.08 9.50 20.19
N LEU A 568 -18.76 8.63 19.21
CA LEU A 568 -17.53 7.84 19.25
C LEU A 568 -16.30 8.75 19.20
N GLY A 569 -15.30 8.43 20.01
CA GLY A 569 -14.07 9.21 20.08
C GLY A 569 -14.13 10.45 20.94
N THR A 570 -15.03 10.44 21.96
CA THR A 570 -15.17 11.54 22.92
C THR A 570 -14.86 11.01 24.32
N PHE A 571 -15.89 10.50 25.06
CA PHE A 571 -15.77 10.02 26.43
C PHE A 571 -14.85 8.84 26.66
N GLU A 572 -14.76 7.91 25.69
CA GLU A 572 -13.86 6.75 25.84
C GLU A 572 -12.39 7.16 25.71
N VAL A 573 -12.12 8.24 24.97
CA VAL A 573 -10.77 8.82 24.78
C VAL A 573 -10.41 9.60 26.07
N GLU A 574 -11.30 10.54 26.50
CA GLU A 574 -11.17 11.36 27.71
C GLU A 574 -10.92 10.50 28.95
N ASP A 575 -11.69 9.40 29.09
CA ASP A 575 -11.61 8.46 30.21
C ASP A 575 -10.29 7.70 30.29
N GLN A 576 -9.66 7.42 29.14
CA GLN A 576 -8.32 6.81 29.08
C GLN A 576 -7.27 7.83 29.57
N ILE A 577 -7.44 9.11 29.20
CA ILE A 577 -6.57 10.22 29.64
C ILE A 577 -6.68 10.38 31.18
N GLU A 578 -7.91 10.43 31.72
CA GLU A 578 -8.18 10.56 33.15
C GLU A 578 -7.66 9.38 33.98
N ALA A 579 -7.75 8.14 33.43
CA ALA A 579 -7.28 6.91 34.09
C ALA A 579 -5.78 6.98 34.29
N ALA A 580 -5.05 7.38 33.23
CA ALA A 580 -3.60 7.57 33.25
C ALA A 580 -3.21 8.69 34.23
N ARG A 581 -3.98 9.81 34.28
CA ARG A 581 -3.76 10.90 35.24
C ARG A 581 -3.88 10.37 36.67
N GLN A 582 -4.88 9.50 36.91
CA GLN A 582 -5.11 8.89 38.22
C GLN A 582 -4.07 7.81 38.57
N PHE A 583 -3.55 7.09 37.56
CA PHE A 583 -2.49 6.10 37.81
C PHE A 583 -1.18 6.82 38.10
N SER A 584 -0.99 8.01 37.52
CA SER A 584 0.17 8.88 37.70
C SER A 584 0.21 9.38 39.17
N LYS A 585 -0.98 9.65 39.76
CA LYS A 585 -1.25 10.08 41.15
C LYS A 585 -0.83 9.03 42.19
N MET A 586 -0.84 7.74 41.80
CA MET A 586 -0.36 6.60 42.61
C MET A 586 1.18 6.76 42.57
N GLY A 587 1.82 6.65 43.71
CA GLY A 587 3.27 6.89 43.85
C GLY A 587 4.24 5.84 43.35
N PHE A 588 3.76 4.85 42.59
CA PHE A 588 4.61 3.78 42.03
C PHE A 588 4.76 3.90 40.49
N VAL A 589 4.25 5.01 39.92
CA VAL A 589 4.30 5.24 38.49
C VAL A 589 5.21 6.43 38.20
N ASP A 590 6.14 6.26 37.23
CA ASP A 590 7.00 7.33 36.75
C ASP A 590 6.16 8.11 35.75
N ASN A 591 5.77 9.35 36.12
CA ASN A 591 4.93 10.26 35.35
C ASN A 591 5.58 10.71 34.02
N LYS A 592 6.90 10.53 33.87
CA LYS A 592 7.67 10.87 32.67
C LYS A 592 7.72 9.69 31.69
N ARG A 593 7.32 8.49 32.13
CA ARG A 593 7.34 7.30 31.28
C ARG A 593 5.99 6.62 31.22
N ILE A 594 5.03 7.29 30.58
CA ILE A 594 3.69 6.75 30.37
C ILE A 594 3.45 6.62 28.88
N ALA A 595 3.23 5.38 28.42
CA ALA A 595 2.98 5.08 27.02
C ALA A 595 1.56 4.47 26.84
N ILE A 596 1.07 4.44 25.61
CA ILE A 596 -0.26 3.90 25.31
C ILE A 596 -0.18 3.10 24.02
N TRP A 597 -0.93 2.01 23.93
CA TRP A 597 -0.98 1.25 22.68
C TRP A 597 -2.32 0.58 22.54
N GLY A 598 -2.67 0.25 21.31
CA GLY A 598 -3.91 -0.46 21.04
C GLY A 598 -3.98 -0.92 19.60
N TRP A 599 -4.78 -1.96 19.37
CA TRP A 599 -5.07 -2.62 18.10
C TRP A 599 -6.55 -2.38 17.74
N SER A 600 -6.87 -2.12 16.41
CA SER A 600 -8.24 -1.88 15.85
C SER A 600 -8.86 -0.62 16.48
N TYR A 601 -9.95 -0.77 17.26
CA TYR A 601 -10.58 0.32 17.98
C TYR A 601 -9.54 0.91 18.97
N GLY A 602 -8.72 0.03 19.54
CA GLY A 602 -7.64 0.43 20.44
C GLY A 602 -6.63 1.37 19.80
N GLY A 603 -6.38 1.15 18.49
CA GLY A 603 -5.50 1.96 17.66
C GLY A 603 -6.12 3.32 17.39
N TYR A 604 -7.44 3.36 17.18
CA TYR A 604 -8.18 4.61 17.02
C TYR A 604 -8.11 5.44 18.30
N VAL A 605 -8.38 4.84 19.47
CA VAL A 605 -8.30 5.52 20.79
C VAL A 605 -6.87 6.00 21.10
N THR A 606 -5.85 5.16 20.89
CA THR A 606 -4.42 5.52 21.09
C THR A 606 -4.08 6.77 20.27
N SER A 607 -4.46 6.78 18.97
CA SER A 607 -4.20 7.89 18.07
C SER A 607 -4.94 9.15 18.53
N MET A 608 -6.21 9.02 18.96
CA MET A 608 -7.01 10.13 19.48
C MET A 608 -6.45 10.69 20.79
N VAL A 609 -5.95 9.80 21.68
CA VAL A 609 -5.31 10.19 22.94
C VAL A 609 -3.99 10.93 22.64
N LEU A 610 -3.17 10.39 21.71
CA LEU A 610 -1.90 11.02 21.31
C LEU A 610 -2.06 12.40 20.67
N GLY A 611 -3.16 12.62 19.94
CA GLY A 611 -3.48 13.88 19.30
C GLY A 611 -4.34 14.81 20.14
N SER A 612 -4.58 14.46 21.41
CA SER A 612 -5.40 15.28 22.32
C SER A 612 -4.64 16.47 22.91
N GLY A 613 -3.31 16.38 22.97
CA GLY A 613 -2.45 17.41 23.55
C GLY A 613 -2.57 17.47 25.07
N SER A 614 -2.74 16.30 25.74
CA SER A 614 -2.88 16.19 27.20
C SER A 614 -1.53 16.33 27.91
N GLY A 615 -0.46 15.93 27.21
CA GLY A 615 0.90 15.96 27.72
C GLY A 615 1.22 14.85 28.70
N VAL A 616 0.24 13.96 28.94
CA VAL A 616 0.34 12.81 29.86
C VAL A 616 1.24 11.74 29.25
N PHE A 617 1.07 11.46 27.94
CA PHE A 617 1.79 10.39 27.28
C PHE A 617 3.03 10.81 26.51
N LYS A 618 4.11 10.05 26.70
CA LYS A 618 5.39 10.25 26.03
C LYS A 618 5.32 9.63 24.62
N CYS A 619 4.82 8.40 24.52
CA CYS A 619 4.73 7.69 23.25
C CYS A 619 3.49 6.79 23.16
N GLY A 620 3.31 6.18 22.00
CA GLY A 620 2.17 5.31 21.73
C GLY A 620 2.29 4.55 20.44
N ILE A 621 1.62 3.40 20.38
CA ILE A 621 1.63 2.52 19.20
C ILE A 621 0.21 2.28 18.74
N ALA A 622 -0.13 2.57 17.47
CA ALA A 622 -1.46 2.25 16.97
C ALA A 622 -1.30 1.19 15.88
N VAL A 623 -1.93 0.01 16.11
CA VAL A 623 -1.92 -1.10 15.16
C VAL A 623 -3.28 -1.17 14.49
N ALA A 624 -3.27 -1.18 13.13
CA ALA A 624 -4.47 -1.22 12.27
C ALA A 624 -5.61 -0.31 12.83
N PRO A 625 -5.35 0.99 13.09
CA PRO A 625 -6.41 1.84 13.64
C PRO A 625 -7.45 2.28 12.62
N VAL A 626 -8.66 2.60 13.14
CA VAL A 626 -9.69 3.30 12.41
C VAL A 626 -9.17 4.77 12.55
N SER A 627 -9.35 5.62 11.52
CA SER A 627 -8.91 7.02 11.58
C SER A 627 -10.07 8.02 11.40
N ARG A 628 -11.12 7.60 10.64
CA ARG A 628 -12.32 8.35 10.28
C ARG A 628 -13.45 7.32 10.15
N TRP A 629 -14.60 7.59 10.79
CA TRP A 629 -15.72 6.65 10.79
C TRP A 629 -16.38 6.36 9.43
N GLU A 630 -16.24 7.29 8.46
CA GLU A 630 -16.75 7.12 7.10
C GLU A 630 -15.99 6.00 6.33
N TYR A 631 -14.79 5.62 6.79
CA TYR A 631 -14.03 4.56 6.11
C TYR A 631 -14.40 3.17 6.59
N TYR A 632 -15.09 3.11 7.75
CA TYR A 632 -15.48 1.83 8.34
C TYR A 632 -16.88 1.40 7.88
N ASP A 633 -17.20 0.09 7.95
CA ASP A 633 -18.48 -0.42 7.46
C ASP A 633 -19.72 0.20 8.08
N SER A 634 -20.78 0.25 7.30
CA SER A 634 -22.07 0.82 7.64
C SER A 634 -22.72 0.16 8.86
N VAL A 635 -22.79 -1.19 8.92
CA VAL A 635 -23.45 -1.92 10.02
C VAL A 635 -22.94 -1.57 11.44
N TYR A 636 -21.65 -1.64 11.63
CA TYR A 636 -21.02 -1.33 12.90
C TYR A 636 -21.08 0.15 13.20
N THR A 637 -20.61 1.00 12.27
CA THR A 637 -20.51 2.46 12.43
C THR A 637 -21.85 3.12 12.73
N GLU A 638 -22.87 2.87 11.89
CA GLU A 638 -24.22 3.46 12.02
C GLU A 638 -24.96 3.05 13.27
N ARG A 639 -24.59 1.91 13.87
CA ARG A 639 -25.13 1.42 15.12
C ARG A 639 -24.85 2.44 16.22
N TYR A 640 -23.63 3.00 16.23
CA TYR A 640 -23.20 3.98 17.24
C TYR A 640 -23.17 5.43 16.78
N MET A 641 -23.04 5.69 15.48
CA MET A 641 -22.89 7.05 14.97
C MET A 641 -24.03 7.65 14.16
N GLY A 642 -25.03 6.84 13.79
CA GLY A 642 -26.07 7.31 12.89
C GLY A 642 -25.49 7.41 11.49
N LEU A 643 -26.11 8.22 10.61
CA LEU A 643 -25.63 8.40 9.23
C LEU A 643 -24.74 9.62 9.09
N PRO A 644 -23.72 9.58 8.17
CA PRO A 644 -22.88 10.77 7.94
C PRO A 644 -23.50 11.77 6.95
N THR A 645 -24.63 12.38 7.33
CA THR A 645 -25.36 13.35 6.51
C THR A 645 -25.65 14.59 7.38
N PRO A 646 -25.80 15.82 6.78
CA PRO A 646 -26.04 17.03 7.59
C PRO A 646 -27.30 17.03 8.47
N GLU A 647 -28.33 16.28 8.07
CA GLU A 647 -29.57 16.07 8.82
C GLU A 647 -29.33 15.10 9.99
N ASP A 648 -28.48 14.09 9.79
CA ASP A 648 -28.23 13.10 10.85
C ASP A 648 -27.04 13.44 11.76
N ASN A 649 -25.84 12.90 11.49
CA ASN A 649 -24.71 13.10 12.39
C ASN A 649 -23.36 13.45 11.73
N LEU A 650 -23.39 14.15 10.58
CA LEU A 650 -22.18 14.57 9.87
C LEU A 650 -21.19 15.36 10.75
N ASP A 651 -21.66 16.34 11.54
CA ASP A 651 -20.82 17.16 12.41
C ASP A 651 -19.92 16.32 13.30
N HIS A 652 -20.47 15.27 13.96
CA HIS A 652 -19.65 14.38 14.79
C HIS A 652 -18.73 13.42 14.02
N TYR A 653 -19.09 12.99 12.80
CA TYR A 653 -18.20 12.17 11.97
C TYR A 653 -16.95 13.00 11.59
N ARG A 654 -17.13 14.30 11.33
CA ARG A 654 -16.08 15.27 10.94
C ARG A 654 -15.13 15.71 12.08
N ASN A 655 -15.67 15.81 13.28
CA ASN A 655 -14.99 16.21 14.51
C ASN A 655 -14.28 15.01 15.21
N SER A 656 -14.58 13.75 14.85
CA SER A 656 -14.01 12.57 15.50
C SER A 656 -12.91 11.83 14.70
N THR A 657 -12.21 12.52 13.80
CA THR A 657 -11.12 11.93 13.01
C THR A 657 -9.75 12.10 13.69
N VAL A 658 -8.83 11.17 13.38
CA VAL A 658 -7.45 11.22 13.84
C VAL A 658 -6.68 12.36 13.07
N MET A 659 -6.92 12.47 11.75
CA MET A 659 -6.29 13.47 10.87
C MET A 659 -6.42 14.91 11.39
N SER A 660 -7.60 15.29 11.92
CA SER A 660 -7.86 16.65 12.44
C SER A 660 -7.01 17.04 13.65
N ARG A 661 -6.43 16.04 14.36
CA ARG A 661 -5.58 16.27 15.52
C ARG A 661 -4.08 16.23 15.18
N ALA A 662 -3.72 16.07 13.87
CA ALA A 662 -2.34 15.92 13.40
C ALA A 662 -1.27 16.83 14.05
N GLU A 663 -1.59 18.13 14.29
CA GLU A 663 -0.72 19.13 14.91
C GLU A 663 -0.19 18.70 16.29
N ASN A 664 -1.05 18.09 17.14
CA ASN A 664 -0.70 17.67 18.50
C ASN A 664 0.26 16.48 18.60
N PHE A 665 0.52 15.79 17.48
CA PHE A 665 1.44 14.66 17.43
C PHE A 665 2.91 15.08 17.52
N LYS A 666 3.20 16.41 17.40
CA LYS A 666 4.58 16.94 17.51
C LYS A 666 5.13 16.77 18.93
N GLN A 667 4.21 16.64 19.90
CA GLN A 667 4.46 16.50 21.32
C GLN A 667 4.77 15.04 21.74
N VAL A 668 4.60 14.05 20.83
CA VAL A 668 4.74 12.61 21.14
C VAL A 668 5.57 11.78 20.14
N GLU A 669 6.01 10.56 20.55
CA GLU A 669 6.67 9.59 19.68
C GLU A 669 5.55 8.64 19.28
N TYR A 670 5.34 8.45 17.99
CA TYR A 670 4.23 7.66 17.48
C TYR A 670 4.71 6.59 16.51
N LEU A 671 4.25 5.34 16.71
CA LEU A 671 4.51 4.20 15.83
C LEU A 671 3.19 3.74 15.23
N LEU A 672 3.06 3.84 13.91
CA LEU A 672 1.84 3.50 13.19
C LEU A 672 2.03 2.22 12.39
N ILE A 673 1.18 1.22 12.64
CA ILE A 673 1.34 -0.07 11.96
C ILE A 673 0.04 -0.50 11.32
N HIS A 674 0.14 -1.08 10.10
CA HIS A 674 -1.04 -1.59 9.37
C HIS A 674 -0.63 -2.65 8.34
N GLY A 675 -1.47 -3.65 8.17
CA GLY A 675 -1.30 -4.69 7.16
C GLY A 675 -1.93 -4.20 5.87
N THR A 676 -1.26 -4.46 4.74
CA THR A 676 -1.73 -4.00 3.42
C THR A 676 -3.00 -4.69 2.88
N ALA A 677 -3.25 -5.96 3.24
CA ALA A 677 -4.42 -6.73 2.80
C ALA A 677 -5.53 -6.76 3.86
N ASP A 678 -5.61 -5.71 4.69
CA ASP A 678 -6.62 -5.62 5.73
C ASP A 678 -7.97 -5.32 5.06
N ASP A 679 -8.84 -6.35 4.99
CA ASP A 679 -10.19 -6.29 4.38
C ASP A 679 -11.22 -5.66 5.31
N ASN A 680 -10.85 -5.49 6.57
CA ASN A 680 -11.73 -5.01 7.65
C ASN A 680 -11.53 -3.52 7.90
N VAL A 681 -10.37 -3.13 8.45
CA VAL A 681 -9.97 -1.74 8.66
C VAL A 681 -8.95 -1.53 7.56
N HIS A 682 -9.41 -1.00 6.42
CA HIS A 682 -8.59 -0.84 5.23
C HIS A 682 -7.30 -0.06 5.46
N PHE A 683 -6.22 -0.47 4.79
CA PHE A 683 -4.93 0.22 4.85
C PHE A 683 -5.11 1.76 4.67
N GLN A 684 -6.10 2.14 3.85
CA GLN A 684 -6.56 3.51 3.55
C GLN A 684 -6.65 4.35 4.85
N GLN A 685 -7.14 3.73 5.97
CA GLN A 685 -7.29 4.39 7.26
C GLN A 685 -5.96 4.94 7.78
N SER A 686 -4.88 4.14 7.76
CA SER A 686 -3.52 4.54 8.16
C SER A 686 -2.81 5.37 7.07
N ALA A 687 -3.13 5.12 5.79
CA ALA A 687 -2.59 5.89 4.66
C ALA A 687 -3.03 7.36 4.84
N GLN A 688 -4.22 7.61 5.38
CA GLN A 688 -4.74 8.95 5.62
C GLN A 688 -4.15 9.60 6.85
N ILE A 689 -3.84 8.84 7.90
CA ILE A 689 -3.18 9.36 9.10
C ILE A 689 -1.77 9.82 8.71
N SER A 690 -0.98 8.94 8.06
CA SER A 690 0.41 9.25 7.66
C SER A 690 0.44 10.51 6.79
N LYS A 691 -0.47 10.60 5.80
CA LYS A 691 -0.55 11.77 4.92
C LYS A 691 -0.87 13.03 5.72
N ALA A 692 -1.78 12.97 6.71
CA ALA A 692 -2.05 14.18 7.51
C ALA A 692 -0.87 14.59 8.42
N LEU A 693 -0.07 13.60 8.88
CA LEU A 693 1.10 13.86 9.72
C LEU A 693 2.22 14.48 8.90
N VAL A 694 2.37 14.03 7.66
CA VAL A 694 3.38 14.55 6.71
C VAL A 694 2.99 16.00 6.31
N ASP A 695 1.69 16.25 6.08
CA ASP A 695 1.15 17.56 5.69
C ASP A 695 1.35 18.64 6.75
N VAL A 696 1.65 18.22 7.96
CA VAL A 696 1.82 19.11 9.09
C VAL A 696 3.28 19.10 9.66
N GLY A 697 4.18 18.37 8.99
CA GLY A 697 5.59 18.27 9.37
C GLY A 697 5.87 17.53 10.66
N VAL A 698 5.08 16.48 10.97
CA VAL A 698 5.26 15.67 12.18
C VAL A 698 6.10 14.43 11.87
N ASP A 699 7.19 14.21 12.62
CA ASP A 699 7.97 12.98 12.44
C ASP A 699 7.28 11.91 13.27
N PHE A 700 7.26 10.70 12.73
CA PHE A 700 6.64 9.54 13.35
C PHE A 700 7.33 8.30 12.80
N GLN A 701 6.97 7.13 13.32
CA GLN A 701 7.50 5.83 12.91
C GLN A 701 6.35 5.04 12.27
N ALA A 702 6.65 4.32 11.17
CA ALA A 702 5.63 3.53 10.46
C ALA A 702 6.13 2.12 10.17
N MET A 703 5.19 1.20 9.97
CA MET A 703 5.49 -0.17 9.56
C MET A 703 4.29 -0.73 8.81
N TRP A 704 4.52 -1.20 7.58
CA TRP A 704 3.43 -1.86 6.84
C TRP A 704 3.75 -3.37 6.88
N TYR A 705 2.75 -4.23 6.84
CA TYR A 705 2.97 -5.69 6.75
C TYR A 705 2.30 -6.16 5.46
N THR A 706 3.13 -6.45 4.44
CA THR A 706 2.71 -6.88 3.10
C THR A 706 1.81 -8.09 3.19
N ASP A 707 0.60 -8.03 2.60
CA ASP A 707 -0.36 -9.15 2.54
C ASP A 707 -0.94 -9.65 3.89
N GLU A 708 -0.73 -8.88 4.96
CA GLU A 708 -1.30 -9.26 6.24
C GLU A 708 -2.64 -8.57 6.38
N ASP A 709 -3.58 -9.25 7.03
CA ASP A 709 -4.90 -8.72 7.28
C ASP A 709 -4.97 -8.08 8.66
N HIS A 710 -6.18 -7.86 9.18
CA HIS A 710 -6.43 -7.23 10.50
C HIS A 710 -5.71 -7.88 11.70
N GLY A 711 -5.62 -9.21 11.67
CA GLY A 711 -4.99 -9.97 12.74
C GLY A 711 -3.48 -9.90 12.75
N ILE A 712 -2.80 -9.68 11.55
CA ILE A 712 -1.31 -9.72 11.41
C ILE A 712 -0.87 -11.05 12.12
N ALA A 713 -1.63 -12.11 11.80
CA ALA A 713 -1.66 -13.44 12.41
C ALA A 713 -0.68 -14.46 11.85
N SER A 714 -0.08 -14.21 10.67
CA SER A 714 0.92 -15.12 10.08
C SER A 714 2.08 -15.24 11.07
N SER A 715 2.52 -16.48 11.35
CA SER A 715 3.58 -16.74 12.32
C SER A 715 4.76 -15.72 12.28
N THR A 716 5.40 -15.57 11.11
CA THR A 716 6.54 -14.65 10.96
C THR A 716 6.17 -13.17 11.20
N ALA A 717 4.98 -12.73 10.75
CA ALA A 717 4.46 -11.37 10.95
C ALA A 717 4.15 -11.08 12.40
N HIS A 718 3.50 -12.03 13.13
CA HIS A 718 3.15 -11.91 14.57
C HIS A 718 4.42 -11.71 15.39
N GLN A 719 5.43 -12.53 15.09
CA GLN A 719 6.73 -12.47 15.74
C GLN A 719 7.46 -11.14 15.43
N HIS A 720 7.39 -10.65 14.18
CA HIS A 720 8.05 -9.42 13.77
C HIS A 720 7.40 -8.16 14.39
N ILE A 721 6.08 -8.09 14.38
CA ILE A 721 5.34 -6.96 14.94
C ILE A 721 5.62 -6.79 16.43
N TYR A 722 5.52 -7.87 17.22
CA TYR A 722 5.79 -7.80 18.65
C TYR A 722 7.24 -7.49 18.97
N THR A 723 8.17 -8.00 18.16
CA THR A 723 9.60 -7.68 18.29
C THR A 723 9.82 -6.18 18.01
N HIS A 724 9.21 -5.66 16.94
CA HIS A 724 9.33 -4.24 16.52
C HIS A 724 8.74 -3.28 17.57
N MET A 725 7.54 -3.60 18.13
CA MET A 725 6.89 -2.81 19.18
C MET A 725 7.67 -2.85 20.48
N SER A 726 8.35 -3.98 20.78
CA SER A 726 9.15 -4.11 22.02
C SER A 726 10.35 -3.20 21.97
N HIS A 727 11.06 -3.16 20.82
CA HIS A 727 12.19 -2.25 20.60
C HIS A 727 11.73 -0.79 20.76
N PHE A 728 10.58 -0.43 20.19
CA PHE A 728 10.03 0.93 20.25
C PHE A 728 9.74 1.35 21.71
N ILE A 729 9.00 0.51 22.48
CA ILE A 729 8.63 0.73 23.89
C ILE A 729 9.88 0.90 24.79
N LYS A 730 10.85 -0.01 24.63
CA LYS A 730 12.13 -0.03 25.33
C LYS A 730 12.96 1.22 25.04
N GLN A 731 13.01 1.68 23.78
CA GLN A 731 13.72 2.92 23.41
C GLN A 731 13.04 4.15 24.06
N CYS A 732 11.70 4.23 24.00
CA CYS A 732 10.86 5.30 24.56
C CYS A 732 10.98 5.37 26.10
N PHE A 733 11.14 4.22 26.79
CA PHE A 733 11.30 4.14 28.24
C PHE A 733 12.78 4.10 28.70
N SER A 734 13.74 4.26 27.75
CA SER A 734 15.18 4.22 28.01
C SER A 734 15.63 2.91 28.70
N LEU A 735 15.11 1.76 28.19
CA LEU A 735 15.42 0.40 28.65
C LEU A 735 16.49 -0.28 27.75
N PRO A 736 17.44 -1.07 28.30
CA PRO A 736 18.48 -1.67 27.44
C PRO A 736 18.04 -2.90 26.64
N SER B 9 32.57 29.45 14.65
CA SER B 9 32.91 30.85 14.36
C SER B 9 31.65 31.66 14.00
N ARG B 10 30.85 31.13 13.02
CA ARG B 10 29.59 31.63 12.43
C ARG B 10 28.70 30.45 11.89
N LYS B 11 27.52 30.75 11.28
CA LYS B 11 26.53 29.73 10.84
C LYS B 11 26.94 28.66 9.82
N THR B 12 26.37 27.46 9.96
CA THR B 12 26.57 26.31 9.08
C THR B 12 25.36 26.18 8.12
N TYR B 13 25.48 25.34 7.07
CA TYR B 13 24.38 25.07 6.12
C TYR B 13 23.47 24.00 6.79
N THR B 14 22.35 24.43 7.37
CA THR B 14 21.43 23.58 8.13
C THR B 14 20.46 22.79 7.24
N LEU B 15 19.71 21.82 7.84
CA LEU B 15 18.71 21.00 7.14
C LEU B 15 17.58 21.92 6.66
N THR B 16 17.18 22.88 7.51
CA THR B 16 16.17 23.91 7.26
C THR B 16 16.57 24.76 6.04
N ASP B 17 17.90 25.13 5.90
CA ASP B 17 18.38 25.90 4.74
C ASP B 17 18.14 25.13 3.46
N TYR B 18 18.44 23.81 3.47
CA TYR B 18 18.19 22.93 2.34
C TYR B 18 16.69 22.82 2.04
N LEU B 19 15.89 22.47 3.05
CA LEU B 19 14.45 22.27 2.90
C LEU B 19 13.68 23.54 2.56
N LYS B 20 14.13 24.69 3.04
CA LYS B 20 13.44 25.97 2.79
C LYS B 20 14.05 26.79 1.66
N ASN B 21 15.00 26.20 0.91
CA ASN B 21 15.69 26.83 -0.23
C ASN B 21 16.17 28.27 0.13
N THR B 22 16.81 28.43 1.32
CA THR B 22 17.33 29.69 1.87
C THR B 22 18.36 30.34 0.92
N TYR B 23 19.28 29.54 0.35
CA TYR B 23 20.33 29.95 -0.57
C TYR B 23 20.02 29.50 -2.00
N ARG B 24 19.32 30.36 -2.77
CA ARG B 24 18.90 29.97 -4.13
C ARG B 24 19.92 30.29 -5.21
N LEU B 25 20.11 29.32 -6.12
CA LEU B 25 20.98 29.47 -7.28
C LEU B 25 20.22 30.22 -8.35
N LYS B 26 20.79 31.32 -8.87
CA LYS B 26 20.12 32.07 -9.93
C LYS B 26 20.45 31.47 -11.30
N LEU B 27 19.46 31.46 -12.18
CA LEU B 27 19.58 30.92 -13.53
C LEU B 27 19.41 32.08 -14.55
N TYR B 28 19.66 31.78 -15.81
CA TYR B 28 19.45 32.67 -16.92
C TYR B 28 18.86 31.80 -18.02
N SER B 29 17.55 31.60 -17.92
CA SER B 29 16.82 30.78 -18.89
C SER B 29 16.36 31.67 -20.04
N LEU B 30 16.98 31.46 -21.21
CA LEU B 30 16.71 32.21 -22.42
C LEU B 30 16.10 31.31 -23.51
N ARG B 31 15.32 31.90 -24.44
CA ARG B 31 14.73 31.15 -25.55
C ARG B 31 15.10 31.82 -26.85
N TRP B 32 16.02 31.22 -27.63
CA TRP B 32 16.41 31.74 -28.95
C TRP B 32 15.21 31.73 -29.90
N ILE B 33 14.97 32.84 -30.64
CA ILE B 33 13.81 32.97 -31.54
C ILE B 33 14.24 33.34 -32.96
N SER B 34 15.55 33.50 -33.14
CA SER B 34 16.17 33.87 -34.40
C SER B 34 17.68 33.61 -34.24
N ASP B 35 18.50 34.01 -35.23
CA ASP B 35 19.94 33.87 -35.16
C ASP B 35 20.60 34.98 -34.30
N HIS B 36 19.86 36.02 -33.90
CA HIS B 36 20.47 37.11 -33.14
C HIS B 36 19.63 37.62 -32.00
N GLU B 37 18.44 37.04 -31.82
CA GLU B 37 17.54 37.44 -30.75
C GLU B 37 17.08 36.29 -29.90
N TYR B 38 16.79 36.58 -28.62
CA TYR B 38 16.24 35.62 -27.66
C TYR B 38 15.20 36.26 -26.72
N LEU B 39 14.34 35.44 -26.12
CA LEU B 39 13.34 35.87 -25.16
C LEU B 39 13.85 35.63 -23.76
N TYR B 40 13.53 36.55 -22.83
CA TYR B 40 13.92 36.41 -21.43
C TYR B 40 12.84 36.95 -20.54
N LYS B 41 12.39 36.14 -19.57
CA LYS B 41 11.37 36.60 -18.63
C LYS B 41 12.03 37.37 -17.48
N GLN B 42 11.97 38.71 -17.54
CA GLN B 42 12.58 39.54 -16.50
C GLN B 42 11.57 40.31 -15.66
N GLU B 43 11.01 39.62 -14.63
CA GLU B 43 10.08 40.12 -13.59
C GLU B 43 8.98 41.07 -14.15
N ASN B 44 7.75 40.55 -14.31
CA ASN B 44 6.57 41.29 -14.83
C ASN B 44 6.56 41.54 -16.37
N ASN B 45 7.58 41.03 -17.11
CA ASN B 45 7.72 41.21 -18.56
C ASN B 45 8.50 40.10 -19.25
N ILE B 46 8.15 39.85 -20.51
CA ILE B 46 8.88 38.97 -21.40
C ILE B 46 9.62 40.01 -22.24
N LEU B 47 10.95 39.88 -22.32
CA LEU B 47 11.77 40.80 -23.07
C LEU B 47 12.37 40.10 -24.28
N VAL B 48 12.72 40.88 -25.31
CA VAL B 48 13.43 40.40 -26.53
C VAL B 48 14.85 41.01 -26.43
N PHE B 49 15.90 40.18 -26.51
CA PHE B 49 17.28 40.65 -26.45
C PHE B 49 18.01 40.50 -27.75
N ASN B 50 18.83 41.50 -28.08
CA ASN B 50 19.67 41.51 -29.27
C ASN B 50 21.03 41.02 -28.78
N ALA B 51 21.45 39.81 -29.23
CA ALA B 51 22.70 39.16 -28.82
C ALA B 51 23.97 39.97 -29.05
N GLU B 52 24.15 40.55 -30.26
CA GLU B 52 25.33 41.34 -30.62
C GLU B 52 25.55 42.54 -29.70
N TYR B 53 24.49 43.33 -29.47
CA TYR B 53 24.54 44.56 -28.69
C TYR B 53 24.07 44.51 -27.25
N GLY B 54 23.17 43.61 -26.90
CA GLY B 54 22.69 43.49 -25.53
C GLY B 54 21.49 44.35 -25.24
N ASN B 55 21.08 45.22 -26.22
CA ASN B 55 19.86 45.99 -26.05
C ASN B 55 18.61 45.06 -26.11
N SER B 56 17.55 45.51 -25.46
CA SER B 56 16.33 44.81 -25.32
C SER B 56 15.17 45.75 -25.37
N SER B 57 13.98 45.16 -25.59
CA SER B 57 12.70 45.86 -25.59
C SER B 57 11.61 44.93 -25.03
N VAL B 58 10.65 45.49 -24.28
CA VAL B 58 9.54 44.71 -23.70
C VAL B 58 8.73 44.14 -24.87
N PHE B 59 8.48 42.82 -24.86
CA PHE B 59 7.73 42.12 -25.90
C PHE B 59 6.28 41.95 -25.47
N LEU B 60 6.09 41.66 -24.17
CA LEU B 60 4.79 41.44 -23.55
C LEU B 60 4.89 41.65 -22.04
N GLU B 61 4.10 42.62 -21.53
CA GLU B 61 3.97 42.96 -20.10
C GLU B 61 3.01 41.91 -19.50
N ASN B 62 3.33 41.34 -18.33
CA ASN B 62 2.40 40.34 -17.77
C ASN B 62 1.10 40.92 -17.19
N SER B 63 1.02 42.27 -17.13
CA SER B 63 -0.18 43.04 -16.75
C SER B 63 -1.33 42.79 -17.76
N THR B 64 -0.99 42.33 -19.00
CA THR B 64 -1.92 41.97 -20.09
C THR B 64 -2.94 40.91 -19.64
N PHE B 65 -2.50 39.96 -18.78
CA PHE B 65 -3.34 38.85 -18.31
C PHE B 65 -3.81 38.94 -16.85
N ASP B 66 -3.86 40.15 -16.27
CA ASP B 66 -4.32 40.36 -14.88
C ASP B 66 -5.80 39.96 -14.71
N GLU B 67 -6.60 40.18 -15.77
CA GLU B 67 -8.03 39.87 -15.83
C GLU B 67 -8.33 38.53 -16.57
N PHE B 68 -7.31 37.64 -16.71
CA PHE B 68 -7.43 36.34 -17.37
C PHE B 68 -8.30 35.33 -16.59
N GLY B 69 -8.25 35.41 -15.26
CA GLY B 69 -9.07 34.60 -14.36
C GLY B 69 -8.57 33.22 -14.03
N HIS B 70 -7.33 32.91 -14.42
CA HIS B 70 -6.63 31.64 -14.17
C HIS B 70 -5.14 31.93 -14.03
N SER B 71 -4.44 31.11 -13.26
CA SER B 71 -3.01 31.22 -13.06
C SER B 71 -2.29 30.55 -14.27
N ILE B 72 -1.58 31.35 -15.08
CA ILE B 72 -0.85 30.85 -16.24
C ILE B 72 0.41 30.13 -15.79
N ASN B 73 0.48 28.83 -16.09
CA ASN B 73 1.58 27.94 -15.74
C ASN B 73 2.78 28.17 -16.71
N ASP B 74 2.51 28.31 -18.02
CA ASP B 74 3.55 28.47 -19.03
C ASP B 74 2.95 29.09 -20.28
N TYR B 75 3.80 29.47 -21.23
CA TYR B 75 3.41 30.09 -22.48
C TYR B 75 4.29 29.57 -23.61
N SER B 76 3.88 29.80 -24.84
CA SER B 76 4.65 29.45 -26.02
C SER B 76 4.31 30.45 -27.12
N ILE B 77 5.30 31.25 -27.54
CA ILE B 77 5.09 32.19 -28.64
C ILE B 77 5.26 31.43 -29.93
N SER B 78 4.36 31.69 -30.92
CA SER B 78 4.43 31.05 -32.23
C SER B 78 5.73 31.49 -32.95
N PRO B 79 6.31 30.66 -33.85
CA PRO B 79 7.55 31.08 -34.54
C PRO B 79 7.53 32.46 -35.18
N ASP B 80 6.39 32.86 -35.77
CA ASP B 80 6.23 34.15 -36.42
C ASP B 80 6.00 35.33 -35.47
N GLY B 81 5.86 35.05 -34.17
CA GLY B 81 5.65 36.04 -33.13
C GLY B 81 4.25 36.62 -33.04
N GLN B 82 3.33 36.20 -33.94
CA GLN B 82 1.95 36.67 -34.05
C GLN B 82 1.01 36.26 -32.90
N PHE B 83 1.25 35.07 -32.29
CA PHE B 83 0.43 34.50 -31.22
C PHE B 83 1.23 33.95 -30.07
N ILE B 84 0.57 33.91 -28.91
CA ILE B 84 1.06 33.30 -27.68
C ILE B 84 0.03 32.24 -27.24
N LEU B 85 0.53 31.04 -26.94
CA LEU B 85 -0.28 29.94 -26.44
C LEU B 85 -0.12 29.97 -24.93
N LEU B 86 -1.24 30.10 -24.19
CA LEU B 86 -1.24 30.17 -22.72
C LEU B 86 -1.66 28.87 -22.10
N GLU B 87 -0.85 28.37 -21.17
CA GLU B 87 -1.11 27.10 -20.52
C GLU B 87 -1.51 27.35 -19.10
N TYR B 88 -2.66 26.80 -18.71
CA TYR B 88 -3.22 26.90 -17.37
C TYR B 88 -3.89 25.57 -17.02
N ASN B 89 -4.39 25.43 -15.77
CA ASN B 89 -5.03 24.20 -15.27
C ASN B 89 -4.12 22.95 -15.46
N TYR B 90 -2.79 23.14 -15.33
CA TYR B 90 -1.76 22.11 -15.46
C TYR B 90 -2.00 20.97 -14.44
N VAL B 91 -2.05 19.73 -14.95
CA VAL B 91 -2.25 18.51 -14.14
C VAL B 91 -1.13 17.55 -14.56
N LYS B 92 -0.15 17.34 -13.67
CA LYS B 92 0.99 16.44 -13.92
C LYS B 92 0.54 14.98 -14.02
N GLN B 93 1.14 14.25 -14.99
CA GLN B 93 0.89 12.83 -15.18
C GLN B 93 2.19 12.09 -14.84
N TRP B 94 2.99 11.68 -15.85
CA TRP B 94 4.21 10.94 -15.52
C TRP B 94 5.41 11.87 -15.44
N ARG B 95 6.63 11.40 -15.73
CA ARG B 95 7.83 12.25 -15.68
C ARG B 95 7.72 13.44 -16.65
N HIS B 96 7.22 13.19 -17.87
CA HIS B 96 7.13 14.25 -18.89
C HIS B 96 5.73 14.72 -19.21
N SER B 97 4.77 13.80 -19.22
CA SER B 97 3.37 14.06 -19.56
C SER B 97 2.60 14.86 -18.52
N TYR B 98 1.58 15.56 -19.01
CA TYR B 98 0.62 16.35 -18.22
C TYR B 98 -0.56 16.70 -19.09
N THR B 99 -1.61 17.27 -18.49
CA THR B 99 -2.80 17.77 -19.21
C THR B 99 -2.98 19.21 -18.82
N ALA B 100 -3.57 20.01 -19.72
CA ALA B 100 -3.81 21.41 -19.42
C ALA B 100 -4.90 21.98 -20.28
N SER B 101 -5.34 23.20 -19.88
CA SER B 101 -6.28 24.01 -20.65
C SER B 101 -5.40 25.02 -21.38
N TYR B 102 -5.79 25.36 -22.61
CA TYR B 102 -5.01 26.26 -23.45
C TYR B 102 -5.87 27.33 -24.10
N ASP B 103 -5.33 28.55 -24.09
CA ASP B 103 -5.95 29.70 -24.74
C ASP B 103 -4.92 30.38 -25.61
N ILE B 104 -5.35 30.97 -26.73
CA ILE B 104 -4.47 31.68 -27.68
C ILE B 104 -4.82 33.15 -27.68
N TYR B 105 -3.80 34.01 -27.56
CA TYR B 105 -3.94 35.47 -27.54
C TYR B 105 -3.29 36.04 -28.80
N ASP B 106 -4.04 36.85 -29.58
CA ASP B 106 -3.50 37.50 -30.79
C ASP B 106 -2.69 38.71 -30.33
N LEU B 107 -1.37 38.70 -30.60
CA LEU B 107 -0.46 39.77 -30.17
C LEU B 107 -0.61 41.06 -30.95
N ASN B 108 -1.10 40.98 -32.20
CA ASN B 108 -1.32 42.15 -33.03
C ASN B 108 -2.70 42.74 -32.72
N LYS B 109 -3.75 41.90 -32.75
CA LYS B 109 -5.13 42.32 -32.47
C LYS B 109 -5.33 42.65 -30.99
N ARG B 110 -4.40 42.17 -30.10
CA ARG B 110 -4.38 42.35 -28.63
C ARG B 110 -5.67 41.87 -27.96
N GLN B 111 -6.08 40.63 -28.30
CA GLN B 111 -7.28 40.00 -27.77
C GLN B 111 -7.20 38.47 -27.78
N LEU B 112 -7.95 37.85 -26.87
CA LEU B 112 -8.06 36.40 -26.75
C LEU B 112 -8.91 35.82 -27.87
N ILE B 113 -8.50 34.65 -28.38
CA ILE B 113 -9.25 33.92 -29.41
C ILE B 113 -10.40 33.17 -28.69
N THR B 114 -11.65 33.64 -28.90
CA THR B 114 -12.83 33.11 -28.25
C THR B 114 -13.54 32.01 -29.04
N GLU B 115 -13.23 31.91 -30.34
CA GLU B 115 -13.87 30.94 -31.25
C GLU B 115 -12.93 29.80 -31.60
N GLU B 116 -13.49 28.57 -31.67
CA GLU B 116 -12.75 27.34 -32.02
C GLU B 116 -11.54 27.12 -31.09
N ARG B 117 -11.76 27.29 -29.77
CA ARG B 117 -10.76 27.15 -28.72
C ARG B 117 -10.21 25.73 -28.61
N ILE B 118 -8.94 25.60 -28.20
CA ILE B 118 -8.33 24.29 -27.95
C ILE B 118 -9.17 23.69 -26.84
N PRO B 119 -9.70 22.45 -27.00
CA PRO B 119 -10.59 21.91 -25.94
C PRO B 119 -9.91 21.68 -24.61
N ALA B 120 -10.70 21.64 -23.54
CA ALA B 120 -10.20 21.35 -22.20
C ALA B 120 -9.75 19.89 -22.20
N ASN B 121 -8.77 19.55 -21.31
CA ASN B 121 -8.19 18.20 -21.20
C ASN B 121 -7.31 17.86 -22.43
N THR B 122 -6.58 18.86 -22.97
CA THR B 122 -5.69 18.65 -24.12
C THR B 122 -4.39 18.01 -23.61
N GLN B 123 -3.97 16.93 -24.27
CA GLN B 123 -2.80 16.15 -23.89
C GLN B 123 -1.47 16.75 -24.30
N TRP B 124 -1.42 17.41 -25.47
CA TRP B 124 -0.21 18.02 -25.99
C TRP B 124 -0.55 19.00 -27.11
N VAL B 125 0.08 20.20 -27.11
CA VAL B 125 -0.07 21.23 -28.14
C VAL B 125 1.33 21.56 -28.69
N THR B 126 1.44 21.78 -30.00
CA THR B 126 2.71 22.13 -30.66
C THR B 126 2.51 23.11 -31.83
N TRP B 127 3.27 24.23 -31.82
CA TRP B 127 3.32 25.15 -32.96
C TRP B 127 4.14 24.43 -34.05
N SER B 128 3.87 24.74 -35.33
CA SER B 128 4.68 24.26 -36.46
C SER B 128 6.06 24.95 -36.30
N PRO B 129 7.18 24.49 -36.95
CA PRO B 129 8.49 25.16 -36.71
C PRO B 129 8.59 26.58 -37.27
N VAL B 130 7.73 26.91 -38.25
CA VAL B 130 7.61 28.21 -38.90
C VAL B 130 6.13 28.56 -39.05
N GLY B 131 5.82 29.85 -38.94
CA GLY B 131 4.45 30.35 -39.08
C GLY B 131 3.59 30.21 -37.82
N HIS B 132 2.34 29.77 -37.98
CA HIS B 132 1.41 29.67 -36.86
C HIS B 132 0.43 28.48 -36.90
N LYS B 133 0.82 27.34 -37.54
CA LYS B 133 -0.04 26.14 -37.54
C LYS B 133 0.08 25.47 -36.16
N LEU B 134 -0.98 24.75 -35.73
CA LEU B 134 -1.02 24.04 -34.47
C LEU B 134 -1.37 22.60 -34.65
N ALA B 135 -0.73 21.74 -33.86
CA ALA B 135 -1.05 20.33 -33.84
C ALA B 135 -1.30 20.03 -32.38
N TYR B 136 -2.47 19.47 -32.07
CA TYR B 136 -2.78 19.10 -30.69
C TYR B 136 -3.39 17.73 -30.63
N VAL B 137 -3.28 17.12 -29.44
CA VAL B 137 -3.79 15.79 -29.16
C VAL B 137 -4.86 15.94 -28.08
N TRP B 138 -6.07 15.42 -28.39
CA TRP B 138 -7.23 15.43 -27.49
C TRP B 138 -7.95 14.09 -27.63
N ASN B 139 -8.08 13.36 -26.49
CA ASN B 139 -8.66 12.02 -26.41
C ASN B 139 -7.93 11.01 -27.31
N ASN B 140 -6.58 11.08 -27.30
CA ASN B 140 -5.65 10.20 -28.04
C ASN B 140 -5.68 10.35 -29.57
N ASP B 141 -6.33 11.42 -30.09
CA ASP B 141 -6.44 11.75 -31.51
C ASP B 141 -5.74 13.05 -31.86
N ILE B 142 -5.21 13.14 -33.11
CA ILE B 142 -4.50 14.33 -33.60
C ILE B 142 -5.46 15.29 -34.34
N TYR B 143 -5.29 16.59 -34.07
CA TYR B 143 -6.05 17.67 -34.65
C TYR B 143 -5.09 18.75 -35.14
N VAL B 144 -5.39 19.34 -36.28
CA VAL B 144 -4.55 20.38 -36.90
C VAL B 144 -5.35 21.67 -37.12
N LYS B 145 -4.82 22.82 -36.68
CA LYS B 145 -5.39 24.16 -36.93
C LYS B 145 -4.42 24.90 -37.83
N ILE B 146 -4.89 25.33 -39.00
CA ILE B 146 -4.07 26.07 -39.94
C ILE B 146 -3.92 27.50 -39.40
N GLU B 147 -4.99 28.03 -38.79
CA GLU B 147 -5.01 29.34 -38.16
C GLU B 147 -5.69 29.26 -36.78
N PRO B 148 -5.20 30.00 -35.75
CA PRO B 148 -5.77 29.86 -34.39
C PRO B 148 -7.27 30.10 -34.18
N ASN B 149 -7.91 30.92 -35.04
CA ASN B 149 -9.36 31.22 -34.95
C ASN B 149 -10.23 30.28 -35.83
N LEU B 150 -9.57 29.41 -36.64
CA LEU B 150 -10.26 28.50 -37.56
C LEU B 150 -10.53 27.12 -36.96
N PRO B 151 -11.54 26.35 -37.46
CA PRO B 151 -11.80 25.02 -36.88
C PRO B 151 -10.65 24.02 -37.16
N SER B 152 -10.54 23.03 -36.29
CA SER B 152 -9.52 22.01 -36.40
C SER B 152 -9.92 20.98 -37.45
N TYR B 153 -8.91 20.32 -38.03
CA TYR B 153 -9.07 19.21 -38.94
C TYR B 153 -8.70 17.98 -38.12
N ARG B 154 -9.52 16.94 -38.17
CA ARG B 154 -9.22 15.73 -37.43
C ARG B 154 -8.32 14.86 -38.31
N ILE B 155 -7.19 14.40 -37.75
CA ILE B 155 -6.23 13.58 -38.46
C ILE B 155 -6.45 12.08 -38.24
N THR B 156 -6.72 11.68 -36.98
CA THR B 156 -6.90 10.28 -36.57
C THR B 156 -8.26 10.05 -35.93
N TRP B 157 -8.82 8.84 -36.09
CA TRP B 157 -10.14 8.47 -35.58
C TRP B 157 -10.06 7.22 -34.70
N THR B 158 -8.85 6.66 -34.57
CA THR B 158 -8.53 5.41 -33.83
C THR B 158 -8.25 5.55 -32.31
N GLY B 159 -8.08 6.78 -31.82
CA GLY B 159 -7.76 7.08 -30.43
C GLY B 159 -8.68 6.38 -29.45
N LYS B 160 -8.08 5.70 -28.46
CA LYS B 160 -8.81 4.93 -27.44
C LYS B 160 -8.02 4.90 -26.12
N GLU B 161 -8.62 5.45 -25.04
CA GLU B 161 -8.00 5.54 -23.70
C GLU B 161 -7.32 4.23 -23.27
N ASP B 162 -6.01 4.31 -22.99
CA ASP B 162 -5.14 3.19 -22.56
C ASP B 162 -4.89 2.10 -23.61
N ILE B 163 -5.39 2.30 -24.86
CA ILE B 163 -5.28 1.29 -25.91
C ILE B 163 -4.54 1.81 -27.16
N ILE B 164 -5.08 2.83 -27.83
CA ILE B 164 -4.48 3.43 -29.00
C ILE B 164 -4.07 4.85 -28.67
N TYR B 165 -2.80 5.18 -28.95
CA TYR B 165 -2.25 6.52 -28.73
C TYR B 165 -1.79 7.11 -30.07
N ASN B 166 -2.35 8.25 -30.50
CA ASN B 166 -1.89 8.89 -31.74
C ASN B 166 -1.25 10.23 -31.40
N GLY B 167 0.02 10.39 -31.74
CA GLY B 167 0.75 11.64 -31.53
C GLY B 167 1.25 11.89 -30.12
N ILE B 168 0.98 10.95 -29.21
CA ILE B 168 1.44 10.93 -27.82
C ILE B 168 1.92 9.52 -27.52
N THR B 169 2.81 9.38 -26.55
CA THR B 169 3.36 8.09 -26.17
C THR B 169 2.56 7.41 -25.05
N ASP B 170 2.80 6.09 -24.87
CA ASP B 170 2.25 5.31 -23.76
C ASP B 170 3.29 5.44 -22.61
N TRP B 171 3.07 4.80 -21.47
CA TRP B 171 3.99 4.90 -20.33
C TRP B 171 5.46 4.61 -20.71
N VAL B 172 5.71 3.43 -21.28
CA VAL B 172 7.05 2.94 -21.59
C VAL B 172 7.83 3.76 -22.63
N TYR B 173 7.13 4.29 -23.67
CA TYR B 173 7.78 5.14 -24.69
C TYR B 173 8.16 6.47 -24.13
N GLU B 174 7.33 7.03 -23.24
CA GLU B 174 7.63 8.30 -22.58
C GLU B 174 8.82 8.18 -21.68
N GLU B 175 8.86 7.15 -20.82
CA GLU B 175 9.91 6.97 -19.85
C GLU B 175 11.26 6.48 -20.43
N GLU B 176 11.22 5.50 -21.32
CA GLU B 176 12.42 4.82 -21.80
C GLU B 176 12.91 5.10 -23.20
N VAL B 177 12.02 5.45 -24.13
CA VAL B 177 12.41 5.60 -25.53
C VAL B 177 12.54 7.04 -25.94
N PHE B 178 11.45 7.82 -25.84
CA PHE B 178 11.48 9.21 -26.26
C PHE B 178 11.88 10.18 -25.17
N SER B 179 11.75 9.82 -23.87
CA SER B 179 12.02 10.76 -22.75
C SER B 179 11.22 12.05 -22.98
N ALA B 180 9.96 11.87 -23.46
CA ALA B 180 9.02 12.91 -23.83
C ALA B 180 7.67 12.27 -24.07
N TYR B 181 6.59 13.07 -23.89
CA TYR B 181 5.21 12.69 -24.13
C TYR B 181 4.84 12.71 -25.62
N SER B 182 5.28 13.74 -26.33
CA SER B 182 4.99 13.96 -27.74
C SER B 182 5.53 12.87 -28.67
N ALA B 183 4.73 12.51 -29.66
CA ALA B 183 5.06 11.55 -30.71
C ALA B 183 4.54 12.15 -32.02
N LEU B 184 4.81 13.46 -32.18
CA LEU B 184 4.44 14.35 -33.30
C LEU B 184 5.70 15.11 -33.77
N TRP B 185 6.04 15.05 -35.08
CA TRP B 185 7.20 15.77 -35.64
C TRP B 185 6.86 16.50 -36.93
N TRP B 186 6.73 17.84 -36.85
CA TRP B 186 6.45 18.73 -38.00
C TRP B 186 7.67 18.76 -38.89
N SER B 187 7.50 18.84 -40.23
CA SER B 187 8.64 19.00 -41.14
C SER B 187 9.18 20.44 -41.00
N PRO B 188 10.45 20.76 -41.38
CA PRO B 188 10.96 22.14 -41.16
C PRO B 188 10.06 23.27 -41.66
N ASN B 189 9.43 23.09 -42.87
CA ASN B 189 8.47 23.99 -43.55
C ASN B 189 7.14 24.09 -42.80
N GLY B 190 6.78 23.00 -42.11
CA GLY B 190 5.49 22.86 -41.46
C GLY B 190 4.48 22.26 -42.42
N THR B 191 4.94 21.79 -43.61
CA THR B 191 4.12 21.19 -44.67
C THR B 191 3.60 19.84 -44.20
N PHE B 192 4.50 18.99 -43.70
CA PHE B 192 4.14 17.66 -43.24
C PHE B 192 4.13 17.58 -41.74
N LEU B 193 3.32 16.65 -41.25
CA LEU B 193 3.25 16.32 -39.84
C LEU B 193 3.43 14.82 -39.78
N ALA B 194 4.52 14.39 -39.16
CA ALA B 194 4.79 12.97 -38.99
C ALA B 194 4.39 12.57 -37.56
N TYR B 195 3.82 11.39 -37.42
CA TYR B 195 3.41 10.91 -36.11
C TYR B 195 3.50 9.42 -35.97
N ALA B 196 3.65 9.00 -34.72
CA ALA B 196 3.70 7.62 -34.30
C ALA B 196 2.36 7.25 -33.67
N GLN B 197 1.97 6.01 -33.92
CA GLN B 197 0.78 5.44 -33.31
C GLN B 197 1.23 4.26 -32.40
N PHE B 198 0.78 4.25 -31.14
CA PHE B 198 1.09 3.18 -30.18
C PHE B 198 -0.14 2.36 -29.86
N ASN B 199 0.02 1.04 -29.90
CA ASN B 199 -1.05 0.09 -29.62
C ASN B 199 -0.68 -0.76 -28.40
N ASP B 200 -1.42 -0.56 -27.29
CA ASP B 200 -1.21 -1.24 -26.01
C ASP B 200 -2.28 -2.29 -25.70
N THR B 201 -3.03 -2.78 -26.72
CA THR B 201 -4.11 -3.76 -26.55
C THR B 201 -3.79 -4.92 -25.59
N GLU B 202 -2.69 -5.65 -25.81
CA GLU B 202 -2.33 -6.81 -24.98
C GLU B 202 -1.22 -6.55 -23.93
N VAL B 203 -0.97 -5.26 -23.62
CA VAL B 203 0.03 -4.92 -22.63
C VAL B 203 -0.61 -5.05 -21.25
N PRO B 204 -0.01 -5.85 -20.31
CA PRO B 204 -0.62 -5.98 -18.97
C PRO B 204 -0.62 -4.67 -18.17
N LEU B 205 -1.63 -4.51 -17.32
CA LEU B 205 -1.81 -3.32 -16.52
C LEU B 205 -1.22 -3.42 -15.17
N ILE B 206 -0.47 -2.38 -14.72
CA ILE B 206 -0.05 -2.28 -13.33
C ILE B 206 -1.25 -1.60 -12.66
N GLU B 207 -1.66 -2.09 -11.50
CA GLU B 207 -2.79 -1.56 -10.76
C GLU B 207 -2.35 -1.21 -9.36
N TYR B 208 -2.78 -0.06 -8.83
CA TYR B 208 -2.44 0.39 -7.49
C TYR B 208 -3.47 1.38 -6.95
N SER B 209 -3.59 1.42 -5.62
CA SER B 209 -4.51 2.30 -4.93
C SER B 209 -4.02 3.73 -4.92
N PHE B 210 -4.96 4.67 -5.09
CA PHE B 210 -4.75 6.10 -4.96
C PHE B 210 -5.76 6.50 -3.90
N TYR B 211 -5.25 6.97 -2.77
CA TYR B 211 -6.08 7.32 -1.63
C TYR B 211 -6.74 8.68 -1.72
N SER B 212 -6.08 9.66 -2.40
CA SER B 212 -6.58 11.02 -2.63
C SER B 212 -6.80 11.78 -1.30
N ASP B 213 -7.66 12.79 -1.30
CA ASP B 213 -8.01 13.56 -0.11
C ASP B 213 -8.88 12.73 0.84
N GLU B 214 -8.87 13.14 2.12
CA GLU B 214 -9.60 12.60 3.25
C GLU B 214 -11.09 12.36 2.92
N SER B 215 -11.66 13.26 2.08
CA SER B 215 -13.07 13.28 1.66
C SER B 215 -13.47 12.10 0.75
N LEU B 216 -12.49 11.48 0.07
CA LEU B 216 -12.78 10.32 -0.78
C LEU B 216 -13.01 9.07 0.11
N GLN B 217 -14.23 8.57 0.10
CA GLN B 217 -14.64 7.43 0.90
C GLN B 217 -14.04 6.11 0.44
N TYR B 218 -13.96 5.89 -0.87
CA TYR B 218 -13.38 4.65 -1.40
C TYR B 218 -12.13 4.97 -2.17
N PRO B 219 -10.98 4.30 -1.89
CA PRO B 219 -9.75 4.56 -2.66
C PRO B 219 -9.98 4.22 -4.13
N LYS B 220 -9.25 4.92 -5.01
CA LYS B 220 -9.35 4.70 -6.44
C LYS B 220 -8.28 3.70 -6.87
N THR B 221 -8.57 2.82 -7.82
CA THR B 221 -7.56 1.94 -8.40
C THR B 221 -7.06 2.59 -9.71
N VAL B 222 -5.75 2.85 -9.81
CA VAL B 222 -5.06 3.42 -10.98
C VAL B 222 -4.61 2.19 -11.82
N ARG B 223 -4.91 2.19 -13.13
CA ARG B 223 -4.59 1.08 -14.04
C ARG B 223 -3.83 1.66 -15.23
N VAL B 224 -2.58 1.25 -15.38
CA VAL B 224 -1.66 1.78 -16.40
C VAL B 224 -1.07 0.65 -17.23
N PRO B 225 -1.22 0.66 -18.58
CA PRO B 225 -0.50 -0.34 -19.40
C PRO B 225 1.00 -0.11 -19.19
N TYR B 226 1.68 -1.14 -18.69
CA TYR B 226 3.08 -1.11 -18.30
C TYR B 226 3.67 -2.48 -18.55
N PRO B 227 4.54 -2.67 -19.57
CA PRO B 227 5.12 -3.99 -19.77
C PRO B 227 6.33 -4.22 -18.84
N LYS B 228 6.22 -5.19 -17.94
CA LYS B 228 7.31 -5.58 -17.04
C LYS B 228 8.24 -6.51 -17.85
N ALA B 229 9.49 -6.73 -17.39
CA ALA B 229 10.49 -7.56 -18.12
C ALA B 229 9.90 -8.84 -18.68
N GLY B 230 9.96 -8.98 -20.00
CA GLY B 230 9.46 -10.15 -20.72
C GLY B 230 8.01 -10.12 -21.13
N ALA B 231 7.22 -9.12 -20.68
CA ALA B 231 5.78 -9.01 -21.00
C ALA B 231 5.55 -8.52 -22.42
N VAL B 232 4.28 -8.57 -22.90
CA VAL B 232 3.85 -8.10 -24.22
C VAL B 232 4.11 -6.59 -24.26
N ASN B 233 4.86 -6.15 -25.29
CA ASN B 233 5.23 -4.74 -25.46
C ASN B 233 4.22 -4.05 -26.36
N PRO B 234 4.05 -2.71 -26.26
CA PRO B 234 3.17 -2.01 -27.21
C PRO B 234 3.74 -2.10 -28.62
N THR B 235 2.87 -2.04 -29.64
CA THR B 235 3.36 -2.03 -31.02
C THR B 235 3.34 -0.60 -31.52
N VAL B 236 4.06 -0.34 -32.61
CA VAL B 236 4.20 1.02 -33.17
C VAL B 236 4.01 1.07 -34.69
N LYS B 237 3.35 2.14 -35.16
CA LYS B 237 3.18 2.44 -36.57
C LYS B 237 3.59 3.89 -36.77
N PHE B 238 4.14 4.20 -37.95
CA PHE B 238 4.59 5.55 -38.29
C PHE B 238 3.84 6.10 -39.49
N PHE B 239 3.35 7.36 -39.41
CA PHE B 239 2.57 8.01 -40.48
C PHE B 239 3.01 9.42 -40.75
N VAL B 240 2.73 9.91 -41.96
CA VAL B 240 3.01 11.27 -42.42
C VAL B 240 1.77 11.82 -43.14
N VAL B 241 1.33 13.04 -42.74
CA VAL B 241 0.20 13.78 -43.33
C VAL B 241 0.73 15.03 -43.95
N ASN B 242 0.16 15.42 -45.09
CA ASN B 242 0.46 16.67 -45.77
C ASN B 242 -0.59 17.67 -45.23
N THR B 243 -0.15 18.63 -44.38
CA THR B 243 -1.05 19.61 -43.76
C THR B 243 -1.49 20.73 -44.70
N ASP B 244 -0.90 20.78 -45.91
CA ASP B 244 -1.23 21.79 -46.94
C ASP B 244 -2.40 21.36 -47.85
N SER B 245 -2.72 20.06 -47.85
CA SER B 245 -3.82 19.52 -48.67
C SER B 245 -4.98 18.96 -47.80
N LEU B 246 -5.27 19.61 -46.65
CA LEU B 246 -6.36 19.18 -45.74
C LEU B 246 -7.74 19.69 -46.21
N SER B 247 -8.73 18.78 -46.26
CA SER B 247 -10.10 19.06 -46.71
C SER B 247 -11.07 19.12 -45.54
N SER B 248 -12.02 20.08 -45.61
CA SER B 248 -13.10 20.28 -44.64
C SER B 248 -14.26 19.29 -44.90
N VAL B 249 -14.35 18.79 -46.16
CA VAL B 249 -15.37 17.84 -46.64
C VAL B 249 -14.89 16.37 -46.58
N THR B 250 -13.59 16.11 -46.90
CA THR B 250 -12.96 14.78 -46.92
C THR B 250 -12.02 14.54 -45.71
N ASN B 251 -11.91 13.26 -45.26
CA ASN B 251 -11.03 12.84 -44.16
C ASN B 251 -9.56 12.91 -44.59
N ALA B 252 -8.66 13.27 -43.64
CA ALA B 252 -7.22 13.40 -43.87
C ALA B 252 -6.58 12.06 -44.24
N THR B 253 -5.72 12.05 -45.27
CA THR B 253 -5.00 10.87 -45.72
C THR B 253 -3.59 10.84 -45.09
N SER B 254 -3.34 9.80 -44.30
CA SER B 254 -2.05 9.59 -43.65
C SER B 254 -1.30 8.48 -44.38
N ILE B 255 -0.07 8.77 -44.80
CA ILE B 255 0.78 7.80 -45.49
C ILE B 255 1.63 7.09 -44.44
N GLN B 256 1.54 5.76 -44.39
CA GLN B 256 2.31 4.96 -43.45
C GLN B 256 3.69 4.65 -43.99
N ILE B 257 4.70 4.74 -43.13
CA ILE B 257 6.08 4.35 -43.41
C ILE B 257 6.32 3.10 -42.59
N THR B 258 6.57 2.01 -43.31
CA THR B 258 6.82 0.67 -42.78
C THR B 258 8.26 0.53 -42.26
N ALA B 259 8.42 -0.19 -41.10
CA ALA B 259 9.71 -0.51 -40.48
C ALA B 259 10.48 -1.43 -41.47
N PRO B 260 11.83 -1.47 -41.48
CA PRO B 260 12.52 -2.41 -42.40
C PRO B 260 12.20 -3.87 -42.12
N ALA B 261 12.45 -4.76 -43.12
CA ALA B 261 12.19 -6.21 -43.00
C ALA B 261 12.95 -6.85 -41.82
N SER B 262 14.21 -6.40 -41.58
CA SER B 262 15.08 -6.86 -40.48
C SER B 262 14.54 -6.48 -39.10
N MET B 263 13.48 -5.64 -39.07
CA MET B 263 12.81 -5.17 -37.86
C MET B 263 11.43 -5.85 -37.68
N LEU B 264 10.68 -6.03 -38.79
CA LEU B 264 9.34 -6.63 -38.82
C LEU B 264 9.27 -8.11 -38.42
N ILE B 265 10.40 -8.83 -38.48
CA ILE B 265 10.53 -10.26 -38.14
C ILE B 265 10.13 -10.60 -36.67
N GLY B 266 10.18 -9.61 -35.78
CA GLY B 266 9.83 -9.76 -34.37
C GLY B 266 9.51 -8.43 -33.70
N ASP B 267 9.69 -8.38 -32.36
CA ASP B 267 9.45 -7.16 -31.59
C ASP B 267 10.55 -6.11 -31.83
N HIS B 268 10.12 -4.87 -31.98
CA HIS B 268 11.01 -3.74 -32.26
C HIS B 268 10.44 -2.45 -31.70
N TYR B 269 11.29 -1.42 -31.61
CA TYR B 269 10.91 -0.09 -31.16
C TYR B 269 11.26 0.92 -32.22
N LEU B 270 10.52 2.04 -32.24
CA LEU B 270 10.84 3.18 -33.07
C LEU B 270 11.61 4.04 -32.07
N CYS B 271 12.89 4.26 -32.30
CA CYS B 271 13.66 4.98 -31.30
C CYS B 271 14.10 6.43 -31.63
N ASP B 272 14.00 6.86 -32.90
CA ASP B 272 14.36 8.23 -33.32
C ASP B 272 13.68 8.69 -34.64
N VAL B 273 13.17 9.94 -34.67
CA VAL B 273 12.55 10.59 -35.84
C VAL B 273 13.29 11.91 -36.08
N THR B 274 13.94 12.05 -37.25
CA THR B 274 14.66 13.29 -37.59
C THR B 274 14.40 13.71 -39.02
N TRP B 275 13.83 14.93 -39.22
CA TRP B 275 13.64 15.50 -40.55
C TRP B 275 15.00 15.96 -41.07
N ALA B 276 15.44 15.44 -42.23
CA ALA B 276 16.74 15.79 -42.82
C ALA B 276 16.62 17.02 -43.73
N THR B 277 15.51 17.10 -44.51
CA THR B 277 15.14 18.20 -45.40
C THR B 277 13.61 18.35 -45.33
N GLN B 278 12.99 19.10 -46.29
CA GLN B 278 11.53 19.29 -46.38
C GLN B 278 10.85 18.02 -46.84
N GLU B 279 11.59 17.17 -47.61
CA GLU B 279 11.04 15.94 -48.19
C GLU B 279 11.82 14.67 -47.82
N ARG B 280 12.60 14.71 -46.72
CA ARG B 280 13.36 13.55 -46.27
C ARG B 280 13.33 13.39 -44.73
N ILE B 281 12.88 12.21 -44.27
CA ILE B 281 12.85 11.86 -42.83
C ILE B 281 13.81 10.71 -42.60
N SER B 282 14.53 10.79 -41.49
CA SER B 282 15.41 9.76 -40.96
C SER B 282 14.60 9.07 -39.81
N LEU B 283 14.57 7.72 -39.82
CA LEU B 283 13.90 6.90 -38.80
C LEU B 283 14.88 5.86 -38.27
N GLN B 284 15.00 5.75 -36.93
CA GLN B 284 15.84 4.73 -36.31
C GLN B 284 14.95 3.74 -35.61
N TRP B 285 15.18 2.46 -35.90
CA TRP B 285 14.44 1.35 -35.34
C TRP B 285 15.40 0.51 -34.55
N LEU B 286 14.91 -0.12 -33.47
CA LEU B 286 15.72 -0.96 -32.59
C LEU B 286 14.98 -2.25 -32.32
N ARG B 287 15.68 -3.40 -32.38
CA ARG B 287 15.08 -4.70 -32.09
C ARG B 287 14.81 -4.80 -30.59
N ARG B 288 13.89 -5.69 -30.16
CA ARG B 288 13.62 -5.88 -28.72
C ARG B 288 14.91 -6.32 -28.02
N ILE B 289 15.76 -7.12 -28.72
CA ILE B 289 17.11 -7.46 -28.27
C ILE B 289 17.94 -6.25 -28.79
N GLN B 290 18.23 -5.32 -27.84
CA GLN B 290 18.79 -3.99 -28.00
C GLN B 290 20.25 -3.80 -28.42
N ASN B 291 20.73 -4.70 -29.28
CA ASN B 291 22.09 -4.70 -29.80
C ASN B 291 22.12 -4.52 -31.35
N TYR B 292 20.98 -4.17 -31.95
CA TYR B 292 20.84 -4.04 -33.39
C TYR B 292 19.85 -2.95 -33.74
N SER B 293 20.34 -1.89 -34.35
CA SER B 293 19.52 -0.77 -34.78
C SER B 293 19.71 -0.51 -36.26
N VAL B 294 18.65 -0.06 -36.91
CA VAL B 294 18.66 0.25 -38.33
C VAL B 294 18.12 1.65 -38.49
N MET B 295 18.84 2.49 -39.26
CA MET B 295 18.40 3.82 -39.61
C MET B 295 17.89 3.78 -41.06
N ASP B 296 16.67 4.25 -41.27
CA ASP B 296 16.06 4.31 -42.60
C ASP B 296 16.02 5.78 -43.04
N ILE B 297 16.31 6.03 -44.33
CA ILE B 297 16.26 7.35 -44.95
C ILE B 297 15.05 7.29 -45.89
N CYS B 298 14.04 8.11 -45.63
CA CYS B 298 12.80 8.08 -46.40
C CYS B 298 12.49 9.37 -47.13
N ASP B 299 12.34 9.25 -48.45
CA ASP B 299 12.09 10.37 -49.33
C ASP B 299 10.67 10.41 -49.87
N TYR B 300 10.12 11.63 -49.98
CA TYR B 300 8.76 11.85 -50.49
C TYR B 300 8.74 11.73 -52.03
N ASP B 301 7.82 10.92 -52.57
CA ASP B 301 7.68 10.73 -54.01
C ASP B 301 6.56 11.67 -54.44
N GLU B 302 6.92 12.80 -55.07
CA GLU B 302 5.97 13.81 -55.53
C GLU B 302 5.00 13.29 -56.59
N SER B 303 5.43 12.27 -57.39
CA SER B 303 4.63 11.64 -58.45
C SER B 303 3.92 10.36 -57.98
N SER B 304 3.58 10.29 -56.68
CA SER B 304 2.92 9.12 -56.09
C SER B 304 2.18 9.48 -54.81
N GLY B 305 2.70 10.46 -54.09
CA GLY B 305 2.15 10.87 -52.80
C GLY B 305 2.64 9.95 -51.69
N ARG B 306 3.43 8.90 -52.06
CA ARG B 306 4.00 7.91 -51.14
C ARG B 306 5.45 8.23 -50.69
N TRP B 307 5.89 7.64 -49.57
CA TRP B 307 7.24 7.82 -49.03
C TRP B 307 8.01 6.51 -49.24
N ASN B 308 9.18 6.58 -49.90
CA ASN B 308 9.98 5.38 -50.19
C ASN B 308 11.31 5.37 -49.46
N CYS B 309 11.67 4.21 -48.87
CA CYS B 309 12.91 4.01 -48.12
C CYS B 309 13.73 2.91 -48.81
N LEU B 310 14.81 3.30 -49.54
CA LEU B 310 15.68 2.36 -50.26
C LEU B 310 16.48 1.52 -49.25
N VAL B 311 16.60 0.20 -49.50
CA VAL B 311 17.34 -0.70 -48.58
C VAL B 311 18.85 -0.38 -48.58
N ALA B 312 19.36 0.17 -49.70
CA ALA B 312 20.77 0.55 -49.85
C ALA B 312 21.16 1.75 -48.95
N ARG B 313 20.18 2.62 -48.61
CA ARG B 313 20.43 3.79 -47.76
C ARG B 313 20.47 3.46 -46.26
N GLN B 314 19.96 2.29 -45.88
CA GLN B 314 19.90 1.81 -44.50
C GLN B 314 21.27 1.67 -43.86
N HIS B 315 21.45 2.28 -42.69
CA HIS B 315 22.68 2.24 -41.92
C HIS B 315 22.43 1.40 -40.69
N ILE B 316 23.22 0.34 -40.51
CA ILE B 316 23.09 -0.52 -39.35
C ILE B 316 24.10 -0.14 -38.27
N GLU B 317 23.64 -0.09 -37.01
CA GLU B 317 24.46 0.11 -35.83
C GLU B 317 24.18 -1.06 -34.90
N MET B 318 25.23 -1.82 -34.61
CA MET B 318 25.14 -2.99 -33.75
C MET B 318 26.26 -3.00 -32.71
N SER B 319 26.00 -3.64 -31.57
CA SER B 319 26.99 -3.76 -30.49
C SER B 319 27.31 -5.23 -30.25
N THR B 320 28.60 -5.53 -30.02
CA THR B 320 29.08 -6.88 -29.78
C THR B 320 29.32 -7.15 -28.28
N THR B 321 29.63 -6.09 -27.50
CA THR B 321 29.92 -6.15 -26.06
C THR B 321 28.72 -5.74 -25.17
N GLY B 322 27.73 -5.06 -25.74
CA GLY B 322 26.57 -4.61 -24.98
C GLY B 322 25.38 -4.20 -25.81
N TRP B 323 24.80 -3.07 -25.44
CA TRP B 323 23.62 -2.48 -26.06
C TRP B 323 24.03 -1.30 -27.02
N VAL B 324 23.10 -0.82 -27.87
CA VAL B 324 23.34 0.30 -28.79
C VAL B 324 23.13 1.66 -28.10
N GLY B 325 24.16 2.52 -28.14
CA GLY B 325 24.12 3.85 -27.55
C GLY B 325 24.26 3.86 -26.04
N ARG B 326 24.18 5.04 -25.42
CA ARG B 326 24.30 5.18 -23.96
C ARG B 326 23.04 4.68 -23.28
N PHE B 327 21.88 5.21 -23.68
CA PHE B 327 20.56 4.81 -23.22
C PHE B 327 19.73 4.42 -24.42
N ARG B 328 20.04 4.98 -25.57
CA ARG B 328 19.34 4.70 -26.84
C ARG B 328 20.29 5.07 -27.98
N PRO B 329 20.08 4.58 -29.23
CA PRO B 329 20.94 5.04 -30.34
C PRO B 329 20.91 6.57 -30.46
N SER B 330 22.11 7.19 -30.64
CA SER B 330 22.28 8.65 -30.74
C SER B 330 21.63 9.25 -31.98
N GLU B 331 21.24 10.51 -31.89
CA GLU B 331 20.58 11.21 -32.98
C GLU B 331 21.50 11.64 -34.15
N PRO B 332 21.01 11.59 -35.43
CA PRO B 332 21.83 12.11 -36.54
C PRO B 332 21.67 13.64 -36.67
N HIS B 333 22.76 14.32 -37.07
CA HIS B 333 22.80 15.77 -37.25
C HIS B 333 23.14 15.98 -38.72
N PHE B 334 22.11 16.27 -39.52
CA PHE B 334 22.24 16.44 -40.96
C PHE B 334 22.79 17.76 -41.34
N THR B 335 23.57 17.77 -42.43
CA THR B 335 24.08 18.96 -43.10
C THR B 335 22.87 19.54 -43.86
N LEU B 336 22.89 20.84 -44.17
CA LEU B 336 21.82 21.57 -44.87
C LEU B 336 21.18 20.86 -46.08
N ASP B 337 21.99 20.26 -46.97
CA ASP B 337 21.48 19.53 -48.13
C ASP B 337 20.83 18.16 -47.79
N GLY B 338 21.06 17.68 -46.56
CA GLY B 338 20.50 16.42 -46.05
C GLY B 338 21.04 15.15 -46.69
N ASN B 339 22.19 15.23 -47.40
CA ASN B 339 22.83 14.09 -48.07
C ASN B 339 23.89 13.41 -47.19
N SER B 340 24.22 14.03 -46.04
CA SER B 340 25.24 13.54 -45.11
C SER B 340 24.89 13.93 -43.69
N PHE B 341 25.49 13.26 -42.73
CA PHE B 341 25.21 13.52 -41.33
C PHE B 341 26.34 13.10 -40.40
N TYR B 342 26.24 13.56 -39.15
CA TYR B 342 27.18 13.27 -38.07
C TYR B 342 26.45 12.60 -36.93
N LYS B 343 27.05 11.56 -36.37
CA LYS B 343 26.43 10.79 -35.30
C LYS B 343 27.50 10.37 -34.30
N ILE B 344 27.16 10.36 -32.99
CA ILE B 344 28.12 9.83 -32.00
C ILE B 344 28.04 8.28 -32.01
N ILE B 345 29.12 7.60 -32.40
CA ILE B 345 29.21 6.13 -32.48
C ILE B 345 30.41 5.70 -31.63
N SER B 346 30.30 4.53 -30.99
CA SER B 346 31.36 3.88 -30.21
C SER B 346 32.42 3.38 -31.23
N ASN B 347 33.70 3.77 -31.06
CA ASN B 347 34.76 3.37 -32.00
C ASN B 347 35.30 1.95 -31.73
N GLU B 348 36.40 1.56 -32.41
CA GLU B 348 37.02 0.24 -32.24
C GLU B 348 37.72 0.03 -30.88
N GLU B 349 37.99 1.12 -30.14
CA GLU B 349 38.60 1.08 -28.80
C GLU B 349 37.54 1.16 -27.70
N GLY B 350 36.28 1.37 -28.08
CA GLY B 350 35.15 1.48 -27.17
C GLY B 350 34.77 2.89 -26.73
N TYR B 351 35.42 3.91 -27.31
CA TYR B 351 35.15 5.31 -26.97
C TYR B 351 34.17 5.95 -27.93
N ARG B 352 33.23 6.75 -27.38
CA ARG B 352 32.19 7.42 -28.14
C ARG B 352 32.70 8.67 -28.80
N HIS B 353 32.77 8.64 -30.14
CA HIS B 353 33.28 9.71 -30.99
C HIS B 353 32.37 10.07 -32.14
N ILE B 354 32.56 11.29 -32.70
CA ILE B 354 31.76 11.78 -33.82
C ILE B 354 32.13 11.05 -35.12
N CYS B 355 31.13 10.44 -35.78
CA CYS B 355 31.29 9.77 -37.08
C CYS B 355 30.57 10.58 -38.15
N TYR B 356 31.17 10.67 -39.34
CA TYR B 356 30.66 11.36 -40.53
C TYR B 356 30.16 10.32 -41.53
N PHE B 357 28.90 10.44 -41.93
CA PHE B 357 28.23 9.52 -42.82
C PHE B 357 27.72 10.23 -44.05
N GLN B 358 27.87 9.62 -45.21
CA GLN B 358 27.36 10.10 -46.49
C GLN B 358 26.34 9.09 -46.93
N ILE B 359 25.11 9.55 -47.21
CA ILE B 359 23.91 8.74 -47.46
C ILE B 359 23.97 7.52 -48.41
N ASP B 360 24.38 7.69 -49.67
CA ASP B 360 24.46 6.55 -50.58
C ASP B 360 25.85 5.87 -50.55
N LYS B 361 26.62 6.09 -49.46
CA LYS B 361 27.97 5.54 -49.26
C LYS B 361 28.00 4.53 -48.11
N LYS B 362 28.84 3.50 -48.26
CA LYS B 362 29.01 2.34 -47.35
C LYS B 362 29.12 2.56 -45.84
N ASP B 363 30.25 3.09 -45.33
CA ASP B 363 30.46 3.22 -43.88
C ASP B 363 30.56 4.67 -43.37
N CYS B 364 31.42 4.93 -42.36
CA CYS B 364 31.69 6.26 -41.82
C CYS B 364 33.15 6.58 -41.55
N THR B 365 33.43 7.86 -41.32
CA THR B 365 34.73 8.42 -41.01
C THR B 365 34.62 9.01 -39.62
N PHE B 366 35.51 8.63 -38.73
CA PHE B 366 35.56 9.22 -37.40
C PHE B 366 36.31 10.54 -37.52
N ILE B 367 35.77 11.60 -36.93
CA ILE B 367 36.39 12.92 -36.99
C ILE B 367 37.11 13.28 -35.66
N THR B 368 36.79 12.52 -34.59
CA THR B 368 37.41 12.64 -33.27
C THR B 368 37.91 11.25 -32.83
N LYS B 369 38.91 11.22 -31.91
CA LYS B 369 39.48 10.00 -31.32
C LYS B 369 40.13 10.32 -29.97
N GLY B 370 40.42 9.29 -29.18
CA GLY B 370 41.08 9.45 -27.89
C GLY B 370 40.44 8.71 -26.74
N THR B 371 41.09 8.77 -25.58
CA THR B 371 40.71 8.16 -24.31
C THR B 371 39.77 9.12 -23.52
N TRP B 372 38.69 9.53 -24.20
CA TRP B 372 37.65 10.42 -23.71
C TRP B 372 36.51 10.25 -24.66
N GLU B 373 35.36 10.83 -24.33
CA GLU B 373 34.18 10.68 -25.15
C GLU B 373 33.53 11.99 -25.45
N VAL B 374 32.84 12.03 -26.59
CA VAL B 374 32.00 13.15 -27.01
C VAL B 374 30.65 12.95 -26.29
N ILE B 375 30.20 13.97 -25.57
CA ILE B 375 28.95 13.92 -24.82
C ILE B 375 27.77 14.18 -25.75
N GLY B 376 27.85 15.19 -26.58
CA GLY B 376 26.80 15.51 -27.54
C GLY B 376 27.28 16.48 -28.60
N ILE B 377 26.59 16.51 -29.77
CA ILE B 377 26.81 17.43 -30.87
C ILE B 377 25.81 18.55 -30.61
N GLU B 378 26.30 19.77 -30.56
CA GLU B 378 25.47 20.94 -30.24
C GLU B 378 25.03 21.81 -31.40
N ALA B 379 25.90 21.92 -32.43
CA ALA B 379 25.63 22.75 -33.60
C ALA B 379 26.49 22.31 -34.74
N LEU B 380 25.99 22.57 -35.95
CA LEU B 380 26.66 22.24 -37.19
C LEU B 380 26.44 23.36 -38.16
N THR B 381 27.53 23.95 -38.63
CA THR B 381 27.50 25.00 -39.65
C THR B 381 28.25 24.44 -40.85
N SER B 382 28.39 25.22 -41.94
CA SER B 382 29.12 24.79 -43.13
C SER B 382 30.62 24.58 -42.84
N ASP B 383 31.18 25.38 -41.91
CA ASP B 383 32.59 25.41 -41.52
C ASP B 383 32.98 24.59 -40.29
N TYR B 384 32.08 24.49 -39.31
CA TYR B 384 32.41 23.87 -38.04
C TYR B 384 31.35 22.98 -37.45
N LEU B 385 31.80 22.01 -36.65
CA LEU B 385 30.92 21.17 -35.86
C LEU B 385 31.26 21.52 -34.39
N TYR B 386 30.23 21.89 -33.61
CA TYR B 386 30.35 22.24 -32.19
C TYR B 386 29.88 21.06 -31.34
N TYR B 387 30.70 20.69 -30.36
CA TYR B 387 30.37 19.55 -29.50
C TYR B 387 30.87 19.71 -28.07
N ILE B 388 30.23 19.02 -27.15
CA ILE B 388 30.65 18.95 -25.76
C ILE B 388 31.37 17.61 -25.56
N SER B 389 32.45 17.61 -24.77
CA SER B 389 33.23 16.41 -24.43
C SER B 389 33.87 16.54 -23.06
N ASN B 390 34.43 15.41 -22.54
CA ASN B 390 35.16 15.37 -21.26
C ASN B 390 36.68 15.20 -21.47
N GLU B 391 37.19 15.66 -22.62
CA GLU B 391 38.63 15.54 -22.90
C GLU B 391 39.55 16.32 -21.94
N TYR B 392 39.17 17.57 -21.57
CA TYR B 392 40.03 18.45 -20.77
C TYR B 392 40.56 17.82 -19.50
N LYS B 393 41.90 17.85 -19.34
CA LYS B 393 42.66 17.32 -18.19
C LYS B 393 42.34 15.85 -17.85
N GLY B 394 41.83 15.12 -18.85
CA GLY B 394 41.44 13.71 -18.74
C GLY B 394 40.46 13.44 -17.62
N MET B 395 39.54 14.40 -17.35
CA MET B 395 38.51 14.33 -16.30
C MET B 395 37.16 13.90 -16.89
N PRO B 396 36.73 12.63 -16.65
CA PRO B 396 35.46 12.17 -17.21
C PRO B 396 34.23 12.92 -16.71
N GLY B 397 34.39 13.63 -15.58
CA GLY B 397 33.33 14.39 -14.93
C GLY B 397 33.37 15.87 -15.18
N GLY B 398 34.17 16.27 -16.16
CA GLY B 398 34.28 17.64 -16.64
C GLY B 398 33.59 17.71 -17.99
N ARG B 399 33.15 18.92 -18.39
CA ARG B 399 32.45 19.11 -19.68
C ARG B 399 32.87 20.43 -20.27
N ASN B 400 33.31 20.41 -21.55
CA ASN B 400 33.73 21.62 -22.26
C ASN B 400 33.24 21.64 -23.69
N LEU B 401 33.10 22.85 -24.25
CA LEU B 401 32.69 23.08 -25.63
C LEU B 401 33.92 23.16 -26.51
N TYR B 402 33.88 22.47 -27.64
CA TYR B 402 34.93 22.43 -28.66
C TYR B 402 34.30 22.63 -30.03
N LYS B 403 35.11 23.06 -30.99
CA LYS B 403 34.70 23.14 -32.36
C LYS B 403 35.76 22.46 -33.21
N ILE B 404 35.31 21.65 -34.17
CA ILE B 404 36.21 20.99 -35.11
C ILE B 404 36.02 21.60 -36.52
N GLN B 405 37.13 21.94 -37.18
CA GLN B 405 37.11 22.51 -38.50
C GLN B 405 36.80 21.41 -39.49
N LEU B 406 35.67 21.53 -40.20
CA LEU B 406 35.24 20.50 -41.14
C LEU B 406 36.16 20.25 -42.36
N SER B 407 37.06 21.19 -42.68
CA SER B 407 38.03 21.06 -43.77
C SER B 407 39.40 20.47 -43.31
N ASP B 408 39.61 20.38 -41.98
CA ASP B 408 40.81 19.81 -41.34
C ASP B 408 40.46 19.35 -39.90
N TYR B 409 40.24 18.02 -39.73
CA TYR B 409 39.87 17.41 -38.45
C TYR B 409 40.92 17.55 -37.35
N THR B 410 42.18 17.83 -37.69
CA THR B 410 43.22 18.02 -36.68
C THR B 410 43.07 19.41 -36.03
N LYS B 411 42.29 20.29 -36.66
CA LYS B 411 42.08 21.64 -36.14
C LYS B 411 40.83 21.73 -35.25
N VAL B 412 41.03 21.37 -33.96
CA VAL B 412 40.04 21.35 -32.88
C VAL B 412 40.40 22.49 -31.90
N THR B 413 39.41 23.35 -31.55
CA THR B 413 39.60 24.49 -30.66
C THR B 413 38.71 24.38 -29.42
N CYS B 414 39.29 24.46 -28.21
CA CYS B 414 38.44 24.45 -27.02
C CYS B 414 37.91 25.85 -26.79
N LEU B 415 36.58 25.98 -26.68
CA LEU B 415 35.93 27.28 -26.56
C LEU B 415 35.63 27.72 -25.15
N SER B 416 35.65 26.78 -24.21
CA SER B 416 35.27 27.09 -22.84
C SER B 416 36.36 26.77 -21.80
N CYS B 417 37.31 25.88 -22.13
CA CYS B 417 38.42 25.38 -21.28
C CYS B 417 39.09 26.40 -20.37
N GLU B 418 39.47 27.55 -20.95
CA GLU B 418 40.25 28.59 -20.29
C GLU B 418 39.50 29.88 -19.96
N LEU B 419 38.16 29.86 -19.97
CA LEU B 419 37.40 31.07 -19.64
C LEU B 419 37.59 31.47 -18.18
N ASN B 420 37.52 30.46 -17.28
CA ASN B 420 37.75 30.59 -15.84
C ASN B 420 38.07 29.16 -15.34
N PRO B 421 39.33 28.68 -15.47
CA PRO B 421 39.63 27.27 -15.14
C PRO B 421 39.43 26.79 -13.69
N GLU B 422 39.53 27.67 -12.70
CA GLU B 422 39.37 27.30 -11.29
C GLU B 422 37.91 27.19 -10.93
N ARG B 423 37.08 28.09 -11.48
CA ARG B 423 35.64 28.18 -11.23
C ARG B 423 34.79 27.30 -12.16
N CYS B 424 35.21 27.18 -13.44
CA CYS B 424 34.42 26.55 -14.50
C CYS B 424 35.01 25.37 -15.25
N GLN B 425 34.45 24.18 -14.96
CA GLN B 425 34.90 22.91 -15.55
C GLN B 425 33.75 22.05 -16.08
N TYR B 426 32.49 22.53 -15.96
CA TYR B 426 31.30 21.77 -16.40
C TYR B 426 30.34 22.68 -17.19
N TYR B 427 30.44 22.61 -18.50
CA TYR B 427 29.64 23.44 -19.39
C TYR B 427 28.58 22.68 -20.17
N SER B 428 27.50 23.39 -20.48
CA SER B 428 26.41 23.06 -21.40
C SER B 428 26.24 24.35 -22.24
N VAL B 429 25.58 24.26 -23.39
CA VAL B 429 25.48 25.39 -24.30
C VAL B 429 24.09 25.48 -24.96
N SER B 430 23.73 26.70 -25.42
CA SER B 430 22.51 26.98 -26.15
C SER B 430 22.91 27.89 -27.32
N PHE B 431 22.86 27.35 -28.54
CA PHE B 431 23.18 28.08 -29.75
C PHE B 431 21.97 28.75 -30.28
N SER B 432 22.14 29.89 -30.99
CA SER B 432 21.04 30.57 -31.72
C SER B 432 20.82 29.74 -33.00
N LYS B 433 19.71 29.94 -33.72
CA LYS B 433 19.43 29.19 -34.97
C LYS B 433 20.52 29.58 -35.94
N GLU B 434 21.14 28.65 -36.72
CA GLU B 434 22.27 29.04 -37.61
C GLU B 434 23.56 29.37 -36.82
N ALA B 435 23.53 29.20 -35.49
CA ALA B 435 24.66 29.28 -34.58
C ALA B 435 25.56 30.51 -34.64
N LYS B 436 25.01 31.72 -34.86
CA LYS B 436 25.84 32.94 -34.86
C LYS B 436 26.27 33.27 -33.40
N TYR B 437 25.45 32.88 -32.43
CA TYR B 437 25.72 33.11 -31.02
C TYR B 437 25.52 31.84 -30.19
N TYR B 438 26.14 31.80 -29.02
CA TYR B 438 25.95 30.71 -28.05
C TYR B 438 26.03 31.25 -26.63
N GLN B 439 25.13 30.76 -25.78
CA GLN B 439 25.10 31.03 -24.35
C GLN B 439 25.85 29.86 -23.69
N LEU B 440 26.87 30.15 -22.88
CA LEU B 440 27.56 29.10 -22.16
C LEU B 440 27.02 29.07 -20.75
N ARG B 441 26.83 27.85 -20.22
CA ARG B 441 26.28 27.64 -18.89
C ARG B 441 27.27 26.76 -18.12
N CYS B 442 27.99 27.35 -17.17
CA CYS B 442 28.94 26.59 -16.38
C CYS B 442 28.24 26.26 -15.04
N SER B 443 28.20 24.97 -14.65
CA SER B 443 27.55 24.55 -13.40
C SER B 443 28.48 24.14 -12.25
N GLY B 444 29.77 24.39 -12.41
CA GLY B 444 30.75 24.10 -11.36
C GLY B 444 32.17 23.98 -11.83
N PRO B 445 33.15 23.78 -10.92
CA PRO B 445 33.03 23.59 -9.45
C PRO B 445 32.59 24.81 -8.63
N GLY B 446 32.79 26.02 -9.15
CA GLY B 446 32.37 27.24 -8.48
C GLY B 446 30.90 27.49 -8.68
N LEU B 447 30.43 28.70 -8.37
CA LEU B 447 29.02 29.01 -8.58
C LEU B 447 28.67 29.16 -10.06
N PRO B 448 27.48 28.70 -10.50
CA PRO B 448 27.12 28.82 -11.93
C PRO B 448 27.28 30.23 -12.51
N LEU B 449 27.86 30.26 -13.70
CA LEU B 449 28.15 31.44 -14.49
C LEU B 449 27.46 31.27 -15.87
N TYR B 450 26.68 32.28 -16.29
CA TYR B 450 25.99 32.29 -17.59
C TYR B 450 26.60 33.42 -18.42
N THR B 451 27.09 33.08 -19.63
CA THR B 451 27.77 34.03 -20.52
C THR B 451 27.24 33.93 -21.94
N LEU B 452 27.43 34.97 -22.72
CA LEU B 452 27.00 35.02 -24.10
C LEU B 452 28.21 35.30 -24.97
N HIS B 453 28.30 34.61 -26.11
CA HIS B 453 29.45 34.68 -27.00
C HIS B 453 29.05 34.75 -28.46
N SER B 454 29.92 35.30 -29.31
CA SER B 454 29.65 35.34 -30.75
C SER B 454 30.49 34.25 -31.39
N SER B 455 29.90 33.49 -32.32
CA SER B 455 30.60 32.38 -32.99
C SER B 455 31.70 32.82 -33.98
N VAL B 456 31.55 33.99 -34.68
CA VAL B 456 32.49 34.49 -35.70
C VAL B 456 33.99 34.41 -35.29
N ASN B 457 34.39 35.02 -34.17
CA ASN B 457 35.78 34.94 -33.73
C ASN B 457 35.85 34.40 -32.29
N ASP B 458 34.75 33.76 -31.85
CA ASP B 458 34.53 33.17 -30.52
C ASP B 458 34.79 34.18 -29.41
N LYS B 459 34.29 35.42 -29.61
CA LYS B 459 34.44 36.49 -28.64
C LYS B 459 33.34 36.48 -27.60
N GLY B 460 33.76 36.64 -26.35
CA GLY B 460 32.88 36.79 -25.21
C GLY B 460 32.20 38.13 -25.37
N LEU B 461 30.88 38.12 -25.32
CA LEU B 461 30.09 39.34 -25.49
C LEU B 461 29.72 39.98 -24.15
N ARG B 462 29.10 39.18 -23.27
CA ARG B 462 28.44 39.61 -22.04
C ARG B 462 28.41 38.51 -20.96
N VAL B 463 28.42 38.94 -19.69
CA VAL B 463 28.15 38.05 -18.56
C VAL B 463 26.63 38.25 -18.35
N LEU B 464 25.88 37.17 -18.29
CA LEU B 464 24.42 37.25 -18.13
C LEU B 464 24.04 37.05 -16.66
N GLU B 465 24.66 36.07 -15.98
CA GLU B 465 24.39 35.76 -14.58
C GLU B 465 25.65 35.22 -13.91
N ASP B 466 26.17 35.94 -12.91
CA ASP B 466 27.40 35.58 -12.20
C ASP B 466 27.20 34.97 -10.80
N ASN B 467 25.95 35.00 -10.27
CA ASN B 467 25.56 34.51 -8.94
C ASN B 467 26.30 35.22 -7.78
N SER B 468 26.56 36.53 -7.98
CA SER B 468 27.25 37.38 -7.00
C SER B 468 26.47 37.52 -5.69
N ALA B 469 25.12 37.49 -5.77
CA ALA B 469 24.23 37.58 -4.60
C ALA B 469 24.37 36.35 -3.69
N LEU B 470 24.55 35.15 -4.29
CA LEU B 470 24.72 33.87 -3.58
C LEU B 470 26.11 33.81 -3.02
N ASP B 471 27.12 34.25 -3.82
CA ASP B 471 28.54 34.29 -3.46
C ASP B 471 28.74 34.97 -2.12
N LYS B 472 28.16 36.17 -1.96
CA LYS B 472 28.24 36.97 -0.73
C LYS B 472 27.54 36.29 0.45
N MET B 473 26.34 35.71 0.23
CA MET B 473 25.62 34.98 1.27
C MET B 473 26.44 33.76 1.76
N LEU B 474 27.02 32.97 0.83
CA LEU B 474 27.83 31.78 1.14
C LEU B 474 29.16 32.07 1.85
N GLN B 475 29.68 33.30 1.69
CA GLN B 475 30.88 33.75 2.39
C GLN B 475 30.57 33.80 3.89
N ASN B 476 29.27 33.98 4.25
CA ASN B 476 28.77 34.05 5.61
C ASN B 476 28.38 32.68 6.23
N VAL B 477 28.60 31.59 5.48
CA VAL B 477 28.28 30.22 5.91
C VAL B 477 29.51 29.31 5.90
N GLN B 478 29.61 28.40 6.90
CA GLN B 478 30.67 27.40 7.02
C GLN B 478 30.42 26.32 5.95
N MET B 479 30.81 26.62 4.71
CA MET B 479 30.57 25.73 3.59
C MET B 479 31.51 24.54 3.50
N PRO B 480 31.01 23.35 3.10
CA PRO B 480 31.92 22.21 2.93
C PRO B 480 32.70 22.34 1.63
N SER B 481 33.72 21.49 1.45
CA SER B 481 34.53 21.49 0.21
C SER B 481 34.32 20.17 -0.53
N LYS B 482 34.67 20.16 -1.81
CA LYS B 482 34.58 18.96 -2.62
C LYS B 482 35.97 18.57 -3.11
N LYS B 483 36.33 17.30 -2.92
CA LYS B 483 37.55 16.70 -3.47
C LYS B 483 37.09 15.74 -4.58
N LEU B 484 37.63 15.89 -5.79
CA LEU B 484 37.37 15.04 -6.93
C LEU B 484 38.69 14.41 -7.33
N ASP B 485 38.75 13.09 -7.25
CA ASP B 485 39.98 12.33 -7.49
C ASP B 485 39.62 10.92 -7.94
N PHE B 486 40.62 10.05 -8.06
CA PHE B 486 40.43 8.66 -8.49
C PHE B 486 41.26 7.68 -7.63
N ILE B 487 40.86 6.41 -7.64
CA ILE B 487 41.54 5.29 -7.00
C ILE B 487 41.71 4.21 -8.08
N ILE B 488 42.68 3.31 -7.91
CA ILE B 488 42.94 2.21 -8.84
C ILE B 488 42.28 0.93 -8.35
N LEU B 489 41.50 0.30 -9.24
CA LEU B 489 40.84 -0.98 -8.99
C LEU B 489 41.09 -1.87 -10.21
N ALA B 490 41.94 -2.91 -10.01
CA ALA B 490 42.38 -3.91 -11.01
C ALA B 490 43.01 -3.25 -12.24
N GLU B 491 44.06 -2.42 -12.02
CA GLU B 491 44.81 -1.68 -13.05
C GLU B 491 44.02 -0.61 -13.88
N THR B 492 42.85 -0.16 -13.36
CA THR B 492 42.00 0.87 -14.00
C THR B 492 41.70 2.03 -13.02
N LYS B 493 41.61 3.28 -13.54
CA LYS B 493 41.31 4.48 -12.77
C LYS B 493 39.81 4.59 -12.61
N PHE B 494 39.34 4.76 -11.37
CA PHE B 494 37.91 4.93 -11.08
C PHE B 494 37.74 6.15 -10.20
N TRP B 495 36.93 7.09 -10.67
CA TRP B 495 36.71 8.39 -10.05
C TRP B 495 35.74 8.39 -8.90
N TYR B 496 36.05 9.23 -7.92
CA TYR B 496 35.19 9.40 -6.76
C TYR B 496 35.15 10.86 -6.37
N GLN B 497 34.13 11.25 -5.64
CA GLN B 497 34.04 12.61 -5.12
C GLN B 497 33.75 12.54 -3.62
N MET B 498 34.22 13.52 -2.87
CA MET B 498 33.99 13.57 -1.44
C MET B 498 33.55 14.95 -1.03
N ILE B 499 32.45 15.04 -0.30
CA ILE B 499 32.01 16.30 0.27
C ILE B 499 32.58 16.30 1.70
N LEU B 500 33.64 17.10 1.92
CA LEU B 500 34.34 17.14 3.20
C LEU B 500 33.83 18.27 4.10
N PRO B 501 33.68 18.03 5.43
CA PRO B 501 33.21 19.10 6.34
C PRO B 501 34.10 20.37 6.37
N PRO B 502 33.56 21.58 6.71
CA PRO B 502 34.43 22.78 6.80
C PRO B 502 35.49 22.66 7.89
N HIS B 503 36.67 23.26 7.69
CA HIS B 503 37.80 23.18 8.62
C HIS B 503 38.24 21.71 8.74
N PHE B 504 38.27 21.01 7.58
CA PHE B 504 38.62 19.60 7.49
C PHE B 504 40.00 19.27 8.10
N ASP B 505 40.00 18.35 9.07
CA ASP B 505 41.19 17.88 9.80
C ASP B 505 41.50 16.43 9.43
N LYS B 506 42.54 16.22 8.62
CA LYS B 506 42.98 14.90 8.15
C LYS B 506 43.48 13.93 9.25
N SER B 507 43.80 14.44 10.47
CA SER B 507 44.28 13.65 11.63
C SER B 507 43.13 13.23 12.56
N LYS B 508 41.90 13.63 12.22
CA LYS B 508 40.68 13.31 12.96
C LYS B 508 39.90 12.32 12.13
N LYS B 509 39.14 11.44 12.80
CA LYS B 509 38.32 10.42 12.15
C LYS B 509 36.85 10.83 12.05
N TYR B 510 36.34 10.94 10.81
CA TYR B 510 34.99 11.38 10.50
C TYR B 510 34.09 10.23 10.07
N PRO B 511 32.78 10.25 10.44
CA PRO B 511 31.87 9.22 9.90
C PRO B 511 31.70 9.42 8.39
N LEU B 512 31.54 8.32 7.61
CA LEU B 512 31.37 8.41 6.16
C LEU B 512 30.04 7.87 5.66
N LEU B 513 29.34 8.67 4.85
CA LEU B 513 28.12 8.25 4.20
C LEU B 513 28.38 8.10 2.71
N LEU B 514 28.14 6.90 2.17
CA LEU B 514 28.33 6.65 0.74
C LEU B 514 27.01 6.92 0.01
N ASP B 515 27.03 7.92 -0.88
CA ASP B 515 25.86 8.31 -1.71
C ASP B 515 25.99 7.54 -3.04
N VAL B 516 25.06 6.64 -3.32
CA VAL B 516 25.10 5.74 -4.47
C VAL B 516 23.91 5.85 -5.45
N TYR B 517 24.23 5.60 -6.71
CA TYR B 517 23.29 5.44 -7.82
C TYR B 517 23.78 4.18 -8.53
N ALA B 518 24.93 4.25 -9.24
CA ALA B 518 25.62 3.14 -9.89
C ALA B 518 24.90 2.42 -11.03
N GLY B 519 23.83 3.00 -11.53
CA GLY B 519 23.11 2.46 -12.69
C GLY B 519 23.95 2.44 -13.96
N PRO B 520 23.54 1.71 -15.02
CA PRO B 520 24.34 1.71 -16.26
C PRO B 520 24.42 3.11 -16.88
N CYS B 521 25.64 3.54 -17.23
CA CYS B 521 25.96 4.84 -17.82
C CYS B 521 25.71 6.01 -16.84
N SER B 522 25.90 5.76 -15.55
CA SER B 522 25.74 6.81 -14.57
C SER B 522 27.08 7.50 -14.27
N GLN B 523 26.99 8.67 -13.66
CA GLN B 523 28.15 9.40 -13.21
C GLN B 523 27.76 10.17 -11.97
N LYS B 524 28.38 9.83 -10.85
CA LYS B 524 28.18 10.47 -9.56
C LYS B 524 29.38 11.33 -9.13
N ALA B 525 30.54 11.14 -9.79
CA ALA B 525 31.76 11.93 -9.52
C ALA B 525 31.89 12.92 -10.68
N ASP B 526 31.66 14.19 -10.39
CA ASP B 526 31.73 15.22 -11.43
C ASP B 526 32.16 16.56 -10.84
N THR B 527 32.28 17.60 -11.68
CA THR B 527 32.69 18.92 -11.22
C THR B 527 31.52 19.86 -10.95
N VAL B 528 30.28 19.36 -10.81
CA VAL B 528 29.16 20.29 -10.61
C VAL B 528 28.96 20.79 -9.15
N PHE B 529 28.59 22.07 -9.02
CA PHE B 529 28.33 22.70 -7.72
C PHE B 529 26.88 22.42 -7.29
N ARG B 530 26.70 21.85 -6.08
CA ARG B 530 25.35 21.53 -5.57
C ARG B 530 25.09 21.97 -4.15
N LEU B 531 23.86 22.43 -3.88
CA LEU B 531 23.35 22.74 -2.54
C LEU B 531 22.25 21.71 -2.28
N ASN B 532 22.64 20.68 -1.54
CA ASN B 532 21.73 19.57 -1.30
C ASN B 532 21.82 19.00 0.12
N TRP B 533 21.30 17.79 0.34
CA TRP B 533 21.31 17.12 1.64
C TRP B 533 22.75 16.87 2.13
N ALA B 534 23.65 16.42 1.21
CA ALA B 534 25.07 16.19 1.43
C ALA B 534 25.76 17.47 1.94
N THR B 535 25.36 18.66 1.42
CA THR B 535 25.91 19.96 1.84
C THR B 535 25.64 20.12 3.35
N TYR B 536 24.41 19.80 3.81
CA TYR B 536 24.02 19.86 5.22
C TYR B 536 24.77 18.80 6.05
N LEU B 537 24.85 17.56 5.56
CA LEU B 537 25.51 16.50 6.32
C LEU B 537 26.97 16.78 6.64
N ALA B 538 27.68 17.43 5.72
CA ALA B 538 29.08 17.79 5.90
C ALA B 538 29.24 19.12 6.68
N SER B 539 28.42 20.16 6.35
CA SER B 539 28.48 21.47 7.03
C SER B 539 28.01 21.47 8.49
N THR B 540 26.83 20.89 8.79
CA THR B 540 26.26 20.87 10.13
C THR B 540 26.62 19.62 10.92
N GLU B 541 26.51 18.42 10.31
CA GLU B 541 26.73 17.14 10.97
C GLU B 541 28.15 16.58 10.96
N ASN B 542 29.06 17.22 10.19
CA ASN B 542 30.48 16.88 10.02
C ASN B 542 30.71 15.44 9.54
N ILE B 543 29.92 15.04 8.55
CA ILE B 543 29.94 13.72 7.92
C ILE B 543 30.54 13.87 6.53
N ILE B 544 31.47 12.97 6.16
CA ILE B 544 32.01 12.95 4.80
C ILE B 544 30.98 12.22 3.95
N VAL B 545 30.48 12.87 2.89
CA VAL B 545 29.56 12.26 1.95
C VAL B 545 30.37 11.93 0.69
N ALA B 546 30.58 10.63 0.43
CA ALA B 546 31.34 10.16 -0.72
C ALA B 546 30.48 9.50 -1.81
N SER B 547 30.87 9.67 -3.07
CA SER B 547 30.24 9.05 -4.24
C SER B 547 31.35 8.43 -5.08
N PHE B 548 31.08 7.28 -5.70
CA PHE B 548 32.04 6.56 -6.49
C PHE B 548 31.45 6.06 -7.82
N ASP B 549 32.25 6.14 -8.89
CA ASP B 549 31.89 5.67 -10.22
C ASP B 549 32.72 4.45 -10.60
N GLY B 550 32.13 3.27 -10.43
CA GLY B 550 32.79 1.99 -10.72
C GLY B 550 32.38 1.39 -12.04
N ARG B 551 32.53 0.05 -12.17
CA ARG B 551 32.14 -0.66 -13.39
C ARG B 551 30.65 -0.44 -13.68
N GLY B 552 30.34 -0.17 -14.95
CA GLY B 552 29.00 0.17 -15.40
C GLY B 552 28.80 1.67 -15.55
N SER B 553 29.67 2.49 -14.92
CA SER B 553 29.57 3.95 -15.01
C SER B 553 29.90 4.41 -16.43
N GLY B 554 29.40 5.57 -16.81
CA GLY B 554 29.56 6.07 -18.16
C GLY B 554 30.63 7.11 -18.40
N TYR B 555 30.69 7.55 -19.66
CA TYR B 555 31.56 8.63 -20.17
C TYR B 555 33.06 8.31 -20.10
N GLN B 556 33.42 7.00 -19.96
CA GLN B 556 34.80 6.50 -19.84
C GLN B 556 35.07 5.32 -20.81
N GLY B 557 34.22 5.13 -21.81
CA GLY B 557 34.39 4.02 -22.75
C GLY B 557 33.57 2.80 -22.38
N ASP B 558 33.34 1.93 -23.38
CA ASP B 558 32.56 0.71 -23.25
C ASP B 558 33.20 -0.38 -22.40
N LYS B 559 34.54 -0.41 -22.26
CA LYS B 559 35.19 -1.42 -21.41
C LYS B 559 34.66 -1.30 -19.96
N ILE B 560 34.48 -0.06 -19.47
CA ILE B 560 33.92 0.25 -18.17
C ILE B 560 32.39 0.12 -18.18
N MET B 561 31.70 0.75 -19.16
CA MET B 561 30.23 0.74 -19.24
C MET B 561 29.60 -0.62 -19.44
N HIS B 562 30.11 -1.39 -20.41
CA HIS B 562 29.55 -2.71 -20.74
C HIS B 562 29.97 -3.86 -19.80
N ALA B 563 30.83 -3.58 -18.79
CA ALA B 563 31.29 -4.56 -17.80
C ALA B 563 30.13 -5.22 -17.04
N ILE B 564 29.02 -4.50 -16.93
CA ILE B 564 27.82 -4.91 -16.23
C ILE B 564 26.78 -5.60 -17.17
N ASN B 565 27.09 -5.75 -18.50
CA ASN B 565 26.16 -6.34 -19.50
C ASN B 565 25.65 -7.71 -19.11
N ARG B 566 24.30 -7.91 -19.10
CA ARG B 566 23.60 -9.16 -18.71
C ARG B 566 23.87 -9.55 -17.26
N ARG B 567 24.44 -8.66 -16.43
CA ARG B 567 24.85 -8.91 -15.05
C ARG B 567 24.62 -7.70 -14.12
N LEU B 568 23.38 -7.18 -14.06
CA LEU B 568 23.06 -6.07 -13.15
C LEU B 568 23.07 -6.59 -11.71
N GLY B 569 23.60 -5.80 -10.80
CA GLY B 569 23.69 -6.15 -9.39
C GLY B 569 24.87 -7.04 -9.03
N THR B 570 25.96 -6.98 -9.80
CA THR B 570 27.20 -7.73 -9.56
C THR B 570 28.34 -6.73 -9.34
N PHE B 571 29.04 -6.31 -10.42
CA PHE B 571 30.21 -5.42 -10.36
C PHE B 571 29.98 -4.03 -9.81
N GLU B 572 28.79 -3.44 -10.05
CA GLU B 572 28.50 -2.10 -9.53
C GLU B 572 28.26 -2.15 -8.01
N VAL B 573 27.80 -3.30 -7.48
CA VAL B 573 27.58 -3.53 -6.05
C VAL B 573 28.96 -3.76 -5.37
N GLU B 574 29.76 -4.72 -5.91
CA GLU B 574 31.11 -5.07 -5.48
C GLU B 574 32.02 -3.84 -5.42
N ASP B 575 31.97 -2.99 -6.46
CA ASP B 575 32.77 -1.78 -6.60
C ASP B 575 32.44 -0.70 -5.57
N GLN B 576 31.19 -0.63 -5.10
CA GLN B 576 30.77 0.27 -4.02
C GLN B 576 31.34 -0.24 -2.69
N ILE B 577 31.35 -1.57 -2.49
CA ILE B 577 31.95 -2.21 -1.31
C ILE B 577 33.48 -1.93 -1.26
N GLU B 578 34.18 -2.13 -2.40
CA GLU B 578 35.62 -1.90 -2.51
C GLU B 578 36.00 -0.42 -2.32
N ALA B 579 35.16 0.54 -2.82
CA ALA B 579 35.38 1.98 -2.68
C ALA B 579 35.37 2.37 -1.22
N ALA B 580 34.36 1.88 -0.46
CA ALA B 580 34.22 2.09 0.96
C ALA B 580 35.38 1.47 1.74
N ARG B 581 35.84 0.25 1.34
CA ARG B 581 37.02 -0.40 1.95
C ARG B 581 38.26 0.48 1.76
N GLN B 582 38.39 1.10 0.57
CA GLN B 582 39.52 1.98 0.26
C GLN B 582 39.40 3.34 0.95
N PHE B 583 38.17 3.84 1.18
CA PHE B 583 37.98 5.11 1.90
C PHE B 583 38.25 4.89 3.36
N SER B 584 37.99 3.66 3.86
CA SER B 584 38.24 3.23 5.24
C SER B 584 39.74 3.23 5.53
N LYS B 585 40.58 2.83 4.53
CA LYS B 585 42.04 2.80 4.67
C LYS B 585 42.56 4.20 4.89
N MET B 586 42.02 5.22 4.18
CA MET B 586 42.38 6.62 4.37
C MET B 586 42.16 6.90 5.88
N GLY B 587 43.13 7.52 6.53
CA GLY B 587 43.12 7.73 7.98
C GLY B 587 42.22 8.79 8.57
N PHE B 588 41.29 9.35 7.77
CA PHE B 588 40.35 10.37 8.24
C PHE B 588 38.89 9.84 8.33
N VAL B 589 38.72 8.54 8.13
CA VAL B 589 37.41 7.90 8.17
C VAL B 589 37.32 6.97 9.34
N ASP B 590 36.21 7.08 10.13
CA ASP B 590 35.93 6.18 11.24
C ASP B 590 35.30 4.94 10.60
N ASN B 591 36.05 3.82 10.62
CA ASN B 591 35.68 2.52 10.04
C ASN B 591 34.46 1.88 10.71
N LYS B 592 34.08 2.36 11.92
CA LYS B 592 32.92 1.89 12.68
C LYS B 592 31.65 2.68 12.32
N ARG B 593 31.80 3.81 11.59
CA ARG B 593 30.66 4.64 11.19
C ARG B 593 30.63 4.88 9.71
N ILE B 594 30.34 3.81 8.95
CA ILE B 594 30.20 3.89 7.49
C ILE B 594 28.78 3.50 7.13
N ALA B 595 28.03 4.44 6.53
CA ALA B 595 26.66 4.21 6.09
C ALA B 595 26.54 4.36 4.55
N ILE B 596 25.46 3.88 3.99
CA ILE B 596 25.22 3.91 2.54
C ILE B 596 23.76 4.28 2.29
N TRP B 597 23.49 5.05 1.25
CA TRP B 597 22.10 5.37 0.89
C TRP B 597 22.00 5.59 -0.59
N GLY B 598 20.80 5.43 -1.11
CA GLY B 598 20.53 5.67 -2.52
C GLY B 598 19.05 5.64 -2.81
N TRP B 599 18.68 6.31 -3.91
CA TRP B 599 17.34 6.47 -4.45
C TRP B 599 17.26 5.73 -5.82
N SER B 600 16.16 4.98 -6.09
CA SER B 600 15.90 4.24 -7.36
C SER B 600 16.89 3.13 -7.57
N TYR B 601 17.72 3.23 -8.63
CA TYR B 601 18.79 2.25 -8.86
C TYR B 601 19.72 2.30 -7.63
N GLY B 602 19.92 3.48 -7.06
CA GLY B 602 20.73 3.68 -5.85
C GLY B 602 20.23 2.90 -4.65
N GLY B 603 18.89 2.78 -4.56
CA GLY B 603 18.17 2.02 -3.54
C GLY B 603 18.37 0.54 -3.73
N TYR B 604 18.36 0.06 -4.99
CA TYR B 604 18.66 -1.32 -5.34
C TYR B 604 20.09 -1.67 -4.93
N VAL B 605 21.09 -0.83 -5.30
CA VAL B 605 22.51 -1.05 -4.95
C VAL B 605 22.73 -1.02 -3.42
N THR B 606 22.16 -0.02 -2.71
CA THR B 606 22.23 0.09 -1.24
C THR B 606 21.74 -1.22 -0.58
N SER B 607 20.57 -1.71 -1.03
CA SER B 607 19.97 -2.95 -0.51
C SER B 607 20.85 -4.15 -0.82
N MET B 608 21.40 -4.23 -2.03
CA MET B 608 22.33 -5.31 -2.43
C MET B 608 23.64 -5.28 -1.65
N VAL B 609 24.17 -4.08 -1.36
CA VAL B 609 25.38 -3.89 -0.56
C VAL B 609 25.09 -4.29 0.89
N LEU B 610 23.93 -3.87 1.45
CA LEU B 610 23.54 -4.23 2.82
C LEU B 610 23.31 -5.73 3.04
N GLY B 611 22.85 -6.44 2.00
CA GLY B 611 22.63 -7.88 2.02
C GLY B 611 23.82 -8.70 1.54
N SER B 612 24.97 -8.06 1.30
CA SER B 612 26.17 -8.75 0.82
C SER B 612 26.96 -9.46 1.93
N GLY B 613 26.77 -9.02 3.19
CA GLY B 613 27.49 -9.54 4.34
C GLY B 613 28.96 -9.18 4.35
N SER B 614 29.31 -7.96 3.93
CA SER B 614 30.69 -7.46 3.86
C SER B 614 31.20 -7.01 5.22
N GLY B 615 30.28 -6.57 6.07
CA GLY B 615 30.59 -6.09 7.42
C GLY B 615 31.17 -4.70 7.46
N VAL B 616 31.30 -4.05 6.27
CA VAL B 616 31.83 -2.70 6.07
C VAL B 616 30.84 -1.66 6.58
N PHE B 617 29.56 -1.84 6.24
CA PHE B 617 28.52 -0.87 6.57
C PHE B 617 27.73 -1.18 7.82
N LYS B 618 27.55 -0.14 8.64
CA LYS B 618 26.77 -0.17 9.88
C LYS B 618 25.28 -0.05 9.51
N CYS B 619 24.92 0.93 8.66
CA CYS B 619 23.54 1.17 8.27
C CYS B 619 23.38 1.62 6.82
N GLY B 620 22.14 1.77 6.39
CA GLY B 620 21.82 2.17 5.04
C GLY B 620 20.37 2.53 4.84
N ILE B 621 20.11 3.41 3.87
CA ILE B 621 18.76 3.85 3.53
C ILE B 621 18.46 3.58 2.07
N ALA B 622 17.38 2.85 1.75
CA ALA B 622 17.02 2.63 0.36
C ALA B 622 15.69 3.30 0.11
N VAL B 623 15.68 4.29 -0.81
CA VAL B 623 14.47 5.04 -1.20
C VAL B 623 14.01 4.54 -2.57
N ALA B 624 12.72 4.14 -2.66
CA ALA B 624 12.07 3.60 -3.86
C ALA B 624 13.00 2.62 -4.62
N PRO B 625 13.56 1.58 -3.96
CA PRO B 625 14.44 0.68 -4.69
C PRO B 625 13.77 -0.29 -5.63
N VAL B 626 14.52 -0.73 -6.66
CA VAL B 626 14.17 -1.88 -7.49
C VAL B 626 14.61 -3.06 -6.55
N SER B 627 13.89 -4.19 -6.54
CA SER B 627 14.26 -5.34 -5.69
C SER B 627 14.52 -6.62 -6.51
N ARG B 628 13.87 -6.73 -7.67
CA ARG B 628 13.90 -7.85 -8.62
C ARG B 628 13.67 -7.24 -10.01
N TRP B 629 14.51 -7.59 -10.99
CA TRP B 629 14.43 -7.03 -12.33
C TRP B 629 13.17 -7.35 -13.13
N GLU B 630 12.47 -8.44 -12.78
CA GLU B 630 11.19 -8.84 -13.39
C GLU B 630 10.06 -7.87 -13.05
N TYR B 631 10.21 -7.05 -11.99
CA TYR B 631 9.18 -6.08 -11.63
C TYR B 631 9.33 -4.75 -12.37
N TYR B 632 10.51 -4.52 -12.97
CA TYR B 632 10.79 -3.29 -13.69
C TYR B 632 10.43 -3.40 -15.18
N ASP B 633 10.21 -2.26 -15.87
CA ASP B 633 9.78 -2.28 -17.27
C ASP B 633 10.72 -2.99 -18.25
N SER B 634 10.14 -3.56 -19.28
CA SER B 634 10.80 -4.34 -20.32
C SER B 634 11.89 -3.53 -21.07
N VAL B 635 11.60 -2.30 -21.53
CA VAL B 635 12.55 -1.50 -22.32
C VAL B 635 13.91 -1.25 -21.63
N TYR B 636 13.86 -0.74 -20.40
CA TYR B 636 15.08 -0.48 -19.64
C TYR B 636 15.77 -1.77 -19.23
N THR B 637 15.04 -2.70 -18.59
CA THR B 637 15.58 -3.97 -18.06
C THR B 637 16.24 -4.85 -19.12
N GLU B 638 15.53 -5.13 -20.23
CA GLU B 638 16.01 -6.00 -21.32
C GLU B 638 17.20 -5.44 -22.07
N ARG B 639 17.39 -4.11 -22.00
CA ARG B 639 18.53 -3.42 -22.60
C ARG B 639 19.81 -3.97 -21.95
N TYR B 640 19.80 -4.16 -20.62
CA TYR B 640 20.96 -4.63 -19.85
C TYR B 640 20.91 -6.08 -19.41
N MET B 641 19.73 -6.68 -19.30
CA MET B 641 19.59 -8.04 -18.78
C MET B 641 19.14 -9.12 -19.74
N GLY B 642 18.73 -8.77 -20.95
CA GLY B 642 18.15 -9.74 -21.88
C GLY B 642 16.76 -10.12 -21.39
N LEU B 643 16.23 -11.27 -21.82
CA LEU B 643 14.90 -11.71 -21.40
C LEU B 643 14.97 -12.63 -20.19
N PRO B 644 13.97 -12.58 -19.27
CA PRO B 644 13.99 -13.50 -18.13
C PRO B 644 13.36 -14.85 -18.49
N THR B 645 14.00 -15.59 -19.44
CA THR B 645 13.63 -16.93 -19.92
C THR B 645 14.83 -17.89 -19.80
N PRO B 646 14.63 -19.23 -19.66
CA PRO B 646 15.78 -20.15 -19.54
C PRO B 646 16.69 -20.20 -20.78
N GLU B 647 16.12 -19.90 -21.96
CA GLU B 647 16.81 -19.81 -23.26
C GLU B 647 17.65 -18.52 -23.31
N ASP B 648 17.34 -17.54 -22.43
CA ASP B 648 18.06 -16.26 -22.37
C ASP B 648 18.84 -16.00 -21.07
N ASN B 649 18.27 -15.25 -20.10
CA ASN B 649 19.03 -14.85 -18.91
C ASN B 649 18.27 -14.97 -17.57
N LEU B 650 17.30 -15.90 -17.48
CA LEU B 650 16.54 -16.12 -16.25
C LEU B 650 17.40 -16.39 -15.01
N ASP B 651 18.48 -17.18 -15.13
CA ASP B 651 19.34 -17.48 -14.00
C ASP B 651 19.94 -16.23 -13.33
N HIS B 652 20.30 -15.19 -14.12
CA HIS B 652 20.81 -13.97 -13.51
C HIS B 652 19.71 -13.06 -12.93
N TYR B 653 18.53 -13.07 -13.55
CA TYR B 653 17.38 -12.34 -12.99
C TYR B 653 17.06 -12.87 -11.59
N ARG B 654 17.13 -14.19 -11.40
CA ARG B 654 16.84 -14.92 -10.15
C ARG B 654 17.92 -14.73 -9.05
N ASN B 655 19.20 -14.63 -9.45
CA ASN B 655 20.39 -14.46 -8.61
C ASN B 655 20.63 -12.98 -8.19
N SER B 656 20.03 -12.01 -8.89
CA SER B 656 20.24 -10.58 -8.63
C SER B 656 19.13 -9.84 -7.85
N THR B 657 18.34 -10.57 -7.06
CA THR B 657 17.26 -9.98 -6.26
C THR B 657 17.73 -9.58 -4.84
N VAL B 658 17.06 -8.56 -4.26
CA VAL B 658 17.31 -8.12 -2.88
C VAL B 658 16.77 -9.19 -1.88
N MET B 659 15.57 -9.75 -2.17
CA MET B 659 14.90 -10.77 -1.33
C MET B 659 15.80 -11.97 -0.99
N SER B 660 16.60 -12.47 -1.96
CA SER B 660 17.49 -13.62 -1.79
C SER B 660 18.62 -13.39 -0.77
N ARG B 661 18.95 -12.12 -0.48
CA ARG B 661 19.99 -11.76 0.48
C ARG B 661 19.43 -11.40 1.87
N ALA B 662 18.09 -11.56 2.08
CA ALA B 662 17.39 -11.20 3.32
C ALA B 662 18.10 -11.57 4.66
N GLU B 663 18.72 -12.77 4.73
CA GLU B 663 19.45 -13.26 5.92
C GLU B 663 20.57 -12.31 6.39
N ASN B 664 21.34 -11.73 5.44
CA ASN B 664 22.47 -10.84 5.73
C ASN B 664 22.11 -9.47 6.31
N PHE B 665 20.82 -9.11 6.28
CA PHE B 665 20.34 -7.85 6.84
C PHE B 665 20.32 -7.81 8.37
N LYS B 666 20.55 -8.98 9.06
CA LYS B 666 20.61 -9.09 10.53
C LYS B 666 21.85 -8.32 11.07
N GLN B 667 22.84 -8.19 10.21
CA GLN B 667 24.14 -7.55 10.47
C GLN B 667 24.08 -6.01 10.38
N VAL B 668 22.95 -5.42 9.91
CA VAL B 668 22.85 -3.97 9.63
C VAL B 668 21.54 -3.30 10.11
N GLU B 669 21.54 -1.94 10.18
CA GLU B 669 20.35 -1.13 10.45
C GLU B 669 19.89 -0.70 9.08
N TYR B 670 18.64 -1.00 8.72
CA TYR B 670 18.08 -0.72 7.40
C TYR B 670 16.83 0.11 7.48
N LEU B 671 16.74 1.21 6.68
CA LEU B 671 15.55 2.08 6.54
C LEU B 671 15.06 1.97 5.10
N LEU B 672 13.85 1.45 4.91
CA LEU B 672 13.25 1.22 3.61
C LEU B 672 12.13 2.20 3.35
N ILE B 673 12.24 3.00 2.29
CA ILE B 673 11.22 4.01 1.99
C ILE B 673 10.68 3.86 0.59
N HIS B 674 9.36 4.04 0.42
CA HIS B 674 8.68 3.97 -0.89
C HIS B 674 7.36 4.72 -0.87
N GLY B 675 7.07 5.40 -1.97
CA GLY B 675 5.80 6.11 -2.20
C GLY B 675 4.81 5.09 -2.73
N THR B 676 3.56 5.17 -2.23
CA THR B 676 2.49 4.23 -2.64
C THR B 676 1.97 4.37 -4.09
N ALA B 677 2.02 5.59 -4.68
CA ALA B 677 1.57 5.85 -6.05
C ALA B 677 2.74 5.89 -7.04
N ASP B 678 3.81 5.15 -6.75
CA ASP B 678 4.98 5.11 -7.63
C ASP B 678 4.64 4.27 -8.88
N ASP B 679 4.39 4.95 -10.02
CA ASP B 679 4.02 4.36 -11.31
C ASP B 679 5.25 3.79 -12.05
N ASN B 680 6.44 4.13 -11.57
CA ASN B 680 7.72 3.77 -12.19
C ASN B 680 8.33 2.52 -11.55
N VAL B 681 8.77 2.66 -10.27
CA VAL B 681 9.29 1.56 -9.47
C VAL B 681 8.15 1.30 -8.51
N HIS B 682 7.29 0.35 -8.86
CA HIS B 682 6.06 0.07 -8.11
C HIS B 682 6.32 -0.26 -6.64
N PHE B 683 5.41 0.20 -5.78
CA PHE B 683 5.47 -0.06 -4.33
C PHE B 683 5.73 -1.58 -4.06
N GLN B 684 5.19 -2.45 -4.94
CA GLN B 684 5.35 -3.91 -5.01
C GLN B 684 6.80 -4.31 -4.77
N GLN B 685 7.76 -3.54 -5.33
CA GLN B 685 9.22 -3.80 -5.19
C GLN B 685 9.66 -3.78 -3.73
N SER B 686 9.27 -2.77 -2.94
CA SER B 686 9.53 -2.66 -1.49
C SER B 686 8.61 -3.57 -0.63
N ALA B 687 7.39 -3.82 -1.11
CA ALA B 687 6.44 -4.70 -0.44
C ALA B 687 7.07 -6.11 -0.40
N GLN B 688 7.82 -6.49 -1.45
CA GLN B 688 8.49 -7.81 -1.52
C GLN B 688 9.75 -7.87 -0.68
N ILE B 689 10.49 -6.75 -0.52
CA ILE B 689 11.67 -6.71 0.33
C ILE B 689 11.21 -6.88 1.78
N SER B 690 10.25 -6.05 2.23
CA SER B 690 9.75 -6.10 3.61
C SER B 690 9.25 -7.49 3.96
N LYS B 691 8.47 -8.12 3.04
CA LYS B 691 7.95 -9.46 3.27
C LYS B 691 9.09 -10.49 3.41
N ALA B 692 10.17 -10.39 2.58
CA ALA B 692 11.29 -11.31 2.72
C ALA B 692 12.08 -11.11 4.03
N LEU B 693 12.12 -9.86 4.52
CA LEU B 693 12.83 -9.53 5.78
C LEU B 693 12.06 -10.04 6.98
N VAL B 694 10.73 -9.95 6.91
CA VAL B 694 9.83 -10.45 7.97
C VAL B 694 9.89 -12.01 8.01
N ASP B 695 9.92 -12.66 6.82
CA ASP B 695 9.96 -14.12 6.68
C ASP B 695 11.24 -14.74 7.26
N VAL B 696 12.26 -13.91 7.47
CA VAL B 696 13.55 -14.32 7.98
C VAL B 696 13.86 -13.76 9.39
N GLY B 697 12.90 -13.06 9.99
CA GLY B 697 13.02 -12.49 11.34
C GLY B 697 14.00 -11.34 11.47
N VAL B 698 14.15 -10.50 10.42
CA VAL B 698 15.06 -9.34 10.45
C VAL B 698 14.29 -8.08 10.85
N ASP B 699 14.73 -7.36 11.90
CA ASP B 699 14.06 -6.10 12.24
C ASP B 699 14.69 -5.05 11.36
N PHE B 700 13.90 -4.10 10.90
CA PHE B 700 14.31 -3.02 10.01
C PHE B 700 13.34 -1.86 10.24
N GLN B 701 13.60 -0.72 9.59
CA GLN B 701 12.78 0.49 9.68
C GLN B 701 12.12 0.71 8.31
N ALA B 702 10.87 1.13 8.28
CA ALA B 702 10.11 1.38 7.04
C ALA B 702 9.39 2.70 7.09
N MET B 703 9.09 3.24 5.91
CA MET B 703 8.28 4.45 5.77
C MET B 703 7.61 4.42 4.41
N TRP B 704 6.26 4.51 4.40
CA TRP B 704 5.53 4.63 3.14
C TRP B 704 5.13 6.12 3.02
N TYR B 705 5.01 6.62 1.79
CA TYR B 705 4.50 7.99 1.57
C TYR B 705 3.25 7.87 0.71
N THR B 706 2.08 8.05 1.34
CA THR B 706 0.75 7.93 0.72
C THR B 706 0.65 8.86 -0.47
N ASP B 707 0.30 8.31 -1.67
CA ASP B 707 0.09 9.06 -2.93
C ASP B 707 1.32 9.77 -3.51
N GLU B 708 2.50 9.44 -3.01
CA GLU B 708 3.71 10.01 -3.57
C GLU B 708 4.22 9.08 -4.65
N ASP B 709 4.80 9.65 -5.70
CA ASP B 709 5.37 8.87 -6.81
C ASP B 709 6.87 8.68 -6.59
N HIS B 710 7.60 8.32 -7.66
CA HIS B 710 9.04 8.10 -7.64
C HIS B 710 9.92 9.23 -7.07
N GLY B 711 9.53 10.46 -7.35
CA GLY B 711 10.24 11.63 -6.89
C GLY B 711 10.03 11.98 -5.43
N ILE B 712 8.87 11.60 -4.80
CA ILE B 712 8.49 11.98 -3.41
C ILE B 712 8.73 13.51 -3.33
N ALA B 713 8.24 14.18 -4.41
CA ALA B 713 8.46 15.59 -4.78
C ALA B 713 7.55 16.63 -4.19
N SER B 714 6.41 16.22 -3.61
CA SER B 714 5.46 17.14 -2.95
C SER B 714 6.21 17.86 -1.83
N SER B 715 6.09 19.18 -1.76
CA SER B 715 6.80 20.00 -0.76
C SER B 715 6.86 19.36 0.67
N THR B 716 5.68 19.02 1.26
CA THR B 716 5.60 18.43 2.59
C THR B 716 6.29 17.05 2.69
N ALA B 717 6.17 16.20 1.64
CA ALA B 717 6.78 14.88 1.58
C ALA B 717 8.27 14.94 1.47
N HIS B 718 8.81 15.85 0.59
CA HIS B 718 10.26 16.08 0.40
C HIS B 718 10.91 16.48 1.73
N GLN B 719 10.29 17.41 2.46
CA GLN B 719 10.77 17.86 3.76
C GLN B 719 10.72 16.73 4.78
N HIS B 720 9.62 15.94 4.82
CA HIS B 720 9.44 14.86 5.77
C HIS B 720 10.46 13.72 5.56
N ILE B 721 10.66 13.29 4.32
CA ILE B 721 11.62 12.23 3.99
C ILE B 721 13.04 12.60 4.40
N TYR B 722 13.50 13.81 4.06
CA TYR B 722 14.83 14.26 4.42
C TYR B 722 15.01 14.43 5.93
N THR B 723 13.96 14.90 6.61
CA THR B 723 13.96 15.03 8.07
C THR B 723 14.05 13.62 8.71
N HIS B 724 13.29 12.65 8.18
CA HIS B 724 13.26 11.26 8.67
C HIS B 724 14.61 10.55 8.49
N MET B 725 15.23 10.70 7.29
CA MET B 725 16.53 10.11 6.97
C MET B 725 17.64 10.74 7.79
N SER B 726 17.51 12.06 8.12
CA SER B 726 18.54 12.76 8.93
C SER B 726 18.56 12.23 10.33
N HIS B 727 17.38 12.01 10.96
CA HIS B 727 17.26 11.41 12.28
C HIS B 727 17.88 10.02 12.29
N PHE B 728 17.61 9.22 11.23
CA PHE B 728 18.12 7.85 11.09
C PHE B 728 19.67 7.81 11.03
N ILE B 729 20.27 8.65 10.18
CA ILE B 729 21.72 8.77 9.99
C ILE B 729 22.40 9.19 11.31
N LYS B 730 21.81 10.18 12.02
CA LYS B 730 22.31 10.75 13.27
C LYS B 730 22.36 9.74 14.39
N GLN B 731 21.27 8.93 14.57
CA GLN B 731 21.22 7.90 15.61
C GLN B 731 22.20 6.75 15.29
N CYS B 732 22.31 6.39 13.99
CA CYS B 732 23.22 5.35 13.52
C CYS B 732 24.70 5.79 13.76
N PHE B 733 25.02 7.11 13.61
CA PHE B 733 26.35 7.67 13.85
C PHE B 733 26.56 8.22 15.27
N SER B 734 25.57 8.05 16.17
CA SER B 734 25.58 8.53 17.55
C SER B 734 25.81 10.07 17.64
N LEU B 735 25.10 10.83 16.77
CA LEU B 735 25.13 12.30 16.69
C LEU B 735 23.92 12.94 17.41
N PRO B 736 24.09 14.06 18.16
CA PRO B 736 22.93 14.64 18.87
C PRO B 736 22.12 15.62 18.02
#